data_2BR3
#
_entry.id   2BR3
#
_cell.length_a   77.877
_cell.length_b   145.515
_cell.length_c   162.154
_cell.angle_alpha   90.00
_cell.angle_beta   90.00
_cell.angle_gamma   90.00
#
_symmetry.space_group_name_H-M   'P 21 21 21'
#
loop_
_entity.id
_entity.type
_entity.pdbx_description
1 polymer 'CEPHALOSPORIN HYDROXYLASE CMCI'
2 non-polymer 'POLYETHYLENE GLYCOL (N=34)'
3 non-polymer DI(HYDROXYETHYL)ETHER
4 non-polymer 'MAGNESIUM ION'
5 water water
#
_entity_poly.entity_id   1
_entity_poly.type   'polypeptide(L)'
_entity_poly.pdbx_seq_one_letter_code
;MNDYSRQNFLDLNLFRGLGEDPAYHPPVLTDRPRDWPLDRWAEAPRDLGYSDFSPYQWRGLRMLKDPDTQAVYHDMLWEL
RPRTIVELGVYNGGSLAWFRDLTKIMGIDCQVIGIDRDLSRCQIPASDMENITLHQGDCSDLTTFEHLREMAHPLIFIDD
AHANTFNIMKWAVDHLLEEGDYFIIEDMIPYWYRYAPQLFSEYLGAFRDVLSMDMLYANASSQLDRGVLRRVAAKQ
;
_entity_poly.pdbx_strand_id   A,B,C,D,E,F
#
# COMPACT_ATOMS: atom_id res chain seq x y z
N ASN A 2 0.86 17.17 -39.57
CA ASN A 2 1.89 16.20 -40.04
C ASN A 2 3.30 16.65 -39.67
N ASP A 3 3.45 17.19 -38.46
CA ASP A 3 4.65 17.91 -38.04
C ASP A 3 5.92 17.05 -37.95
N TYR A 4 5.77 15.73 -37.97
CA TYR A 4 6.91 14.83 -37.75
C TYR A 4 7.95 14.93 -38.87
N SER A 5 7.47 15.20 -40.08
CA SER A 5 8.32 15.24 -41.27
C SER A 5 9.24 16.47 -41.30
N ARG A 6 8.85 17.53 -40.59
CA ARG A 6 9.69 18.72 -40.51
C ARG A 6 10.10 19.05 -39.07
N GLN A 7 10.62 18.04 -38.37
CA GLN A 7 11.13 18.23 -37.02
C GLN A 7 12.56 17.73 -36.86
N ASN A 8 13.33 18.46 -36.06
CA ASN A 8 14.66 18.04 -35.61
C ASN A 8 14.47 17.32 -34.28
N PHE A 9 14.84 16.05 -34.21
CA PHE A 9 14.63 15.20 -33.03
C PHE A 9 15.89 15.08 -32.18
N LEU A 10 15.96 15.86 -31.10
CA LEU A 10 17.04 15.73 -30.12
C LEU A 10 16.97 14.36 -29.46
N ASP A 11 18.10 13.85 -28.97
CA ASP A 11 18.10 12.61 -28.21
C ASP A 11 17.64 12.90 -26.79
N LEU A 12 16.51 12.30 -26.42
CA LEU A 12 15.94 12.51 -25.09
C LEU A 12 16.81 11.91 -23.98
N ASN A 13 17.58 10.88 -24.31
CA ASN A 13 18.51 10.24 -23.36
C ASN A 13 19.49 11.20 -22.73
N LEU A 14 19.85 12.29 -23.43
CA LEU A 14 20.71 13.34 -22.88
C LEU A 14 20.09 14.02 -21.65
N PHE A 15 18.77 13.88 -21.51
CA PHE A 15 18.03 14.45 -20.39
C PHE A 15 17.78 13.48 -19.25
N ARG A 16 18.47 12.35 -19.23
CA ARG A 16 18.12 11.33 -18.27
C ARG A 16 18.56 11.64 -16.87
N GLY A 17 17.57 11.76 -16.01
CA GLY A 17 17.77 12.04 -14.61
C GLY A 17 18.18 13.48 -14.35
N LEU A 18 18.04 14.35 -15.38
CA LEU A 18 18.49 15.74 -15.34
C LEU A 18 17.40 16.71 -15.71
N GLY A 19 16.76 16.50 -16.87
CA GLY A 19 15.74 17.38 -17.39
C GLY A 19 16.14 18.10 -18.68
N GLU A 20 15.20 18.90 -19.18
CA GLU A 20 15.34 19.59 -20.48
C GLU A 20 16.13 20.88 -20.39
N ASP A 21 16.12 21.52 -19.23
CA ASP A 21 16.66 22.89 -19.09
C ASP A 21 17.49 22.97 -17.80
N PRO A 22 18.77 23.31 -17.92
CA PRO A 22 19.62 23.51 -16.73
C PRO A 22 19.11 24.64 -15.83
N ALA A 23 18.44 25.61 -16.42
CA ALA A 23 17.99 26.81 -15.72
C ALA A 23 16.71 26.50 -14.98
N TYR A 24 16.54 27.13 -13.83
CA TYR A 24 15.33 26.97 -13.05
C TYR A 24 14.20 27.81 -13.62
N HIS A 25 13.00 27.26 -13.57
CA HIS A 25 11.76 27.99 -13.84
C HIS A 25 10.75 27.46 -12.83
N PRO A 26 10.03 28.35 -12.15
CA PRO A 26 9.03 27.91 -11.17
C PRO A 26 7.95 27.01 -11.78
N PRO A 27 7.45 26.05 -11.02
CA PRO A 27 6.33 25.23 -11.49
C PRO A 27 5.12 26.09 -11.78
N VAL A 28 4.21 25.54 -12.57
CA VAL A 28 3.07 26.28 -13.10
C VAL A 28 1.82 25.38 -13.15
N LEU A 29 0.69 25.98 -12.77
CA LEU A 29 -0.59 25.29 -12.71
C LEU A 29 -1.29 25.41 -14.07
N THR A 30 -2.00 24.35 -14.46
CA THR A 30 -2.65 24.26 -15.76
C THR A 30 -4.16 23.97 -15.66
N ASP A 31 -4.53 23.16 -14.66
CA ASP A 31 -5.91 22.69 -14.48
C ASP A 31 -6.58 23.25 -13.21
N ARG A 32 -6.12 24.41 -12.74
CA ARG A 32 -6.75 25.07 -11.58
C ARG A 32 -6.19 26.46 -11.30
N PRO A 33 -6.97 27.27 -10.59
CA PRO A 33 -6.47 28.58 -10.16
C PRO A 33 -5.45 28.40 -9.05
N ARG A 34 -4.52 29.35 -8.98
CA ARG A 34 -3.55 29.39 -7.90
C ARG A 34 -4.27 29.87 -6.64
N ASP A 35 -5.24 30.77 -6.82
CA ASP A 35 -5.99 31.34 -5.70
C ASP A 35 -7.35 30.65 -5.51
N TRP A 36 -7.34 29.51 -4.84
CA TRP A 36 -8.57 28.75 -4.61
C TRP A 36 -9.46 29.50 -3.62
N PRO A 37 -10.73 29.70 -3.96
CA PRO A 37 -11.66 30.38 -3.06
C PRO A 37 -12.02 29.52 -1.85
N LEU A 38 -11.97 30.12 -0.66
CA LEU A 38 -12.17 29.42 0.60
C LEU A 38 -13.62 28.98 0.84
N ASP A 39 -14.57 29.53 0.08
CA ASP A 39 -15.97 29.08 0.19
C ASP A 39 -16.20 27.71 -0.47
N ARG A 40 -15.27 27.26 -1.29
CA ARG A 40 -15.27 25.90 -1.83
C ARG A 40 -13.99 25.17 -1.43
N TRP A 41 -13.52 25.40 -0.20
CA TRP A 41 -12.24 24.86 0.26
C TRP A 41 -12.14 23.33 0.11
N ALA A 42 -13.20 22.62 0.50
CA ALA A 42 -13.20 21.16 0.52
C ALA A 42 -13.21 20.54 -0.89
N GLU A 43 -13.72 21.28 -1.86
CA GLU A 43 -13.83 20.78 -3.23
C GLU A 43 -12.45 20.82 -3.90
N ALA A 44 -11.53 21.59 -3.33
CA ALA A 44 -10.20 21.77 -3.91
C ALA A 44 -9.45 20.45 -4.08
N PRO A 45 -8.64 20.34 -5.13
CA PRO A 45 -7.86 19.13 -5.36
C PRO A 45 -6.82 18.91 -4.28
N ARG A 46 -6.48 17.65 -4.04
CA ARG A 46 -5.47 17.25 -3.06
C ARG A 46 -4.14 16.88 -3.68
N ASP A 47 -4.03 16.93 -5.00
CA ASP A 47 -2.78 16.48 -5.63
C ASP A 47 -1.90 17.66 -6.00
N LEU A 48 -0.60 17.39 -6.12
CA LEU A 48 0.41 18.45 -6.23
C LEU A 48 0.14 19.53 -7.30
N GLY A 49 -0.40 19.13 -8.45
CA GLY A 49 -0.71 20.04 -9.55
C GLY A 49 0.37 20.26 -10.62
N TYR A 50 1.51 19.58 -10.50
CA TYR A 50 2.56 19.63 -11.52
C TYR A 50 3.49 18.39 -11.41
N SER A 51 4.39 18.20 -12.38
CA SER A 51 5.34 17.10 -12.29
C SER A 51 6.16 17.10 -10.98
N ASP A 52 6.19 15.96 -10.28
CA ASP A 52 6.98 15.85 -9.04
C ASP A 52 8.40 15.23 -9.24
N PHE A 53 8.87 15.18 -10.49
CA PHE A 53 10.21 14.63 -10.80
C PHE A 53 11.36 15.43 -10.11
N SER A 54 11.64 16.66 -10.52
CA SER A 54 12.66 17.42 -9.80
C SER A 54 12.35 18.90 -9.72
N PRO A 55 11.41 19.27 -8.86
CA PRO A 55 10.99 20.65 -8.74
C PRO A 55 11.70 21.36 -7.58
N TYR A 56 13.00 21.18 -7.41
CA TYR A 56 13.69 21.75 -6.24
C TYR A 56 14.72 22.81 -6.64
N GLN A 57 14.90 23.82 -5.79
CA GLN A 57 15.86 24.89 -6.07
C GLN A 57 16.62 25.41 -4.84
N TRP A 58 17.76 26.03 -5.11
CA TRP A 58 18.44 26.87 -4.15
C TRP A 58 18.71 28.22 -4.80
N ARG A 59 18.05 29.27 -4.33
CA ARG A 59 18.28 30.63 -4.82
C ARG A 59 18.24 30.75 -6.34
N GLY A 60 17.19 30.22 -6.95
CA GLY A 60 16.98 30.34 -8.39
C GLY A 60 17.90 29.47 -9.23
N LEU A 61 18.47 28.46 -8.61
CA LEU A 61 19.23 27.43 -9.29
C LEU A 61 18.52 26.10 -9.09
N ARG A 62 18.55 25.21 -10.06
CA ARG A 62 17.94 23.91 -9.87
C ARG A 62 18.79 23.09 -8.93
N MET A 63 18.14 22.31 -8.07
CA MET A 63 18.78 21.33 -7.19
C MET A 63 18.32 19.93 -7.54
N LEU A 64 19.23 19.09 -8.02
CA LEU A 64 18.94 17.68 -8.28
C LEU A 64 18.89 16.84 -7.00
N LYS A 65 19.42 17.37 -5.90
CA LYS A 65 19.37 16.67 -4.61
C LYS A 65 18.07 17.06 -3.91
N ASP A 66 17.22 16.10 -3.62
CA ASP A 66 15.92 16.38 -3.01
C ASP A 66 16.05 16.66 -1.50
N PRO A 67 14.98 17.12 -0.85
CA PRO A 67 15.08 17.60 0.54
C PRO A 67 15.57 16.56 1.51
N ASP A 68 15.25 15.29 1.31
CA ASP A 68 15.70 14.26 2.24
C ASP A 68 17.20 14.12 2.20
N THR A 69 17.75 14.12 0.99
CA THR A 69 19.19 14.01 0.72
C THR A 69 19.95 15.23 1.24
N GLN A 70 19.30 16.39 1.13
CA GLN A 70 19.83 17.63 1.68
C GLN A 70 19.95 17.54 3.18
N ALA A 71 18.95 16.93 3.81
CA ALA A 71 18.96 16.79 5.26
C ALA A 71 20.15 15.94 5.70
N VAL A 72 20.41 14.84 4.99
CA VAL A 72 21.59 14.02 5.29
C VAL A 72 22.89 14.81 5.12
N TYR A 73 23.06 15.52 4.02
CA TYR A 73 24.30 16.26 3.82
C TYR A 73 24.42 17.37 4.84
N HIS A 74 23.30 17.91 5.30
CA HIS A 74 23.36 18.98 6.29
C HIS A 74 23.99 18.49 7.59
N ASP A 75 23.64 17.27 7.98
CA ASP A 75 24.16 16.66 9.20
C ASP A 75 25.60 16.20 9.06
N MET A 76 25.90 15.61 7.92
CA MET A 76 27.23 15.11 7.63
C MET A 76 28.21 16.27 7.63
N LEU A 77 27.76 17.44 7.20
CA LEU A 77 28.62 18.61 7.17
C LEU A 77 28.81 19.15 8.59
N TRP A 78 27.73 19.08 9.38
CA TRP A 78 27.77 19.60 10.74
C TRP A 78 28.70 18.77 11.63
N GLU A 79 28.78 17.48 11.34
CA GLU A 79 29.57 16.55 12.13
C GLU A 79 31.03 16.54 11.67
N LEU A 80 31.23 16.34 10.38
CA LEU A 80 32.56 16.20 9.78
C LEU A 80 33.28 17.55 9.66
N ARG A 81 32.53 18.59 9.35
CA ARG A 81 33.09 19.91 9.08
C ARG A 81 34.16 19.78 8.00
N PRO A 82 33.75 19.41 6.79
CA PRO A 82 34.69 19.23 5.70
C PRO A 82 35.39 20.52 5.30
N ARG A 83 36.68 20.37 5.10
CA ARG A 83 37.54 21.41 4.56
C ARG A 83 37.43 21.41 3.02
N THR A 84 37.03 20.27 2.44
CA THR A 84 36.89 20.12 0.98
C THR A 84 35.68 19.28 0.61
N ILE A 85 34.94 19.72 -0.41
CA ILE A 85 33.89 18.88 -0.99
C ILE A 85 34.13 18.79 -2.50
N VAL A 86 34.39 17.57 -2.98
CA VAL A 86 34.58 17.31 -4.40
C VAL A 86 33.33 16.65 -4.94
N GLU A 87 32.71 17.29 -5.93
CA GLU A 87 31.56 16.73 -6.61
C GLU A 87 31.94 16.35 -8.03
N LEU A 88 32.07 15.05 -8.28
CA LEU A 88 32.35 14.51 -9.61
C LEU A 88 31.05 14.51 -10.41
N GLY A 89 31.00 15.31 -11.48
CA GLY A 89 29.80 15.51 -12.29
C GLY A 89 29.10 16.78 -11.85
N VAL A 90 28.79 17.69 -12.79
CA VAL A 90 28.34 19.04 -12.42
C VAL A 90 26.93 19.49 -12.86
N TYR A 91 26.58 19.36 -14.13
CA TYR A 91 25.30 19.90 -14.61
C TYR A 91 25.17 21.41 -14.36
N ASN A 92 24.16 21.86 -13.61
CA ASN A 92 23.88 23.30 -13.47
C ASN A 92 24.62 24.00 -12.33
N GLY A 93 25.33 23.23 -11.50
CA GLY A 93 26.11 23.79 -10.40
C GLY A 93 25.29 24.15 -9.18
N GLY A 94 24.03 23.72 -9.15
CA GLY A 94 23.17 24.03 -8.03
C GLY A 94 23.64 23.43 -6.72
N SER A 95 24.14 22.20 -6.72
CA SER A 95 24.53 21.62 -5.45
C SER A 95 25.90 22.16 -5.01
N LEU A 96 26.71 22.59 -5.98
CA LEU A 96 27.99 23.28 -5.69
C LEU A 96 27.71 24.54 -4.88
N ALA A 97 26.80 25.36 -5.36
CA ALA A 97 26.45 26.61 -4.69
C ALA A 97 25.88 26.31 -3.29
N TRP A 98 24.92 25.39 -3.24
CA TRP A 98 24.35 24.87 -1.99
C TRP A 98 25.41 24.47 -0.96
N PHE A 99 26.43 23.74 -1.38
CA PHE A 99 27.43 23.18 -0.47
C PHE A 99 28.27 24.31 0.08
N ARG A 100 28.65 25.25 -0.79
CA ARG A 100 29.41 26.43 -0.41
C ARG A 100 28.59 27.32 0.49
N ASP A 101 27.31 27.52 0.16
CA ASP A 101 26.45 28.40 0.94
C ASP A 101 26.24 27.86 2.35
N LEU A 102 25.95 26.57 2.43
CA LEU A 102 25.69 25.89 3.70
C LEU A 102 26.93 25.84 4.61
N THR A 103 28.10 25.57 4.04
CA THR A 103 29.35 25.56 4.81
C THR A 103 29.71 26.97 5.28
N LYS A 104 29.44 27.97 4.46
CA LYS A 104 29.62 29.36 4.86
C LYS A 104 28.72 29.71 6.09
N ILE A 105 27.47 29.25 6.08
CA ILE A 105 26.52 29.59 7.15
C ILE A 105 26.88 28.89 8.46
N MET A 106 27.55 27.75 8.33
CA MET A 106 27.96 26.93 9.47
C MET A 106 29.31 27.35 10.01
N GLY A 107 29.94 28.35 9.40
CA GLY A 107 31.24 28.81 9.85
C GLY A 107 32.39 27.87 9.50
N ILE A 108 32.13 26.98 8.54
CA ILE A 108 33.14 26.04 8.02
C ILE A 108 33.94 26.65 6.88
N ASP A 109 35.25 26.54 6.99
CA ASP A 109 36.16 26.98 5.95
C ASP A 109 36.33 25.82 4.95
N CYS A 110 35.46 25.78 3.93
CA CYS A 110 35.40 24.65 2.98
C CYS A 110 35.57 25.14 1.55
N GLN A 111 36.30 24.35 0.75
CA GLN A 111 36.50 24.62 -0.67
C GLN A 111 35.68 23.63 -1.49
N VAL A 112 34.67 24.13 -2.23
CA VAL A 112 33.84 23.29 -3.10
C VAL A 112 34.42 23.18 -4.51
N ILE A 113 34.71 21.95 -4.93
CA ILE A 113 35.23 21.66 -6.26
C ILE A 113 34.23 20.84 -7.06
N GLY A 114 34.02 21.23 -8.32
CA GLY A 114 33.15 20.49 -9.23
C GLY A 114 33.93 20.11 -10.48
N ILE A 115 33.91 18.82 -10.82
CA ILE A 115 34.59 18.30 -12.00
C ILE A 115 33.55 17.86 -13.04
N ASP A 116 33.75 18.21 -14.30
CA ASP A 116 32.93 17.63 -15.37
C ASP A 116 33.58 17.72 -16.74
N ARG A 117 33.09 16.88 -17.65
CA ARG A 117 33.49 16.94 -19.05
C ARG A 117 32.94 18.23 -19.67
N ASP A 118 31.67 18.50 -19.41
CA ASP A 118 30.89 19.58 -20.03
C ASP A 118 30.39 20.58 -18.98
N LEU A 119 31.09 21.70 -18.82
CA LEU A 119 30.74 22.73 -17.84
C LEU A 119 29.92 23.88 -18.42
N SER A 120 29.37 23.68 -19.61
CA SER A 120 28.63 24.73 -20.30
C SER A 120 27.29 24.98 -19.62
N ARG A 121 26.73 23.94 -19.02
CA ARG A 121 25.42 24.03 -18.41
C ARG A 121 25.43 24.83 -17.09
N CYS A 122 26.60 25.00 -16.50
CA CYS A 122 26.70 25.65 -15.19
C CYS A 122 25.95 26.97 -15.18
N GLN A 123 25.13 27.21 -14.17
CA GLN A 123 24.26 28.40 -14.11
C GLN A 123 24.69 29.41 -13.03
N ILE A 124 25.78 29.11 -12.33
CA ILE A 124 26.26 29.98 -11.28
C ILE A 124 26.88 31.20 -11.93
N PRO A 125 26.39 32.38 -11.59
CA PRO A 125 27.02 33.63 -12.05
C PRO A 125 28.52 33.70 -11.69
N ALA A 126 29.32 34.27 -12.59
CA ALA A 126 30.76 34.45 -12.37
C ALA A 126 31.05 35.15 -11.05
N SER A 127 30.18 36.10 -10.68
CA SER A 127 30.36 36.89 -9.45
C SER A 127 30.17 36.08 -8.17
N ASP A 128 29.21 35.16 -8.18
CA ASP A 128 28.83 34.39 -6.99
C ASP A 128 29.57 33.04 -6.95
N MET A 129 30.88 33.09 -7.09
CA MET A 129 31.68 31.90 -7.34
C MET A 129 32.77 31.69 -6.26
N GLU A 130 32.66 32.43 -5.16
CA GLU A 130 33.62 32.41 -4.06
C GLU A 130 33.75 31.00 -3.49
N ASN A 131 35.00 30.57 -3.23
CA ASN A 131 35.29 29.22 -2.73
C ASN A 131 34.74 28.08 -3.61
N ILE A 132 34.70 28.29 -4.93
CA ILE A 132 34.21 27.28 -5.87
C ILE A 132 35.10 27.22 -7.12
N THR A 133 35.70 26.06 -7.39
CA THR A 133 36.56 25.84 -8.56
C THR A 133 36.01 24.76 -9.50
N LEU A 134 35.80 25.12 -10.76
CA LEU A 134 35.43 24.13 -11.79
C LEU A 134 36.68 23.60 -12.51
N HIS A 135 36.86 22.29 -12.50
CA HIS A 135 37.90 21.63 -13.26
C HIS A 135 37.30 20.97 -14.49
N GLN A 136 38.01 21.05 -15.61
CA GLN A 136 37.74 20.19 -16.76
C GLN A 136 38.18 18.77 -16.40
N GLY A 137 37.49 17.76 -16.92
CA GLY A 137 37.82 16.39 -16.56
C GLY A 137 37.25 15.30 -17.43
N ASP A 138 37.97 14.19 -17.51
CA ASP A 138 37.50 12.99 -18.17
C ASP A 138 37.56 11.84 -17.16
N CYS A 139 36.43 11.20 -16.93
CA CYS A 139 36.32 10.12 -15.95
C CYS A 139 37.08 8.87 -16.40
N SER A 140 37.47 8.83 -17.68
CA SER A 140 38.22 7.70 -18.21
C SER A 140 39.71 7.79 -17.86
N ASP A 141 40.27 8.99 -17.94
CA ASP A 141 41.69 9.24 -17.62
C ASP A 141 41.84 9.66 -16.16
N LEU A 142 42.70 8.95 -15.43
CA LEU A 142 42.83 9.15 -13.98
C LEU A 142 43.92 10.14 -13.54
N THR A 143 44.72 10.65 -14.47
CA THR A 143 45.63 11.78 -14.16
C THR A 143 44.86 13.11 -14.14
N THR A 144 43.57 13.05 -14.45
CA THR A 144 42.63 14.15 -14.23
C THR A 144 42.47 14.46 -12.75
N PHE A 145 42.60 13.40 -11.93
CA PHE A 145 42.43 13.49 -10.47
C PHE A 145 43.78 13.57 -9.72
N GLU A 146 44.88 13.14 -10.37
CA GLU A 146 46.24 13.49 -9.92
C GLU A 146 46.61 14.88 -10.47
N HIS A 147 45.66 15.48 -11.21
CA HIS A 147 45.59 16.91 -11.47
C HIS A 147 44.94 17.59 -10.25
N LEU A 148 44.98 16.94 -9.09
CA LEU A 148 44.53 17.53 -7.83
C LEU A 148 45.67 18.40 -7.38
N ARG A 149 45.41 19.69 -7.14
CA ARG A 149 46.22 20.46 -6.18
C ARG A 149 45.85 19.79 -4.87
N GLU A 150 46.78 19.62 -3.95
CA GLU A 150 46.40 18.85 -2.76
C GLU A 150 45.56 19.70 -1.82
N MET A 151 44.30 19.33 -1.71
CA MET A 151 43.34 20.08 -0.94
C MET A 151 43.36 19.64 0.52
N ALA A 152 42.68 20.41 1.36
CA ALA A 152 42.67 20.15 2.79
C ALA A 152 41.64 19.09 3.18
N HIS A 153 41.81 18.55 4.38
CA HIS A 153 40.96 17.52 4.94
C HIS A 153 40.28 18.02 6.23
N PRO A 154 39.23 17.37 6.69
CA PRO A 154 38.59 16.24 6.00
C PRO A 154 37.96 16.59 4.64
N LEU A 155 37.61 15.57 3.89
CA LEU A 155 37.19 15.69 2.50
C LEU A 155 36.03 14.77 2.19
N ILE A 156 34.97 15.30 1.57
CA ILE A 156 33.89 14.49 1.01
C ILE A 156 33.98 14.41 -0.53
N PHE A 157 34.01 13.20 -1.06
CA PHE A 157 34.09 12.95 -2.50
C PHE A 157 32.77 12.32 -2.97
N ILE A 158 32.05 13.00 -3.86
CA ILE A 158 30.72 12.55 -4.29
C ILE A 158 30.69 12.25 -5.75
N ASP A 159 30.18 11.07 -6.09
CA ASP A 159 30.09 10.62 -7.47
C ASP A 159 28.68 10.85 -8.03
N ASP A 160 28.57 11.80 -8.95
CA ASP A 160 27.34 12.04 -9.68
C ASP A 160 27.55 11.81 -11.17
N ALA A 161 28.70 11.25 -11.54
CA ALA A 161 29.03 11.02 -12.94
C ALA A 161 28.78 9.56 -13.36
N HIS A 162 29.30 8.62 -12.57
CA HIS A 162 28.95 7.19 -12.63
C HIS A 162 29.66 6.34 -13.69
N ALA A 163 30.75 6.86 -14.26
CA ALA A 163 31.58 6.09 -15.19
C ALA A 163 32.88 5.68 -14.53
N ASN A 164 33.43 4.56 -14.95
CA ASN A 164 34.67 4.02 -14.38
C ASN A 164 34.76 4.21 -12.85
N THR A 165 33.62 4.08 -12.18
CA THR A 165 33.46 4.48 -10.78
C THR A 165 34.35 3.72 -9.77
N PHE A 166 34.44 2.40 -9.94
CA PHE A 166 35.18 1.57 -8.99
C PHE A 166 36.68 1.80 -9.12
N ASN A 167 37.14 2.13 -10.32
CA ASN A 167 38.55 2.48 -10.53
C ASN A 167 38.86 3.85 -9.95
N ILE A 168 37.89 4.76 -10.04
CA ILE A 168 38.02 6.09 -9.45
C ILE A 168 37.99 5.97 -7.94
N MET A 169 37.33 4.93 -7.44
CA MET A 169 37.30 4.63 -6.02
C MET A 169 38.64 4.03 -5.57
N LYS A 170 39.20 3.12 -6.37
CA LYS A 170 40.50 2.50 -6.07
C LYS A 170 41.58 3.57 -6.00
N TRP A 171 41.47 4.56 -6.88
CA TRP A 171 42.38 5.68 -6.90
C TRP A 171 42.24 6.55 -5.65
N ALA A 172 40.99 6.83 -5.27
CA ALA A 172 40.69 7.70 -4.14
C ALA A 172 41.32 7.17 -2.84
N VAL A 173 41.25 5.86 -2.64
CA VAL A 173 41.77 5.23 -1.45
C VAL A 173 43.28 5.39 -1.38
N ASP A 174 43.92 5.19 -2.53
CA ASP A 174 45.38 5.21 -2.63
C ASP A 174 46.00 6.59 -2.55
N HIS A 175 45.21 7.64 -2.82
CA HIS A 175 45.79 8.97 -3.00
C HIS A 175 45.13 10.15 -2.32
N LEU A 176 44.00 9.94 -1.66
CA LEU A 176 43.20 11.07 -1.22
C LEU A 176 42.65 10.86 0.18
N LEU A 177 41.86 9.81 0.34
CA LEU A 177 41.07 9.61 1.53
C LEU A 177 41.97 9.28 2.72
N GLU A 178 41.94 10.15 3.73
CA GLU A 178 42.52 9.90 5.04
C GLU A 178 41.40 9.45 5.97
N GLU A 179 41.77 9.05 7.19
CA GLU A 179 40.82 8.56 8.20
C GLU A 179 39.61 9.46 8.28
N GLY A 180 38.43 8.90 8.03
CA GLY A 180 37.19 9.64 8.21
C GLY A 180 36.60 10.35 7.00
N ASP A 181 37.38 10.52 5.94
CA ASP A 181 36.88 11.07 4.67
C ASP A 181 35.85 10.16 4.03
N TYR A 182 34.86 10.75 3.36
CA TYR A 182 33.76 10.00 2.72
C TYR A 182 33.94 9.82 1.21
N PHE A 183 33.56 8.65 0.71
CA PHE A 183 33.35 8.45 -0.72
C PHE A 183 31.89 8.02 -0.88
N ILE A 184 31.10 8.88 -1.51
CA ILE A 184 29.66 8.66 -1.66
C ILE A 184 29.34 8.42 -3.12
N ILE A 185 28.51 7.42 -3.38
CA ILE A 185 27.99 7.15 -4.69
C ILE A 185 26.50 7.35 -4.61
N GLU A 186 26.02 8.38 -5.28
CA GLU A 186 24.59 8.67 -5.33
C GLU A 186 23.96 7.79 -6.40
N ASP A 187 22.71 7.39 -6.16
CA ASP A 187 21.79 6.80 -7.15
C ASP A 187 22.08 5.38 -7.66
N MET A 188 23.33 5.07 -7.97
CA MET A 188 23.64 3.91 -8.78
C MET A 188 23.65 2.60 -8.02
N ILE A 189 24.10 2.61 -6.78
CA ILE A 189 24.34 1.37 -6.06
C ILE A 189 23.14 0.40 -6.03
N PRO A 190 21.97 0.82 -5.61
CA PRO A 190 20.79 -0.06 -5.69
C PRO A 190 20.57 -0.70 -7.07
N TYR A 191 20.80 0.03 -8.16
CA TYR A 191 20.63 -0.53 -9.52
C TYR A 191 21.74 -1.50 -9.92
N TRP A 192 22.97 -1.24 -9.50
CA TRP A 192 24.09 -2.12 -9.79
C TRP A 192 23.92 -3.46 -9.09
N TYR A 193 23.48 -3.43 -7.84
CA TYR A 193 23.23 -4.67 -7.12
C TYR A 193 22.11 -5.45 -7.79
N ARG A 194 21.14 -4.75 -8.36
CA ARG A 194 20.05 -5.44 -9.04
C ARG A 194 20.55 -6.19 -10.26
N TYR A 195 21.40 -5.54 -11.06
CA TYR A 195 21.78 -6.05 -12.37
C TYR A 195 22.99 -7.01 -12.33
N ALA A 196 24.00 -6.66 -11.56
CA ALA A 196 25.18 -7.48 -11.38
C ALA A 196 25.46 -7.77 -9.90
N PRO A 197 24.54 -8.48 -9.24
CA PRO A 197 24.71 -8.78 -7.81
C PRO A 197 26.05 -9.43 -7.48
N GLN A 198 26.49 -10.40 -8.30
CA GLN A 198 27.73 -11.13 -8.05
C GLN A 198 28.98 -10.21 -8.11
N LEU A 199 29.18 -9.56 -9.26
CA LEU A 199 30.29 -8.61 -9.43
C LEU A 199 30.22 -7.46 -8.43
N PHE A 200 29.02 -6.94 -8.18
CA PHE A 200 28.90 -5.79 -7.30
C PHE A 200 29.33 -6.15 -5.90
N SER A 201 28.81 -7.27 -5.40
CA SER A 201 29.15 -7.75 -4.06
C SER A 201 30.65 -7.97 -3.91
N GLU A 202 31.27 -8.48 -4.97
CA GLU A 202 32.68 -8.89 -4.99
C GLU A 202 33.62 -7.69 -5.11
N TYR A 203 33.24 -6.74 -5.96
CA TYR A 203 33.96 -5.47 -6.11
C TYR A 203 33.93 -4.63 -4.82
N LEU A 204 32.75 -4.49 -4.22
CA LEU A 204 32.63 -3.72 -2.99
C LEU A 204 33.36 -4.42 -1.86
N GLY A 205 33.26 -5.75 -1.83
CA GLY A 205 33.95 -6.57 -0.84
C GLY A 205 35.46 -6.47 -0.92
N ALA A 206 35.98 -6.01 -2.06
CA ALA A 206 37.42 -5.79 -2.24
C ALA A 206 37.94 -4.68 -1.32
N PHE A 207 37.07 -3.72 -1.01
CA PHE A 207 37.48 -2.56 -0.21
C PHE A 207 37.23 -2.75 1.29
N ARG A 208 36.83 -3.94 1.73
CA ARG A 208 36.51 -4.18 3.16
C ARG A 208 37.55 -3.65 4.18
N ASP A 209 38.83 -3.64 3.82
CA ASP A 209 39.90 -3.23 4.77
C ASP A 209 40.23 -1.73 4.76
N VAL A 210 39.61 -0.97 3.84
CA VAL A 210 39.84 0.47 3.70
C VAL A 210 38.56 1.33 3.78
N LEU A 211 37.39 0.74 3.49
CA LEU A 211 36.12 1.45 3.55
C LEU A 211 35.05 0.64 4.26
N SER A 212 34.12 1.38 4.86
CA SER A 212 32.97 0.85 5.56
C SER A 212 31.72 1.63 5.15
N MET A 213 30.55 1.03 5.35
CA MET A 213 29.30 1.71 5.06
C MET A 213 28.79 2.40 6.33
N ASP A 214 28.61 3.71 6.25
CA ASP A 214 28.32 4.54 7.41
C ASP A 214 26.83 4.51 7.69
N MET A 215 26.43 3.59 8.54
CA MET A 215 25.02 3.29 8.84
C MET A 215 24.22 4.41 9.52
N LEU A 216 24.90 5.44 10.03
CA LEU A 216 24.17 6.61 10.51
C LEU A 216 23.41 7.26 9.36
N TYR A 217 24.05 7.36 8.20
CA TYR A 217 23.53 8.10 7.04
C TYR A 217 23.11 7.24 5.85
N ALA A 218 23.54 5.99 5.78
CA ALA A 218 23.36 5.24 4.53
C ALA A 218 21.93 4.81 4.27
N ASN A 219 21.07 4.84 5.29
CA ASN A 219 19.68 4.44 5.12
C ASN A 219 18.72 5.63 5.18
N ALA A 220 19.27 6.82 5.05
CA ALA A 220 18.58 8.03 5.48
C ALA A 220 17.88 8.80 4.36
N SER A 221 18.17 8.46 3.11
CA SER A 221 17.54 9.06 1.94
C SER A 221 17.55 8.07 0.80
N SER A 222 16.68 8.28 -0.17
CA SER A 222 16.58 7.32 -1.25
C SER A 222 17.71 7.46 -2.28
N GLN A 223 18.29 8.64 -2.46
CA GLN A 223 19.35 8.87 -3.44
C GLN A 223 20.71 8.38 -2.92
N LEU A 224 20.90 8.37 -1.60
CA LEU A 224 22.17 7.98 -1.00
C LEU A 224 22.12 6.56 -0.48
N ASP A 225 20.93 5.97 -0.47
CA ASP A 225 20.70 4.58 -0.12
C ASP A 225 21.90 3.64 -0.36
N ARG A 226 22.38 3.02 0.70
CA ARG A 226 23.48 2.05 0.66
C ARG A 226 24.74 2.54 -0.08
N GLY A 227 24.95 3.86 -0.13
CA GLY A 227 26.00 4.44 -0.95
C GLY A 227 26.97 5.35 -0.23
N VAL A 228 26.87 5.42 1.09
CA VAL A 228 27.66 6.34 1.87
C VAL A 228 28.76 5.59 2.57
N LEU A 229 30.01 5.84 2.19
CA LEU A 229 31.14 5.08 2.70
C LEU A 229 32.24 6.00 3.19
N ARG A 230 33.10 5.48 4.06
CA ARG A 230 34.23 6.26 4.57
C ARG A 230 35.41 5.40 5.00
N ARG A 231 36.53 6.08 5.25
CA ARG A 231 37.83 5.44 5.45
C ARG A 231 38.00 4.77 6.84
N VAL A 232 38.60 3.56 6.83
CA VAL A 232 38.89 2.73 8.02
C VAL A 232 37.62 2.12 8.70
N ALA A 233 37.81 0.90 9.25
CA ALA A 233 36.80 0.09 9.97
C ALA A 233 35.93 -0.77 9.03
N ASP B 3 11.29 2.22 41.38
CA ASP B 3 9.91 1.73 41.64
C ASP B 3 8.88 2.86 41.54
N TYR B 4 7.62 2.47 41.33
CA TYR B 4 6.51 3.40 41.08
C TYR B 4 5.98 4.13 42.32
N SER B 5 6.18 3.52 43.50
CA SER B 5 5.62 4.04 44.75
C SER B 5 6.30 5.32 45.22
N ARG B 6 7.39 5.70 44.57
CA ARG B 6 8.21 6.85 44.98
C ARG B 6 8.01 8.09 44.11
N GLN B 7 8.12 7.93 42.80
CA GLN B 7 8.17 9.08 41.89
C GLN B 7 6.90 9.92 41.86
N ASN B 8 7.08 11.22 41.61
CA ASN B 8 6.02 12.08 41.11
C ASN B 8 6.12 12.06 39.60
N PHE B 9 4.99 11.78 38.96
CA PHE B 9 4.96 11.57 37.52
C PHE B 9 4.57 12.85 36.79
N LEU B 10 5.41 13.24 35.84
CA LEU B 10 5.13 14.36 34.96
C LEU B 10 4.06 13.98 33.97
N ASP B 11 3.24 14.94 33.56
CA ASP B 11 2.28 14.70 32.50
C ASP B 11 3.07 14.66 31.19
N LEU B 12 2.96 13.55 30.47
CA LEU B 12 3.65 13.38 29.19
C LEU B 12 3.04 14.25 28.09
N ASN B 13 1.82 14.73 28.31
CA ASN B 13 1.19 15.67 27.38
C ASN B 13 1.99 16.96 27.22
N LEU B 14 2.86 17.24 28.19
CA LEU B 14 3.74 18.41 28.14
C LEU B 14 4.57 18.39 26.86
N PHE B 15 4.96 17.19 26.44
CA PHE B 15 5.85 16.97 25.32
C PHE B 15 5.15 16.65 24.00
N ARG B 16 3.87 16.99 23.86
CA ARG B 16 3.13 16.59 22.68
C ARG B 16 3.62 17.30 21.45
N GLY B 17 3.94 16.52 20.44
CA GLY B 17 4.43 17.05 19.17
C GLY B 17 5.80 17.74 19.25
N LEU B 18 6.48 17.61 20.38
CA LEU B 18 7.68 18.36 20.65
C LEU B 18 8.88 17.47 20.96
N GLY B 19 8.71 16.47 21.83
CA GLY B 19 9.81 15.69 22.33
C GLY B 19 10.17 16.08 23.75
N GLU B 20 11.09 15.34 24.35
CA GLU B 20 11.42 15.55 25.77
C GLU B 20 12.40 16.71 26.01
N ASP B 21 13.11 17.13 24.97
CA ASP B 21 14.25 18.04 25.16
C ASP B 21 14.44 19.00 23.96
N PRO B 22 14.35 20.30 24.20
CA PRO B 22 14.49 21.28 23.12
C PRO B 22 15.89 21.30 22.51
N ALA B 23 16.92 20.89 23.26
CA ALA B 23 18.29 20.78 22.72
C ALA B 23 18.44 19.62 21.73
N TYR B 24 19.26 19.82 20.70
CA TYR B 24 19.53 18.78 19.70
C TYR B 24 20.65 17.84 20.13
N HIS B 25 20.44 16.55 19.90
CA HIS B 25 21.47 15.55 20.11
C HIS B 25 21.40 14.59 18.95
N PRO B 26 22.53 14.30 18.32
CA PRO B 26 22.49 13.45 17.14
C PRO B 26 21.96 12.06 17.51
N PRO B 27 21.34 11.38 16.56
CA PRO B 27 20.85 10.02 16.79
C PRO B 27 21.99 9.09 17.11
N VAL B 28 21.71 8.03 17.87
CA VAL B 28 22.71 7.01 18.14
C VAL B 28 22.18 5.62 17.78
N LEU B 29 23.02 4.85 17.11
CA LEU B 29 22.65 3.48 16.75
C LEU B 29 22.69 2.61 18.04
N THR B 30 21.68 1.77 18.18
CA THR B 30 21.57 0.85 19.32
C THR B 30 21.92 -0.60 18.94
N ASP B 31 21.40 -1.05 17.79
CA ASP B 31 21.38 -2.45 17.37
C ASP B 31 22.28 -2.78 16.15
N ARG B 32 23.22 -1.90 15.83
CA ARG B 32 24.20 -2.16 14.77
C ARG B 32 25.46 -1.32 14.96
N PRO B 33 26.57 -1.75 14.36
CA PRO B 33 27.78 -0.93 14.31
C PRO B 33 27.53 0.23 13.40
N ARG B 34 28.11 1.39 13.70
CA ARG B 34 28.07 2.52 12.79
C ARG B 34 28.87 2.19 11.52
N ASP B 35 30.02 1.54 11.66
CA ASP B 35 30.80 1.14 10.49
C ASP B 35 30.49 -0.29 10.07
N TRP B 36 29.83 -0.45 8.93
CA TRP B 36 29.42 -1.77 8.44
C TRP B 36 30.47 -2.32 7.47
N PRO B 37 30.96 -3.55 7.72
CA PRO B 37 31.97 -4.16 6.85
C PRO B 37 31.44 -4.44 5.43
N LEU B 38 32.19 -4.00 4.43
CA LEU B 38 31.77 -4.10 3.02
C LEU B 38 31.72 -5.54 2.51
N ASP B 39 32.39 -6.46 3.22
CA ASP B 39 32.39 -7.87 2.81
C ASP B 39 31.07 -8.57 3.15
N ARG B 40 30.27 -7.94 4.01
CA ARG B 40 28.91 -8.40 4.30
C ARG B 40 27.90 -7.28 4.00
N TRP B 41 28.12 -6.58 2.88
CA TRP B 41 27.34 -5.37 2.57
C TRP B 41 25.84 -5.63 2.39
N ALA B 42 25.48 -6.77 1.79
CA ALA B 42 24.08 -7.11 1.54
C ALA B 42 23.34 -7.61 2.78
N GLU B 43 24.08 -7.90 3.84
CA GLU B 43 23.47 -8.36 5.09
C GLU B 43 23.10 -7.18 6.02
N ALA B 44 23.43 -5.97 5.59
CA ALA B 44 23.16 -4.78 6.38
C ALA B 44 21.66 -4.43 6.45
N PRO B 45 21.15 -4.10 7.64
CA PRO B 45 19.73 -3.74 7.78
C PRO B 45 19.36 -2.45 7.04
N ARG B 46 18.13 -2.43 6.56
CA ARG B 46 17.69 -1.46 5.57
C ARG B 46 16.89 -0.33 6.20
N ASP B 47 16.53 -0.49 7.47
CA ASP B 47 15.69 0.51 8.13
C ASP B 47 16.55 1.61 8.75
N LEU B 48 15.89 2.69 9.14
CA LEU B 48 16.58 3.91 9.51
C LEU B 48 17.52 3.73 10.70
N GLY B 49 17.21 2.78 11.58
CA GLY B 49 18.07 2.49 12.72
C GLY B 49 17.91 3.39 13.95
N TYR B 50 16.95 4.31 13.90
CA TYR B 50 16.59 5.14 15.05
C TYR B 50 15.22 5.70 14.74
N SER B 51 14.55 6.23 15.76
CA SER B 51 13.17 6.68 15.63
C SER B 51 13.10 7.84 14.64
N ASP B 52 11.96 7.97 13.95
CA ASP B 52 11.84 9.01 12.93
C ASP B 52 10.85 10.12 13.31
N PHE B 53 10.66 10.31 14.62
CA PHE B 53 9.71 11.30 15.08
C PHE B 53 10.15 12.69 14.59
N SER B 54 11.26 13.20 15.09
CA SER B 54 11.63 14.55 14.71
C SER B 54 13.13 14.64 14.67
N PRO B 55 13.72 13.99 13.66
CA PRO B 55 15.19 13.85 13.61
C PRO B 55 15.97 15.07 13.08
N TYR B 56 15.32 16.11 12.59
CA TYR B 56 15.99 17.13 11.77
C TYR B 56 16.66 18.24 12.54
N GLN B 57 17.63 18.91 11.91
CA GLN B 57 18.32 20.04 12.52
C GLN B 57 18.78 21.12 11.54
N TRP B 58 19.04 22.30 12.09
CA TRP B 58 19.72 23.37 11.40
C TRP B 58 20.82 23.87 12.34
N ARG B 59 22.08 23.75 11.90
CA ARG B 59 23.24 24.23 12.64
C ARG B 59 23.28 23.88 14.12
N GLY B 60 22.87 22.67 14.46
CA GLY B 60 22.89 22.24 15.85
C GLY B 60 21.69 22.63 16.66
N LEU B 61 20.69 23.24 16.03
CA LEU B 61 19.38 23.46 16.63
C LEU B 61 18.37 22.48 16.04
N ARG B 62 17.48 21.95 16.88
CA ARG B 62 16.37 21.14 16.40
C ARG B 62 15.48 21.93 15.41
N MET B 63 15.06 21.26 14.33
CA MET B 63 14.14 21.78 13.33
C MET B 63 12.88 20.95 13.34
N LEU B 64 11.74 21.54 13.73
CA LEU B 64 10.44 20.82 13.78
C LEU B 64 9.73 20.76 12.42
N LYS B 65 10.17 21.57 11.46
CA LYS B 65 9.69 21.54 10.08
C LYS B 65 10.56 20.58 9.26
N ASP B 66 9.94 19.57 8.66
CA ASP B 66 10.70 18.56 7.97
C ASP B 66 11.16 19.00 6.57
N PRO B 67 12.03 18.26 5.90
CA PRO B 67 12.61 18.72 4.64
C PRO B 67 11.61 19.20 3.60
N ASP B 68 10.48 18.51 3.45
CA ASP B 68 9.48 18.92 2.46
C ASP B 68 8.86 20.29 2.77
N THR B 69 8.60 20.53 4.05
CA THR B 69 8.16 21.84 4.53
C THR B 69 9.18 22.95 4.28
N GLN B 70 10.46 22.66 4.49
CA GLN B 70 11.52 23.62 4.23
C GLN B 70 11.62 24.02 2.75
N ALA B 71 11.30 23.08 1.88
CA ALA B 71 11.39 23.32 0.45
C ALA B 71 10.27 24.28 0.03
N VAL B 72 9.09 24.12 0.61
CA VAL B 72 7.98 25.01 0.32
C VAL B 72 8.33 26.43 0.81
N TYR B 73 8.75 26.56 2.07
CA TYR B 73 9.13 27.86 2.61
C TYR B 73 10.30 28.46 1.85
N HIS B 74 11.17 27.64 1.29
CA HIS B 74 12.31 28.16 0.55
C HIS B 74 11.82 28.87 -0.71
N ASP B 75 10.82 28.28 -1.37
CA ASP B 75 10.29 28.76 -2.64
C ASP B 75 9.45 29.97 -2.42
N MET B 76 8.70 29.95 -1.32
CA MET B 76 7.82 31.06 -0.94
C MET B 76 8.67 32.29 -0.70
N LEU B 77 9.67 32.13 0.17
CA LEU B 77 10.57 33.22 0.53
C LEU B 77 11.29 33.81 -0.69
N TRP B 78 11.65 32.95 -1.65
CA TRP B 78 12.43 33.36 -2.81
C TRP B 78 11.57 34.13 -3.81
N GLU B 79 10.33 33.69 -3.95
CA GLU B 79 9.33 34.40 -4.74
C GLU B 79 8.90 35.72 -4.05
N LEU B 80 8.39 35.59 -2.83
CA LEU B 80 7.72 36.68 -2.12
C LEU B 80 8.68 37.71 -1.52
N ARG B 81 9.86 37.28 -1.13
CA ARG B 81 10.86 38.15 -0.48
C ARG B 81 10.32 38.95 0.71
N PRO B 82 9.85 38.25 1.74
CA PRO B 82 9.25 38.89 2.91
C PRO B 82 10.23 39.70 3.73
N ARG B 83 9.82 40.88 4.16
CA ARG B 83 10.64 41.69 5.03
C ARG B 83 10.28 41.46 6.47
N THR B 84 9.23 40.71 6.72
CA THR B 84 8.87 40.29 8.06
C THR B 84 8.33 38.88 8.02
N ILE B 85 8.85 38.00 8.89
CA ILE B 85 8.31 36.66 9.07
C ILE B 85 7.91 36.52 10.53
N VAL B 86 6.63 36.35 10.81
CA VAL B 86 6.15 36.17 12.18
C VAL B 86 5.90 34.68 12.42
N GLU B 87 6.38 34.18 13.54
CA GLU B 87 6.01 32.83 13.96
C GLU B 87 5.40 32.79 15.36
N LEU B 88 4.08 32.62 15.41
CA LEU B 88 3.34 32.41 16.64
C LEU B 88 3.69 31.06 17.20
N GLY B 89 4.35 31.03 18.35
CA GLY B 89 4.85 29.79 18.92
C GLY B 89 6.27 29.52 18.49
N VAL B 90 7.15 29.23 19.46
CA VAL B 90 8.59 29.29 19.23
C VAL B 90 9.32 27.99 19.57
N TYR B 91 9.03 27.41 20.74
CA TYR B 91 9.72 26.20 21.23
C TYR B 91 11.22 26.43 21.33
N ASN B 92 12.02 25.84 20.44
CA ASN B 92 13.48 25.86 20.55
C ASN B 92 14.19 26.93 19.73
N GLY B 93 13.48 27.53 18.78
CA GLY B 93 14.02 28.64 18.00
C GLY B 93 14.67 28.24 16.68
N GLY B 94 14.64 26.95 16.39
CA GLY B 94 15.25 26.44 15.18
C GLY B 94 14.72 27.07 13.93
N SER B 95 13.41 27.08 13.78
CA SER B 95 12.84 27.62 12.56
C SER B 95 13.08 29.12 12.47
N LEU B 96 13.09 29.78 13.62
CA LEU B 96 13.40 31.21 13.69
C LEU B 96 14.77 31.53 13.05
N ALA B 97 15.77 30.71 13.36
CA ALA B 97 17.15 30.92 12.90
C ALA B 97 17.31 30.54 11.44
N TRP B 98 16.57 29.53 11.04
CA TRP B 98 16.55 29.05 9.67
C TRP B 98 15.98 30.13 8.77
N PHE B 99 14.87 30.73 9.17
CA PHE B 99 14.23 31.76 8.37
C PHE B 99 15.19 32.91 8.17
N ARG B 100 15.93 33.23 9.23
CA ARG B 100 16.86 34.36 9.21
C ARG B 100 18.04 34.05 8.31
N ASP B 101 18.57 32.85 8.39
CA ASP B 101 19.73 32.48 7.61
C ASP B 101 19.41 32.40 6.12
N LEU B 102 18.23 31.86 5.80
CA LEU B 102 17.76 31.71 4.42
C LEU B 102 17.54 33.07 3.79
N THR B 103 16.80 33.94 4.48
CA THR B 103 16.64 35.32 4.01
C THR B 103 17.99 36.03 3.83
N LYS B 104 18.98 35.71 4.67
CA LYS B 104 20.28 36.35 4.57
C LYS B 104 21.06 35.95 3.31
N ILE B 105 21.20 34.64 3.01
CA ILE B 105 21.88 34.23 1.75
C ILE B 105 21.08 34.60 0.50
N MET B 106 19.78 34.78 0.66
CA MET B 106 18.97 35.21 -0.45
C MET B 106 19.15 36.71 -0.73
N GLY B 107 19.88 37.40 0.15
CA GLY B 107 20.05 38.83 0.04
C GLY B 107 18.79 39.61 0.36
N ILE B 108 17.83 39.00 1.07
CA ILE B 108 16.61 39.68 1.53
C ILE B 108 16.77 40.32 2.91
N ASP B 109 16.22 41.53 3.04
CA ASP B 109 16.30 42.30 4.28
C ASP B 109 15.08 41.98 5.16
N CYS B 110 15.14 40.84 5.84
CA CYS B 110 13.97 40.33 6.55
C CYS B 110 14.17 40.41 8.04
N GLN B 111 13.08 40.65 8.77
CA GLN B 111 13.09 40.65 10.24
C GLN B 111 12.21 39.50 10.74
N VAL B 112 12.84 38.45 11.26
CA VAL B 112 12.12 37.30 11.79
C VAL B 112 11.69 37.56 13.23
N ILE B 113 10.38 37.48 13.48
CA ILE B 113 9.83 37.73 14.82
C ILE B 113 9.26 36.44 15.38
N GLY B 114 9.50 36.19 16.67
CA GLY B 114 9.06 34.99 17.35
C GLY B 114 8.24 35.36 18.58
N ILE B 115 7.06 34.74 18.71
CA ILE B 115 6.13 35.09 19.78
C ILE B 115 5.71 33.85 20.56
N ASP B 116 5.70 33.94 21.87
CA ASP B 116 5.40 32.79 22.73
C ASP B 116 5.14 33.20 24.18
N ARG B 117 4.27 32.47 24.87
CA ARG B 117 4.10 32.64 26.31
C ARG B 117 5.31 32.12 27.12
N ASP B 118 5.96 31.06 26.62
CA ASP B 118 7.19 30.52 27.22
C ASP B 118 8.34 30.57 26.21
N LEU B 119 9.38 31.35 26.53
CA LEU B 119 10.59 31.42 25.72
C LEU B 119 11.75 30.70 26.38
N SER B 120 11.54 30.09 27.54
CA SER B 120 12.65 29.49 28.30
C SER B 120 13.32 28.32 27.55
N ARG B 121 12.67 27.82 26.51
CA ARG B 121 13.15 26.67 25.77
C ARG B 121 13.98 27.09 24.56
N CYS B 122 14.10 28.39 24.31
CA CYS B 122 14.81 28.88 23.14
C CYS B 122 16.32 28.67 23.29
N GLN B 123 16.87 27.87 22.37
CA GLN B 123 18.28 27.46 22.38
C GLN B 123 19.20 28.30 21.49
N ILE B 124 18.68 29.32 20.80
CA ILE B 124 19.53 30.16 19.96
C ILE B 124 20.52 30.89 20.86
N PRO B 125 21.82 30.83 20.56
CA PRO B 125 22.80 31.63 21.29
C PRO B 125 22.56 33.12 21.09
N ALA B 126 22.80 33.93 22.11
CA ALA B 126 22.51 35.36 22.04
C ALA B 126 23.38 36.07 21.02
N SER B 127 24.53 35.48 20.69
CA SER B 127 25.41 36.05 19.68
C SER B 127 24.83 35.88 18.26
N ASP B 128 23.99 34.87 18.07
CA ASP B 128 23.53 34.53 16.73
C ASP B 128 22.09 34.97 16.53
N MET B 129 21.82 36.20 16.96
CA MET B 129 20.48 36.67 17.22
C MET B 129 20.02 37.83 16.33
N GLU B 130 20.89 38.26 15.42
CA GLU B 130 20.68 39.42 14.57
C GLU B 130 19.49 39.23 13.64
N ASN B 131 18.68 40.28 13.52
CA ASN B 131 17.40 40.23 12.80
C ASN B 131 16.38 39.25 13.36
N ILE B 132 16.46 38.96 14.66
CA ILE B 132 15.50 38.08 15.31
C ILE B 132 15.01 38.76 16.58
N THR B 133 13.70 38.84 16.75
CA THR B 133 13.14 39.40 17.96
C THR B 133 12.20 38.40 18.61
N LEU B 134 12.47 38.13 19.88
CA LEU B 134 11.60 37.30 20.72
C LEU B 134 10.66 38.20 21.48
N HIS B 135 9.43 37.73 21.70
CA HIS B 135 8.37 38.50 22.34
C HIS B 135 7.55 37.56 23.23
N GLN B 136 7.55 37.79 24.54
CA GLN B 136 6.83 36.91 25.49
C GLN B 136 5.44 37.42 25.84
N GLY B 137 4.43 36.94 25.11
CA GLY B 137 3.04 37.27 25.38
C GLY B 137 2.07 36.11 25.21
N ASP B 138 0.86 36.27 25.76
CA ASP B 138 -0.18 35.25 25.62
C ASP B 138 -0.84 35.37 24.25
N CYS B 139 -1.47 34.28 23.82
CA CYS B 139 -2.16 34.21 22.54
C CYS B 139 -3.57 34.83 22.54
N SER B 140 -4.48 34.25 23.30
CA SER B 140 -5.89 34.68 23.29
C SER B 140 -6.08 36.19 23.46
N ASP B 141 -5.10 36.86 24.06
CA ASP B 141 -5.12 38.31 24.13
C ASP B 141 -4.62 38.90 22.80
N LEU B 142 -5.53 39.50 22.04
CA LEU B 142 -5.21 40.06 20.72
C LEU B 142 -4.29 41.28 20.78
N THR B 143 -4.16 41.91 21.95
CA THR B 143 -3.37 43.14 22.07
C THR B 143 -1.88 42.86 21.91
N THR B 144 -1.45 41.65 22.25
CA THR B 144 -0.09 41.16 21.98
C THR B 144 0.37 41.52 20.56
N PHE B 145 -0.55 41.39 19.61
CA PHE B 145 -0.26 41.54 18.20
C PHE B 145 -0.33 43.00 17.70
N GLU B 146 -1.27 43.80 18.21
CA GLU B 146 -1.34 45.21 17.82
C GLU B 146 0.05 45.82 18.02
N HIS B 147 0.60 45.54 19.21
CA HIS B 147 1.93 46.01 19.67
C HIS B 147 3.08 46.02 18.62
N LEU B 148 2.94 45.30 17.50
CA LEU B 148 3.91 45.43 16.42
C LEU B 148 3.36 45.10 15.02
N ARG B 149 2.51 46.01 14.52
CA ARG B 149 2.23 46.15 13.10
C ARG B 149 2.93 47.42 12.57
N GLU B 150 4.11 47.71 13.16
CA GLU B 150 5.05 48.70 12.65
C GLU B 150 5.90 48.06 11.57
N MET B 151 5.80 46.74 11.43
CA MET B 151 6.68 45.98 10.56
C MET B 151 6.42 46.20 9.07
N ALA B 152 7.49 46.08 8.28
CA ALA B 152 7.42 46.26 6.84
C ALA B 152 6.76 45.06 6.15
N HIS B 153 6.38 45.26 4.90
CA HIS B 153 5.81 44.19 4.07
C HIS B 153 6.68 43.95 2.81
N PRO B 154 6.61 42.79 2.16
CA PRO B 154 5.63 41.72 2.42
C PRO B 154 5.87 40.98 3.72
N LEU B 155 4.85 40.30 4.21
CA LEU B 155 4.87 39.67 5.53
C LEU B 155 4.26 38.25 5.47
N ILE B 156 4.89 37.30 6.15
CA ILE B 156 4.36 35.95 6.32
C ILE B 156 4.09 35.68 7.81
N PHE B 157 2.83 35.48 8.16
CA PHE B 157 2.43 35.19 9.52
C PHE B 157 2.18 33.69 9.60
N ILE B 158 2.74 33.02 10.61
CA ILE B 158 2.71 31.55 10.69
C ILE B 158 2.17 31.11 12.03
N ASP B 159 1.12 30.31 12.02
CA ASP B 159 0.58 29.79 13.26
C ASP B 159 1.15 28.44 13.63
N ASP B 160 1.94 28.40 14.70
CA ASP B 160 2.44 27.12 15.26
C ASP B 160 1.96 26.90 16.68
N ALA B 161 1.02 27.73 17.15
CA ALA B 161 0.51 27.65 18.52
C ALA B 161 -0.91 27.08 18.60
N HIS B 162 -1.74 27.46 17.63
CA HIS B 162 -3.05 26.84 17.39
C HIS B 162 -4.09 27.05 18.48
N ALA B 163 -3.97 28.16 19.20
CA ALA B 163 -4.96 28.55 20.21
C ALA B 163 -5.68 29.84 19.78
N ASN B 164 -7.00 29.77 19.74
CA ASN B 164 -7.82 30.92 19.36
C ASN B 164 -7.46 31.40 17.94
N THR B 165 -7.24 30.43 17.05
CA THR B 165 -6.58 30.66 15.77
C THR B 165 -7.41 31.51 14.82
N PHE B 166 -8.71 31.23 14.72
CA PHE B 166 -9.57 31.96 13.80
C PHE B 166 -9.79 33.43 14.19
N ASN B 167 -9.96 33.71 15.48
CA ASN B 167 -9.97 35.10 15.94
C ASN B 167 -8.66 35.81 15.62
N ILE B 168 -7.54 35.11 15.81
CA ILE B 168 -6.25 35.68 15.46
C ILE B 168 -6.15 35.94 13.97
N MET B 169 -6.77 35.08 13.17
CA MET B 169 -6.79 35.26 11.73
C MET B 169 -7.63 36.47 11.37
N LYS B 170 -8.75 36.65 12.07
CA LYS B 170 -9.61 37.81 11.84
C LYS B 170 -8.86 39.12 12.11
N TRP B 171 -8.22 39.21 13.26
CA TRP B 171 -7.42 40.36 13.61
C TRP B 171 -6.35 40.62 12.54
N ALA B 172 -5.63 39.57 12.18
CA ALA B 172 -4.59 39.64 11.15
C ALA B 172 -5.09 40.18 9.82
N VAL B 173 -6.30 39.80 9.42
CA VAL B 173 -6.83 40.18 8.12
C VAL B 173 -7.14 41.68 8.09
N ASP B 174 -7.66 42.17 9.20
CA ASP B 174 -8.12 43.55 9.32
C ASP B 174 -6.96 44.51 9.55
N HIS B 175 -6.00 44.07 10.34
CA HIS B 175 -5.05 45.00 10.97
C HIS B 175 -3.60 44.82 10.49
N LEU B 176 -3.31 43.72 9.82
CA LEU B 176 -1.92 43.35 9.53
C LEU B 176 -1.64 43.11 8.05
N LEU B 177 -2.45 42.29 7.39
CA LEU B 177 -2.08 41.73 6.10
C LEU B 177 -2.47 42.65 4.95
N GLU B 178 -1.46 43.20 4.28
CA GLU B 178 -1.62 43.81 2.96
C GLU B 178 -1.71 42.72 1.88
N GLU B 179 -2.19 43.08 0.69
CA GLU B 179 -2.28 42.13 -0.43
C GLU B 179 -0.94 41.46 -0.65
N GLY B 180 -0.98 40.16 -0.95
CA GLY B 180 0.23 39.38 -1.16
C GLY B 180 0.74 38.65 0.07
N ASP B 181 0.50 39.20 1.26
CA ASP B 181 0.89 38.60 2.53
C ASP B 181 0.26 37.24 2.82
N TYR B 182 0.97 36.39 3.54
CA TYR B 182 0.52 35.03 3.86
C TYR B 182 0.04 34.88 5.29
N PHE B 183 -0.89 33.97 5.50
CA PHE B 183 -1.24 33.50 6.84
C PHE B 183 -1.32 31.96 6.78
N ILE B 184 -0.40 31.28 7.46
CA ILE B 184 -0.26 29.82 7.32
C ILE B 184 -0.58 29.13 8.63
N ILE B 185 -1.44 28.11 8.56
CA ILE B 185 -1.71 27.27 9.72
C ILE B 185 -1.04 25.92 9.51
N GLU B 186 -0.01 25.65 10.28
CA GLU B 186 0.68 24.38 10.18
C GLU B 186 -0.07 23.29 10.97
N ASP B 187 -0.09 22.09 10.40
CA ASP B 187 -0.54 20.83 11.03
C ASP B 187 -2.02 20.62 11.23
N MET B 188 -2.75 21.68 11.53
CA MET B 188 -4.00 21.53 12.27
C MET B 188 -5.27 21.45 11.42
N ILE B 189 -5.24 22.04 10.23
CA ILE B 189 -6.47 22.20 9.46
C ILE B 189 -7.11 20.86 9.06
N PRO B 190 -6.34 19.91 8.54
CA PRO B 190 -6.83 18.55 8.38
C PRO B 190 -7.50 17.99 9.63
N TYR B 191 -6.95 18.24 10.81
CA TYR B 191 -7.57 17.73 12.03
C TYR B 191 -8.89 18.44 12.37
N TRP B 192 -8.94 19.75 12.18
CA TRP B 192 -10.15 20.50 12.45
C TRP B 192 -11.29 20.13 11.49
N TYR B 193 -10.96 19.91 10.21
CA TYR B 193 -11.94 19.46 9.23
C TYR B 193 -12.46 18.06 9.56
N ARG B 194 -11.57 17.19 10.02
CA ARG B 194 -11.95 15.83 10.38
C ARG B 194 -12.90 15.82 11.56
N TYR B 195 -12.62 16.67 12.56
CA TYR B 195 -13.39 16.67 13.80
C TYR B 195 -14.65 17.53 13.75
N ALA B 196 -14.56 18.70 13.12
CA ALA B 196 -15.67 19.66 13.06
C ALA B 196 -15.86 20.19 11.64
N PRO B 197 -16.34 19.35 10.73
CA PRO B 197 -16.42 19.71 9.31
C PRO B 197 -17.42 20.83 9.00
N GLN B 198 -18.56 20.86 9.68
CA GLN B 198 -19.53 21.93 9.49
C GLN B 198 -18.97 23.27 9.96
N LEU B 199 -18.49 23.32 11.20
CA LEU B 199 -17.99 24.58 11.76
C LEU B 199 -16.77 25.07 11.02
N PHE B 200 -15.88 24.14 10.68
CA PHE B 200 -14.63 24.53 10.06
C PHE B 200 -14.90 25.19 8.71
N SER B 201 -15.73 24.55 7.89
CA SER B 201 -16.03 25.02 6.54
C SER B 201 -16.65 26.41 6.53
N GLU B 202 -17.52 26.66 7.50
CA GLU B 202 -18.27 27.92 7.59
C GLU B 202 -17.37 29.06 8.05
N TYR B 203 -16.45 28.72 8.95
CA TYR B 203 -15.49 29.66 9.51
C TYR B 203 -14.47 30.03 8.47
N LEU B 204 -14.10 29.07 7.62
CA LEU B 204 -13.09 29.29 6.59
C LEU B 204 -13.71 30.06 5.46
N GLY B 205 -15.00 29.82 5.22
CA GLY B 205 -15.74 30.49 4.17
C GLY B 205 -16.12 31.90 4.56
N ALA B 206 -16.10 32.20 5.85
CA ALA B 206 -16.36 33.56 6.31
C ALA B 206 -15.25 34.51 5.84
N PHE B 207 -14.11 33.95 5.41
CA PHE B 207 -12.99 34.74 4.90
C PHE B 207 -12.84 34.68 3.37
N ARG B 208 -13.93 34.45 2.63
CA ARG B 208 -13.81 34.19 1.19
C ARG B 208 -13.37 35.41 0.35
N ASP B 209 -13.68 36.63 0.78
CA ASP B 209 -13.37 37.82 -0.02
C ASP B 209 -12.01 38.45 0.34
N VAL B 210 -11.32 37.86 1.30
CA VAL B 210 -10.06 38.42 1.82
C VAL B 210 -8.87 37.46 1.75
N LEU B 211 -9.14 36.16 1.87
CA LEU B 211 -8.09 35.14 1.77
C LEU B 211 -8.44 34.10 0.70
N SER B 212 -7.40 33.46 0.20
CA SER B 212 -7.52 32.33 -0.73
C SER B 212 -6.46 31.29 -0.37
N MET B 213 -6.58 30.08 -0.91
CA MET B 213 -5.61 29.03 -0.61
C MET B 213 -4.62 29.00 -1.76
N ASP B 214 -3.34 29.18 -1.44
CA ASP B 214 -2.31 29.21 -2.47
C ASP B 214 -1.96 27.80 -2.94
N MET B 215 -2.52 27.41 -4.08
CA MET B 215 -2.48 26.03 -4.57
C MET B 215 -1.13 25.58 -5.07
N LEU B 216 -0.23 26.54 -5.33
CA LEU B 216 1.15 26.22 -5.67
C LEU B 216 1.92 25.60 -4.49
N TYR B 217 1.61 26.04 -3.27
CA TYR B 217 2.25 25.54 -2.05
C TYR B 217 1.36 24.72 -1.10
N ALA B 218 0.04 24.80 -1.24
CA ALA B 218 -0.87 24.20 -0.25
C ALA B 218 -0.90 22.67 -0.27
N ASN B 219 -0.41 22.06 -1.35
CA ASN B 219 -0.44 20.60 -1.50
C ASN B 219 0.96 19.99 -1.58
N ALA B 220 1.97 20.77 -1.21
CA ALA B 220 3.38 20.39 -1.42
C ALA B 220 4.10 19.80 -0.22
N SER B 221 3.47 19.84 0.94
CA SER B 221 4.02 19.23 2.15
C SER B 221 2.92 18.80 3.10
N SER B 222 3.21 17.82 3.97
CA SER B 222 2.19 17.27 4.85
C SER B 222 1.87 18.19 6.04
N GLN B 223 2.85 19.00 6.45
CA GLN B 223 2.68 19.89 7.60
C GLN B 223 1.93 21.15 7.19
N LEU B 224 2.14 21.62 5.97
CA LEU B 224 1.47 22.83 5.51
C LEU B 224 0.13 22.50 4.87
N ASP B 225 -0.07 21.21 4.60
CA ASP B 225 -1.23 20.67 3.86
C ASP B 225 -2.55 21.43 4.06
N ARG B 226 -2.99 22.12 3.01
CA ARG B 226 -4.29 22.83 2.91
C ARG B 226 -4.41 23.96 3.91
N GLY B 227 -3.27 24.55 4.26
CA GLY B 227 -3.21 25.57 5.28
C GLY B 227 -2.45 26.80 4.85
N VAL B 228 -1.96 26.85 3.61
CA VAL B 228 -1.27 28.04 3.11
C VAL B 228 -2.30 28.99 2.51
N LEU B 229 -2.51 30.12 3.18
CA LEU B 229 -3.51 31.12 2.78
C LEU B 229 -2.84 32.45 2.52
N ARG B 230 -3.37 33.24 1.59
CA ARG B 230 -2.84 34.59 1.37
C ARG B 230 -3.92 35.63 1.02
N ARG B 231 -3.58 36.90 1.22
CA ARG B 231 -4.52 38.00 1.01
C ARG B 231 -4.67 38.35 -0.47
N VAL B 232 -5.90 38.21 -0.97
CA VAL B 232 -6.26 38.65 -2.32
C VAL B 232 -6.83 40.07 -2.21
N ALA B 233 -6.48 40.90 -3.20
CA ALA B 233 -6.68 42.35 -3.19
C ALA B 233 -8.07 42.79 -2.73
N ALA B 234 -8.11 43.64 -1.70
CA ALA B 234 -9.37 44.15 -1.16
C ALA B 234 -9.13 45.46 -0.41
N ASP C 3 -19.74 37.01 7.06
CA ASP C 3 -18.58 37.94 7.24
C ASP C 3 -17.80 37.65 8.53
N TYR C 4 -16.52 38.03 8.51
CA TYR C 4 -15.53 37.61 9.51
C TYR C 4 -15.36 38.61 10.66
N SER C 5 -15.31 39.90 10.35
CA SER C 5 -15.05 40.94 11.35
C SER C 5 -16.18 41.08 12.37
N ARG C 6 -17.34 40.53 12.05
CA ARG C 6 -18.46 40.43 12.98
C ARG C 6 -18.26 39.25 13.94
N GLN C 7 -18.14 38.05 13.37
CA GLN C 7 -18.08 36.79 14.13
C GLN C 7 -17.00 36.78 15.22
N ASN C 8 -17.36 36.21 16.37
CA ASN C 8 -16.39 35.72 17.33
C ASN C 8 -16.32 34.22 17.14
N PHE C 9 -15.10 33.70 16.97
CA PHE C 9 -14.90 32.31 16.58
C PHE C 9 -14.57 31.41 17.76
N LEU C 10 -15.33 30.31 17.87
CA LEU C 10 -15.03 29.29 18.85
C LEU C 10 -13.71 28.62 18.52
N ASP C 11 -13.03 28.17 19.57
CA ASP C 11 -11.76 27.44 19.46
C ASP C 11 -12.07 26.01 19.04
N LEU C 12 -11.54 25.58 17.90
CA LEU C 12 -11.89 24.26 17.38
C LEU C 12 -11.34 23.13 18.24
N ASN C 13 -10.26 23.38 18.99
CA ASN C 13 -9.65 22.37 19.88
C ASN C 13 -10.62 21.79 20.93
N LEU C 14 -11.69 22.51 21.25
CA LEU C 14 -12.77 22.01 22.14
C LEU C 14 -13.41 20.72 21.62
N PHE C 15 -13.50 20.63 20.30
CA PHE C 15 -14.07 19.48 19.60
C PHE C 15 -13.05 18.40 19.26
N ARG C 16 -11.79 18.57 19.68
CA ARG C 16 -10.77 17.66 19.25
C ARG C 16 -10.97 16.28 19.81
N GLY C 17 -11.17 15.34 18.90
CA GLY C 17 -11.33 13.94 19.25
C GLY C 17 -12.76 13.52 19.54
N LEU C 18 -13.68 14.49 19.51
CA LEU C 18 -15.07 14.28 19.91
C LEU C 18 -16.09 14.59 18.82
N GLY C 19 -15.90 15.68 18.08
CA GLY C 19 -16.93 16.19 17.19
C GLY C 19 -17.67 17.37 17.80
N GLU C 20 -18.63 17.92 17.08
CA GLU C 20 -19.23 19.20 17.47
C GLU C 20 -20.53 19.06 18.23
N ASP C 21 -21.08 17.85 18.27
CA ASP C 21 -22.44 17.61 18.76
C ASP C 21 -22.52 16.24 19.47
N PRO C 22 -22.64 16.23 20.80
CA PRO C 22 -22.74 14.97 21.56
C PRO C 22 -23.94 14.14 21.20
N ALA C 23 -24.94 14.77 20.58
CA ALA C 23 -26.17 14.08 20.15
C ALA C 23 -25.99 13.45 18.77
N TYR C 24 -26.40 12.19 18.66
CA TYR C 24 -26.35 11.44 17.41
C TYR C 24 -27.27 11.99 16.34
N HIS C 25 -26.73 12.17 15.14
CA HIS C 25 -27.55 12.34 13.96
C HIS C 25 -27.03 11.37 12.91
N PRO C 26 -27.93 10.62 12.26
CA PRO C 26 -27.48 9.67 11.25
C PRO C 26 -26.82 10.38 10.06
N PRO C 27 -26.00 9.66 9.30
CA PRO C 27 -25.37 10.26 8.13
C PRO C 27 -26.41 10.56 7.05
N VAL C 28 -26.09 11.53 6.20
CA VAL C 28 -26.86 11.78 4.99
C VAL C 28 -25.90 11.84 3.82
N LEU C 29 -26.43 11.50 2.65
CA LEU C 29 -25.65 11.56 1.43
C LEU C 29 -25.84 12.95 0.80
N THR C 30 -24.83 13.39 0.05
CA THR C 30 -24.93 14.63 -0.73
C THR C 30 -24.83 14.32 -2.23
N ASP C 31 -23.81 13.54 -2.60
CA ASP C 31 -23.51 13.28 -4.01
C ASP C 31 -24.21 12.05 -4.63
N ARG C 32 -25.11 11.42 -3.90
CA ARG C 32 -25.89 10.31 -4.48
C ARG C 32 -27.27 10.13 -3.89
N PRO C 33 -28.17 9.56 -4.69
CA PRO C 33 -29.45 9.08 -4.15
C PRO C 33 -29.24 7.91 -3.18
N ARG C 34 -30.12 7.81 -2.19
CA ARG C 34 -30.12 6.68 -1.27
C ARG C 34 -30.58 5.39 -1.95
N ASP C 35 -31.48 5.49 -2.92
CA ASP C 35 -31.99 4.33 -3.63
C ASP C 35 -31.37 4.22 -5.02
N TRP C 36 -30.29 3.46 -5.12
CA TRP C 36 -29.60 3.30 -6.38
C TRP C 36 -30.37 2.29 -7.27
N PRO C 37 -30.61 2.63 -8.54
CA PRO C 37 -31.32 1.72 -9.44
C PRO C 37 -30.45 0.54 -9.87
N LEU C 38 -30.99 -0.67 -9.73
CA LEU C 38 -30.23 -1.91 -9.94
C LEU C 38 -29.72 -2.10 -11.36
N ASP C 39 -30.44 -1.56 -12.35
CA ASP C 39 -30.01 -1.58 -13.75
C ASP C 39 -28.79 -0.67 -14.05
N ARG C 40 -28.37 0.13 -13.06
CA ARG C 40 -27.09 0.86 -13.10
C ARG C 40 -26.15 0.45 -11.96
N TRP C 41 -26.29 -0.79 -11.49
CA TRP C 41 -25.62 -1.24 -10.26
C TRP C 41 -24.10 -1.18 -10.32
N ALA C 42 -23.52 -1.42 -11.49
CA ALA C 42 -22.07 -1.40 -11.64
C ALA C 42 -21.52 0.02 -11.73
N GLU C 43 -22.40 1.00 -11.90
CA GLU C 43 -21.99 2.40 -12.03
C GLU C 43 -22.01 3.12 -10.69
N ALA C 44 -22.52 2.45 -9.65
CA ALA C 44 -22.68 3.08 -8.35
C ALA C 44 -21.32 3.31 -7.68
N PRO C 45 -21.18 4.41 -6.94
CA PRO C 45 -19.93 4.74 -6.28
C PRO C 45 -19.62 3.71 -5.19
N ARG C 46 -18.33 3.53 -4.92
CA ARG C 46 -17.84 2.44 -4.06
C ARG C 46 -17.43 2.89 -2.67
N ASP C 47 -17.26 4.20 -2.47
CA ASP C 47 -16.86 4.74 -1.18
C ASP C 47 -18.06 4.89 -0.25
N LEU C 48 -17.79 5.26 0.99
CA LEU C 48 -18.80 5.29 2.04
C LEU C 48 -19.95 6.26 1.79
N GLY C 49 -19.64 7.45 1.30
CA GLY C 49 -20.65 8.47 1.05
C GLY C 49 -20.74 9.55 2.11
N TYR C 50 -20.25 9.26 3.31
CA TYR C 50 -20.17 10.25 4.39
C TYR C 50 -18.83 10.18 5.12
N SER C 51 -18.56 11.16 5.98
CA SER C 51 -17.34 11.15 6.80
C SER C 51 -17.30 9.96 7.78
N ASP C 52 -16.21 9.21 7.73
CA ASP C 52 -16.01 8.06 8.62
C ASP C 52 -15.25 8.41 9.91
N PHE C 53 -15.44 9.63 10.44
CA PHE C 53 -14.70 10.06 11.63
C PHE C 53 -15.14 9.26 12.87
N SER C 54 -16.37 9.45 13.33
CA SER C 54 -16.87 8.70 14.46
C SER C 54 -18.34 8.46 14.23
N PRO C 55 -18.66 7.66 13.22
CA PRO C 55 -20.05 7.45 12.80
C PRO C 55 -20.74 6.31 13.56
N TYR C 56 -20.24 5.90 14.72
CA TYR C 56 -20.80 4.74 15.41
C TYR C 56 -21.87 5.12 16.45
N GLN C 57 -22.70 4.17 16.85
CA GLN C 57 -23.80 4.43 17.76
C GLN C 57 -24.27 3.23 18.55
N TRP C 58 -25.09 3.51 19.56
CA TRP C 58 -25.76 2.50 20.36
C TRP C 58 -27.10 3.05 20.82
N ARG C 59 -28.18 2.43 20.35
CA ARG C 59 -29.54 2.83 20.73
C ARG C 59 -29.71 4.34 20.68
N GLY C 60 -29.54 4.92 19.48
CA GLY C 60 -29.67 6.35 19.27
C GLY C 60 -28.68 7.26 19.97
N LEU C 61 -27.61 6.69 20.54
CA LEU C 61 -26.56 7.45 21.25
C LEU C 61 -25.22 7.30 20.55
N ARG C 62 -24.40 8.35 20.54
CA ARG C 62 -23.09 8.28 19.90
C ARG C 62 -22.17 7.28 20.62
N MET C 63 -21.29 6.63 19.87
CA MET C 63 -20.26 5.76 20.43
C MET C 63 -18.91 6.18 19.87
N LEU C 64 -17.98 6.50 20.78
CA LEU C 64 -16.62 6.85 20.40
C LEU C 64 -15.78 5.60 20.16
N LYS C 65 -16.05 4.53 20.89
CA LYS C 65 -15.33 3.27 20.70
C LYS C 65 -15.81 2.58 19.43
N ASP C 66 -14.91 2.30 18.51
CA ASP C 66 -15.30 1.71 17.23
C ASP C 66 -15.54 0.19 17.34
N PRO C 67 -16.16 -0.42 16.33
CA PRO C 67 -16.51 -1.85 16.36
C PRO C 67 -15.42 -2.80 16.84
N ASP C 68 -14.19 -2.60 16.42
CA ASP C 68 -13.11 -3.50 16.82
C ASP C 68 -12.82 -3.40 18.30
N THR C 69 -12.89 -2.17 18.83
CA THR C 69 -12.78 -1.94 20.26
C THR C 69 -13.95 -2.55 21.00
N GLN C 70 -15.18 -2.28 20.53
CA GLN C 70 -16.38 -2.92 21.07
C GLN C 70 -16.19 -4.43 21.17
N ALA C 71 -15.63 -5.04 20.13
CA ALA C 71 -15.41 -6.48 20.08
C ALA C 71 -14.39 -6.96 21.12
N VAL C 72 -13.36 -6.15 21.38
CA VAL C 72 -12.41 -6.48 22.43
C VAL C 72 -13.06 -6.36 23.82
N TYR C 73 -13.90 -5.35 24.05
CA TYR C 73 -14.55 -5.19 25.35
C TYR C 73 -15.64 -6.25 25.54
N HIS C 74 -16.26 -6.69 24.44
CA HIS C 74 -17.21 -7.78 24.54
C HIS C 74 -16.50 -9.01 25.10
N ASP C 75 -15.43 -9.42 24.44
CA ASP C 75 -14.65 -10.58 24.86
C ASP C 75 -14.18 -10.45 26.30
N MET C 76 -13.71 -9.27 26.67
CA MET C 76 -13.11 -9.03 27.99
C MET C 76 -14.17 -9.23 29.06
N LEU C 77 -15.30 -8.54 28.90
CA LEU C 77 -16.46 -8.66 29.78
C LEU C 77 -16.88 -10.11 30.01
N TRP C 78 -16.93 -10.88 28.92
CA TRP C 78 -17.38 -12.28 28.97
C TRP C 78 -16.40 -13.19 29.72
N GLU C 79 -15.11 -12.91 29.59
CA GLU C 79 -14.09 -13.63 30.33
C GLU C 79 -14.05 -13.19 31.81
N LEU C 80 -14.11 -11.89 32.03
CA LEU C 80 -13.77 -11.33 33.33
C LEU C 80 -14.99 -11.27 34.26
N ARG C 81 -16.17 -11.14 33.68
CA ARG C 81 -17.42 -10.97 34.43
C ARG C 81 -17.29 -9.88 35.54
N PRO C 82 -16.99 -8.65 35.12
CA PRO C 82 -16.71 -7.56 36.07
C PRO C 82 -17.93 -7.07 36.82
N ARG C 83 -17.77 -6.85 38.12
CA ARG C 83 -18.80 -6.20 38.92
C ARG C 83 -18.83 -4.70 38.70
N THR C 84 -17.67 -4.10 38.48
CA THR C 84 -17.59 -2.66 38.35
C THR C 84 -16.72 -2.27 37.17
N ILE C 85 -17.28 -1.42 36.31
CA ILE C 85 -16.52 -0.81 35.22
C ILE C 85 -16.55 0.70 35.43
N VAL C 86 -15.37 1.33 35.31
CA VAL C 86 -15.18 2.74 35.62
C VAL C 86 -14.55 3.47 34.43
N GLU C 87 -15.36 4.24 33.72
CA GLU C 87 -14.84 5.13 32.67
C GLU C 87 -14.35 6.42 33.30
N LEU C 88 -13.11 6.79 33.01
CA LEU C 88 -12.53 8.05 33.45
C LEU C 88 -12.67 9.07 32.30
N GLY C 89 -13.82 9.70 32.23
CA GLY C 89 -14.15 10.64 31.17
C GLY C 89 -15.42 10.13 30.54
N VAL C 90 -16.38 11.01 30.28
CA VAL C 90 -17.71 10.56 29.86
C VAL C 90 -18.13 10.99 28.44
N TYR C 91 -17.94 12.27 28.12
CA TYR C 91 -18.55 12.86 26.91
C TYR C 91 -20.07 12.64 26.90
N ASN C 92 -20.57 11.86 25.94
CA ASN C 92 -22.02 11.77 25.71
C ASN C 92 -22.66 10.61 26.48
N GLY C 93 -21.85 9.70 27.01
CA GLY C 93 -22.35 8.61 27.83
C GLY C 93 -22.61 7.32 27.05
N GLY C 94 -22.42 7.36 25.74
CA GLY C 94 -22.68 6.20 24.89
C GLY C 94 -22.01 4.94 25.42
N SER C 95 -20.74 5.08 25.77
CA SER C 95 -19.95 3.98 26.32
C SER C 95 -20.54 3.42 27.61
N LEU C 96 -20.98 4.31 28.50
CA LEU C 96 -21.63 3.90 29.75
C LEU C 96 -22.88 3.02 29.52
N ALA C 97 -23.77 3.50 28.67
CA ALA C 97 -25.02 2.81 28.31
C ALA C 97 -24.79 1.45 27.66
N TRP C 98 -23.77 1.37 26.80
CA TRP C 98 -23.42 0.14 26.10
C TRP C 98 -22.90 -0.88 27.10
N PHE C 99 -21.94 -0.46 27.93
CA PHE C 99 -21.32 -1.32 28.94
C PHE C 99 -22.38 -1.89 29.87
N ARG C 100 -23.35 -1.05 30.23
CA ARG C 100 -24.43 -1.44 31.14
C ARG C 100 -25.43 -2.38 30.45
N ASP C 101 -25.83 -2.06 29.23
CA ASP C 101 -26.71 -2.91 28.44
C ASP C 101 -26.08 -4.28 28.18
N LEU C 102 -24.76 -4.30 27.98
CA LEU C 102 -24.05 -5.49 27.52
C LEU C 102 -23.88 -6.47 28.66
N THR C 103 -23.41 -5.96 29.79
CA THR C 103 -23.41 -6.72 31.05
C THR C 103 -24.79 -7.29 31.41
N LYS C 104 -25.85 -6.60 31.00
CA LYS C 104 -27.23 -7.02 31.27
C LYS C 104 -27.64 -8.24 30.43
N ILE C 105 -27.29 -8.26 29.15
CA ILE C 105 -27.63 -9.40 28.28
C ILE C 105 -26.73 -10.61 28.55
N MET C 106 -25.52 -10.37 29.06
CA MET C 106 -24.66 -11.44 29.53
C MET C 106 -25.10 -11.92 30.91
N GLY C 107 -25.97 -11.17 31.57
CA GLY C 107 -26.49 -11.54 32.88
C GLY C 107 -25.59 -11.14 34.05
N ILE C 108 -24.44 -10.54 33.76
CA ILE C 108 -23.50 -10.09 34.78
C ILE C 108 -24.10 -8.97 35.64
N ASP C 109 -23.95 -9.09 36.96
CA ASP C 109 -24.35 -8.01 37.86
C ASP C 109 -23.23 -6.96 37.93
N CYS C 110 -23.39 -5.89 37.16
CA CYS C 110 -22.37 -4.84 37.02
C CYS C 110 -22.92 -3.41 37.25
N GLN C 111 -22.15 -2.58 37.96
CA GLN C 111 -22.38 -1.14 38.04
C GLN C 111 -21.39 -0.46 37.10
N VAL C 112 -21.83 0.63 36.47
CA VAL C 112 -20.92 1.43 35.65
C VAL C 112 -20.84 2.85 36.22
N ILE C 113 -19.61 3.33 36.43
CA ILE C 113 -19.38 4.68 36.93
C ILE C 113 -18.69 5.53 35.88
N GLY C 114 -19.11 6.80 35.76
CA GLY C 114 -18.53 7.71 34.78
C GLY C 114 -18.06 9.00 35.42
N ILE C 115 -16.74 9.16 35.56
CA ILE C 115 -16.12 10.33 36.18
C ILE C 115 -15.72 11.37 35.14
N ASP C 116 -16.20 12.60 35.29
CA ASP C 116 -15.76 13.70 34.42
C ASP C 116 -16.01 15.04 35.08
N ARG C 117 -15.10 15.99 34.86
CA ARG C 117 -15.29 17.37 35.29
C ARG C 117 -16.56 18.00 34.72
N ASP C 118 -16.96 17.58 33.53
CA ASP C 118 -18.11 18.16 32.83
C ASP C 118 -19.11 17.09 32.40
N LEU C 119 -20.13 16.84 33.23
CA LEU C 119 -21.18 15.86 32.89
C LEU C 119 -22.36 16.48 32.13
N SER C 120 -22.16 17.66 31.56
CA SER C 120 -23.23 18.42 30.92
C SER C 120 -23.57 17.86 29.52
N ARG C 121 -22.55 17.48 28.78
CA ARG C 121 -22.75 16.92 27.43
C ARG C 121 -23.43 15.55 27.46
N CYS C 122 -23.51 14.93 28.64
CA CYS C 122 -24.18 13.64 28.77
C CYS C 122 -25.64 13.61 28.26
N GLN C 123 -25.96 12.63 27.43
CA GLN C 123 -27.21 12.58 26.65
C GLN C 123 -28.09 11.38 27.02
N ILE C 124 -27.72 10.64 28.06
CA ILE C 124 -28.55 9.51 28.49
C ILE C 124 -29.82 10.08 29.13
N PRO C 125 -31.00 9.65 28.66
CA PRO C 125 -32.28 10.01 29.33
C PRO C 125 -32.33 9.53 30.78
N ALA C 126 -33.12 10.21 31.62
CA ALA C 126 -33.19 9.92 33.06
C ALA C 126 -33.73 8.52 33.38
N SER C 127 -34.66 8.04 32.56
CA SER C 127 -35.28 6.72 32.76
C SER C 127 -34.30 5.56 32.53
N ASP C 128 -33.43 5.72 31.54
CA ASP C 128 -32.51 4.66 31.13
C ASP C 128 -31.19 4.65 31.91
N MET C 129 -31.18 5.26 33.09
CA MET C 129 -29.95 5.37 33.88
C MET C 129 -29.79 4.24 34.93
N GLU C 130 -30.61 3.21 34.85
CA GLU C 130 -30.52 2.10 35.80
C GLU C 130 -29.10 1.56 35.81
N ASN C 131 -28.49 1.47 36.98
CA ASN C 131 -27.15 0.89 37.15
C ASN C 131 -26.00 1.73 36.57
N ILE C 132 -26.21 3.04 36.49
CA ILE C 132 -25.23 3.96 35.93
C ILE C 132 -25.07 5.18 36.84
N THR C 133 -24.17 5.09 37.82
CA THR C 133 -23.85 6.23 38.67
C THR C 133 -22.80 7.13 38.00
N LEU C 134 -23.03 8.45 38.04
CA LEU C 134 -22.10 9.48 37.54
C LEU C 134 -21.47 10.24 38.72
N HIS C 135 -20.37 10.93 38.45
CA HIS C 135 -19.65 11.68 39.48
C HIS C 135 -18.92 12.86 38.86
N GLN C 136 -19.04 14.04 39.46
CA GLN C 136 -18.21 15.18 39.07
C GLN C 136 -16.89 15.13 39.83
N GLY C 137 -15.83 15.68 39.25
CA GLY C 137 -14.51 15.66 39.86
C GLY C 137 -13.36 15.96 38.91
N ASP C 138 -12.24 16.37 39.48
CA ASP C 138 -11.05 16.74 38.71
C ASP C 138 -10.02 15.62 38.69
N CYS C 139 -9.32 15.47 37.55
CA CYS C 139 -8.20 14.53 37.43
C CYS C 139 -6.87 15.10 37.97
N SER C 140 -6.95 15.93 39.01
CA SER C 140 -5.77 16.43 39.75
C SER C 140 -5.83 16.02 41.22
N ASP C 141 -7.04 15.78 41.73
CA ASP C 141 -7.23 15.15 43.04
C ASP C 141 -7.18 13.64 42.89
N LEU C 142 -6.37 12.99 43.72
CA LEU C 142 -6.50 11.56 43.96
C LEU C 142 -7.61 11.34 45.00
N THR C 143 -8.09 12.45 45.57
CA THR C 143 -9.21 12.43 46.51
C THR C 143 -10.56 12.33 45.77
N THR C 144 -10.55 12.54 44.44
CA THR C 144 -11.75 12.31 43.64
C THR C 144 -12.07 10.82 43.60
N PHE C 145 -11.03 9.99 43.64
CA PHE C 145 -11.17 8.56 43.44
C PHE C 145 -11.44 7.79 44.72
N GLU C 146 -10.84 8.21 45.83
CA GLU C 146 -11.18 7.64 47.13
C GLU C 146 -12.68 7.81 47.29
N HIS C 147 -13.10 9.07 47.30
CA HIS C 147 -14.50 9.48 47.53
C HIS C 147 -15.55 8.58 46.87
N LEU C 148 -15.21 8.00 45.71
CA LEU C 148 -16.05 6.96 45.13
C LEU C 148 -16.03 5.74 46.02
N ARG C 149 -17.15 5.50 46.71
CA ARG C 149 -17.29 4.38 47.66
C ARG C 149 -16.73 3.09 47.09
N GLU C 150 -16.41 2.14 47.97
CA GLU C 150 -15.74 0.92 47.54
C GLU C 150 -16.66 -0.04 46.77
N MET C 151 -16.29 -0.28 45.52
CA MET C 151 -17.10 -1.07 44.61
C MET C 151 -16.61 -2.50 44.63
N ALA C 152 -17.43 -3.41 44.13
CA ALA C 152 -17.09 -4.83 44.08
C ALA C 152 -16.13 -5.08 42.94
N HIS C 153 -15.48 -6.24 43.00
CA HIS C 153 -14.54 -6.69 41.97
C HIS C 153 -15.00 -8.04 41.40
N PRO C 154 -14.43 -8.50 40.29
CA PRO C 154 -13.45 -7.79 39.46
C PRO C 154 -13.93 -6.46 38.87
N LEU C 155 -12.99 -5.53 38.72
CA LEU C 155 -13.26 -4.19 38.19
C LEU C 155 -12.33 -3.88 37.02
N ILE C 156 -12.84 -3.15 36.03
CA ILE C 156 -12.07 -2.57 34.93
C ILE C 156 -12.04 -1.05 35.06
N PHE C 157 -10.89 -0.45 34.78
CA PHE C 157 -10.72 1.01 34.88
C PHE C 157 -10.21 1.55 33.56
N ILE C 158 -11.06 2.24 32.83
CA ILE C 158 -10.71 2.79 31.54
C ILE C 158 -10.39 4.26 31.70
N ASP C 159 -9.26 4.69 31.18
CA ASP C 159 -8.86 6.08 31.18
C ASP C 159 -9.12 6.67 29.80
N ASP C 160 -10.11 7.55 29.73
CA ASP C 160 -10.43 8.31 28.52
C ASP C 160 -10.20 9.80 28.68
N ALA C 161 -9.47 10.23 29.72
CA ALA C 161 -9.20 11.65 29.95
C ALA C 161 -7.73 11.98 29.67
N HIS C 162 -6.82 11.13 30.15
CA HIS C 162 -5.41 11.16 29.77
C HIS C 162 -4.61 12.28 30.42
N ALA C 163 -5.10 12.81 31.55
CA ALA C 163 -4.42 13.87 32.30
C ALA C 163 -3.96 13.32 33.64
N ASN C 164 -2.70 13.58 33.99
CA ASN C 164 -2.12 13.13 35.27
C ASN C 164 -2.27 11.61 35.43
N THR C 165 -2.13 10.89 34.31
CA THR C 165 -2.51 9.49 34.21
C THR C 165 -1.63 8.56 35.05
N PHE C 166 -0.31 8.69 34.93
CA PHE C 166 0.58 7.84 35.70
C PHE C 166 0.43 8.01 37.21
N ASN C 167 0.13 9.21 37.69
CA ASN C 167 -0.15 9.40 39.10
C ASN C 167 -1.46 8.72 39.50
N ILE C 168 -2.42 8.74 38.58
CA ILE C 168 -3.70 8.07 38.79
C ILE C 168 -3.53 6.55 38.73
N MET C 169 -2.51 6.08 38.01
CA MET C 169 -2.24 4.65 37.92
C MET C 169 -1.60 4.14 39.22
N LYS C 170 -0.74 4.95 39.82
CA LYS C 170 -0.08 4.59 41.08
C LYS C 170 -1.12 4.50 42.20
N TRP C 171 -2.06 5.43 42.19
CA TRP C 171 -3.14 5.43 43.16
C TRP C 171 -4.00 4.18 43.04
N ALA C 172 -4.35 3.80 41.82
CA ALA C 172 -5.27 2.68 41.62
C ALA C 172 -4.62 1.35 42.01
N VAL C 173 -3.34 1.17 41.71
CA VAL C 173 -2.65 -0.07 42.04
C VAL C 173 -2.66 -0.30 43.54
N ASP C 174 -2.34 0.75 44.31
CA ASP C 174 -2.17 0.61 45.76
C ASP C 174 -3.51 0.56 46.50
N HIS C 175 -4.41 1.47 46.16
CA HIS C 175 -5.62 1.69 46.97
C HIS C 175 -6.92 1.15 46.36
N LEU C 176 -6.83 0.42 45.24
CA LEU C 176 -8.04 0.01 44.51
C LEU C 176 -7.95 -1.33 43.76
N LEU C 177 -6.86 -1.57 43.04
CA LEU C 177 -6.79 -2.72 42.13
C LEU C 177 -6.37 -4.00 42.85
N GLU C 178 -7.15 -5.06 42.65
CA GLU C 178 -6.79 -6.41 43.07
C GLU C 178 -6.24 -7.21 41.88
N GLU C 179 -5.71 -8.39 42.17
CA GLU C 179 -5.19 -9.27 41.11
C GLU C 179 -6.28 -9.50 40.08
N GLY C 180 -5.93 -9.25 38.81
CA GLY C 180 -6.82 -9.53 37.71
C GLY C 180 -7.71 -8.36 37.29
N ASP C 181 -7.89 -7.36 38.16
CA ASP C 181 -8.52 -6.10 37.77
C ASP C 181 -7.74 -5.47 36.62
N TYR C 182 -8.41 -4.64 35.83
CA TYR C 182 -7.82 -4.01 34.66
C TYR C 182 -7.56 -2.51 34.85
N PHE C 183 -6.43 -2.04 34.34
CA PHE C 183 -6.17 -0.61 34.12
C PHE C 183 -5.78 -0.41 32.65
N ILE C 184 -6.67 0.23 31.90
CA ILE C 184 -6.57 0.36 30.46
C ILE C 184 -6.45 1.82 30.07
N ILE C 185 -5.43 2.16 29.29
CA ILE C 185 -5.26 3.51 28.77
C ILE C 185 -5.52 3.52 27.27
N GLU C 186 -6.59 4.22 26.87
CA GLU C 186 -7.02 4.25 25.48
C GLU C 186 -6.34 5.38 24.70
N ASP C 187 -5.94 5.04 23.48
CA ASP C 187 -5.54 5.99 22.44
C ASP C 187 -4.16 6.56 22.60
N MET C 188 -3.66 6.59 23.83
CA MET C 188 -2.64 7.57 24.18
C MET C 188 -1.25 7.01 24.20
N ILE C 189 -1.10 5.72 24.49
CA ILE C 189 0.23 5.16 24.71
C ILE C 189 1.15 5.25 23.48
N PRO C 190 0.69 4.86 22.29
CA PRO C 190 1.53 5.01 21.09
C PRO C 190 2.01 6.44 20.84
N TYR C 191 1.21 7.43 21.20
CA TYR C 191 1.61 8.82 21.02
C TYR C 191 2.64 9.27 22.06
N TRP C 192 2.49 8.79 23.28
CA TRP C 192 3.44 9.12 24.36
C TRP C 192 4.80 8.43 24.17
N TYR C 193 4.83 7.30 23.48
CA TYR C 193 6.08 6.60 23.21
C TYR C 193 6.78 7.18 21.96
N ARG C 194 6.02 7.76 21.04
CA ARG C 194 6.62 8.46 19.89
C ARG C 194 7.21 9.79 20.31
N TYR C 195 6.49 10.53 21.15
CA TYR C 195 6.93 11.87 21.57
C TYR C 195 7.95 11.85 22.71
N ALA C 196 7.91 10.82 23.54
CA ALA C 196 8.77 10.76 24.72
C ALA C 196 9.14 9.32 25.04
N PRO C 197 9.94 8.71 24.17
CA PRO C 197 10.26 7.29 24.29
C PRO C 197 10.99 6.94 25.58
N GLN C 198 11.97 7.75 25.98
CA GLN C 198 12.79 7.50 27.16
C GLN C 198 11.98 7.55 28.46
N LEU C 199 11.25 8.64 28.66
CA LEU C 199 10.45 8.84 29.87
C LEU C 199 9.24 7.90 29.98
N PHE C 200 8.61 7.59 28.86
CA PHE C 200 7.51 6.62 28.87
C PHE C 200 8.04 5.22 29.20
N SER C 201 9.15 4.85 28.58
CA SER C 201 9.80 3.58 28.88
C SER C 201 10.11 3.44 30.36
N GLU C 202 10.55 4.53 30.99
CA GLU C 202 10.96 4.51 32.39
C GLU C 202 9.75 4.50 33.33
N TYR C 203 8.70 5.21 32.94
CA TYR C 203 7.52 5.41 33.77
C TYR C 203 6.71 4.14 33.84
N LEU C 204 6.40 3.57 32.68
CA LEU C 204 5.72 2.27 32.58
C LEU C 204 6.54 1.16 33.24
N GLY C 205 7.87 1.25 33.14
CA GLY C 205 8.76 0.26 33.69
C GLY C 205 8.61 0.11 35.18
N ALA C 206 8.35 1.23 35.86
CA ALA C 206 8.17 1.28 37.31
C ALA C 206 7.05 0.35 37.81
N PHE C 207 6.10 0.02 36.95
CA PHE C 207 4.96 -0.83 37.30
C PHE C 207 5.19 -2.30 36.95
N ARG C 208 6.43 -2.72 36.74
CA ARG C 208 6.72 -4.11 36.36
C ARG C 208 6.28 -5.12 37.44
N ASP C 209 6.45 -4.78 38.70
CA ASP C 209 6.15 -5.71 39.79
C ASP C 209 4.65 -5.78 40.14
N VAL C 210 3.84 -4.88 39.60
CA VAL C 210 2.43 -4.81 39.97
C VAL C 210 1.44 -4.78 38.80
N LEU C 211 1.94 -4.77 37.56
CA LEU C 211 1.09 -4.71 36.36
C LEU C 211 1.74 -5.39 35.16
N SER C 212 0.92 -6.08 34.37
CA SER C 212 1.37 -6.65 33.11
C SER C 212 0.55 -6.12 31.94
N MET C 213 0.97 -6.45 30.72
CA MET C 213 0.21 -6.13 29.50
C MET C 213 -0.49 -7.39 29.05
N ASP C 214 -1.76 -7.28 28.72
CA ASP C 214 -2.55 -8.46 28.43
C ASP C 214 -2.52 -8.66 26.92
N MET C 215 -1.66 -9.57 26.49
CA MET C 215 -1.35 -9.76 25.08
C MET C 215 -2.47 -10.44 24.31
N LEU C 216 -3.45 -10.98 25.01
CA LEU C 216 -4.64 -11.48 24.34
C LEU C 216 -5.47 -10.33 23.77
N TYR C 217 -5.38 -9.15 24.38
CA TYR C 217 -6.21 -8.01 23.96
C TYR C 217 -5.43 -6.79 23.47
N ALA C 218 -4.14 -6.72 23.78
CA ALA C 218 -3.38 -5.50 23.61
C ALA C 218 -3.13 -5.17 22.13
N ASN C 219 -3.24 -6.17 21.26
CA ASN C 219 -3.00 -5.96 19.83
C ASN C 219 -4.27 -6.14 18.97
N ALA C 220 -5.44 -6.10 19.59
CA ALA C 220 -6.68 -6.47 18.90
C ALA C 220 -7.50 -5.28 18.43
N SER C 221 -7.05 -4.06 18.76
CA SER C 221 -7.70 -2.86 18.22
C SER C 221 -6.79 -1.68 18.33
N SER C 222 -6.98 -0.69 17.47
CA SER C 222 -6.06 0.45 17.39
C SER C 222 -6.31 1.50 18.46
N GLN C 223 -7.49 1.52 19.04
CA GLN C 223 -7.77 2.41 20.16
C GLN C 223 -7.15 1.85 21.44
N LEU C 224 -7.24 0.54 21.63
CA LEU C 224 -6.67 -0.12 22.79
C LEU C 224 -5.22 -0.51 22.59
N ASP C 225 -4.71 -0.32 21.37
CA ASP C 225 -3.38 -0.79 21.00
C ASP C 225 -2.32 -0.49 22.07
N ARG C 226 -1.85 -1.56 22.71
CA ARG C 226 -0.68 -1.56 23.60
C ARG C 226 -0.90 -0.89 24.96
N GLY C 227 -2.14 -0.90 25.44
CA GLY C 227 -2.46 -0.23 26.69
C GLY C 227 -3.47 -0.94 27.58
N VAL C 228 -3.59 -2.26 27.43
CA VAL C 228 -4.49 -3.04 28.26
C VAL C 228 -3.63 -3.75 29.31
N LEU C 229 -3.84 -3.45 30.59
CA LEU C 229 -3.00 -3.98 31.68
C LEU C 229 -3.81 -4.63 32.83
N ARG C 230 -3.14 -5.40 33.71
CA ARG C 230 -3.82 -6.01 34.87
C ARG C 230 -2.98 -6.39 36.12
N ARG C 231 -2.14 -7.43 36.04
CA ARG C 231 -1.30 -7.90 37.19
C ARG C 231 -0.82 -9.37 37.11
N VAL C 232 0.51 -9.59 36.96
CA VAL C 232 1.25 -10.88 37.23
C VAL C 232 2.15 -11.48 36.09
N ALA C 233 3.24 -10.80 35.72
CA ALA C 233 4.06 -11.22 34.56
C ALA C 233 5.39 -11.88 34.89
N ALA C 234 6.18 -12.16 33.85
CA ALA C 234 7.56 -12.67 33.95
C ALA C 234 7.66 -14.01 34.65
N ASN D 2 -40.17 -5.45 -14.63
CA ASN D 2 -40.97 -6.70 -14.44
C ASN D 2 -40.30 -7.95 -15.02
N ASP D 3 -39.13 -7.77 -15.64
CA ASP D 3 -38.44 -8.86 -16.35
C ASP D 3 -37.99 -10.01 -15.44
N TYR D 4 -38.07 -9.81 -14.13
CA TYR D 4 -37.66 -10.84 -13.19
C TYR D 4 -38.55 -12.08 -13.18
N SER D 5 -39.87 -11.90 -13.34
CA SER D 5 -40.81 -13.03 -13.27
C SER D 5 -40.69 -13.98 -14.46
N ARG D 6 -40.70 -13.42 -15.68
CA ARG D 6 -40.69 -14.22 -16.91
C ARG D 6 -39.36 -14.93 -17.17
N GLN D 7 -38.28 -14.46 -16.55
CA GLN D 7 -36.98 -15.13 -16.63
C GLN D 7 -36.81 -16.18 -15.53
N ASN D 8 -36.00 -17.19 -15.81
CA ASN D 8 -35.53 -18.12 -14.77
C ASN D 8 -34.01 -18.26 -14.77
N PHE D 9 -33.47 -18.35 -13.57
CA PHE D 9 -32.09 -18.01 -13.29
C PHE D 9 -31.21 -19.24 -13.17
N LEU D 10 -30.22 -19.33 -14.06
CA LEU D 10 -29.13 -20.28 -13.91
C LEU D 10 -28.48 -19.97 -12.56
N ASP D 11 -27.80 -20.96 -11.99
CA ASP D 11 -27.07 -20.75 -10.74
C ASP D 11 -25.66 -20.27 -11.04
N LEU D 12 -25.33 -19.08 -10.55
CA LEU D 12 -24.04 -18.45 -10.84
C LEU D 12 -22.85 -19.17 -10.18
N ASN D 13 -23.13 -19.95 -9.14
CA ASN D 13 -22.11 -20.81 -8.53
C ASN D 13 -21.45 -21.76 -9.55
N LEU D 14 -22.18 -22.14 -10.59
CA LEU D 14 -21.61 -22.95 -11.66
C LEU D 14 -20.43 -22.28 -12.40
N PHE D 15 -20.49 -20.96 -12.53
CA PHE D 15 -19.40 -20.18 -13.16
C PHE D 15 -18.31 -19.74 -12.16
N ARG D 16 -18.12 -20.49 -11.09
CA ARG D 16 -17.26 -20.06 -10.03
C ARG D 16 -15.83 -20.35 -10.33
N GLY D 17 -15.03 -19.30 -10.38
CA GLY D 17 -13.62 -19.42 -10.69
C GLY D 17 -13.32 -19.86 -12.12
N LEU D 18 -14.30 -19.74 -13.01
CA LEU D 18 -14.20 -20.25 -14.38
C LEU D 18 -14.73 -19.24 -15.38
N GLY D 19 -15.92 -18.70 -15.14
CA GLY D 19 -16.51 -17.70 -16.02
C GLY D 19 -17.75 -18.22 -16.69
N GLU D 20 -18.36 -17.38 -17.50
CA GLU D 20 -19.66 -17.68 -18.10
C GLU D 20 -19.59 -18.59 -19.32
N ASP D 21 -18.40 -18.73 -19.91
CA ASP D 21 -18.27 -19.25 -21.24
C ASP D 21 -16.87 -19.83 -21.47
N PRO D 22 -16.79 -21.13 -21.77
CA PRO D 22 -15.48 -21.78 -21.99
C PRO D 22 -14.78 -21.37 -23.29
N ALA D 23 -15.52 -20.82 -24.25
CA ALA D 23 -14.92 -20.32 -25.47
C ALA D 23 -14.21 -19.00 -25.17
N TYR D 24 -13.11 -18.76 -25.89
CA TYR D 24 -12.40 -17.49 -25.82
C TYR D 24 -13.09 -16.41 -26.60
N HIS D 25 -13.19 -15.24 -25.98
CA HIS D 25 -13.53 -14.02 -26.70
C HIS D 25 -12.58 -12.89 -26.28
N PRO D 26 -12.03 -12.14 -27.25
CA PRO D 26 -11.10 -11.07 -26.93
C PRO D 26 -11.78 -9.99 -26.13
N PRO D 27 -11.04 -9.30 -25.26
CA PRO D 27 -11.59 -8.15 -24.53
C PRO D 27 -12.15 -7.11 -25.46
N VAL D 28 -13.10 -6.33 -24.98
CA VAL D 28 -13.68 -5.25 -25.78
C VAL D 28 -13.78 -3.96 -24.94
N LEU D 29 -13.35 -2.85 -25.55
CA LEU D 29 -13.36 -1.56 -24.87
C LEU D 29 -14.75 -0.92 -24.96
N THR D 30 -15.21 -0.37 -23.83
CA THR D 30 -16.54 0.25 -23.73
C THR D 30 -16.52 1.78 -23.52
N ASP D 31 -15.53 2.25 -22.75
CA ASP D 31 -15.46 3.65 -22.33
C ASP D 31 -14.27 4.41 -22.91
N ARG D 32 -13.75 3.95 -24.05
CA ARG D 32 -12.60 4.58 -24.70
C ARG D 32 -12.34 4.03 -26.08
N PRO D 33 -11.89 4.89 -26.98
CA PRO D 33 -11.59 4.44 -28.34
C PRO D 33 -10.38 3.52 -28.32
N ARG D 34 -10.35 2.56 -29.23
CA ARG D 34 -9.19 1.69 -29.31
C ARG D 34 -7.96 2.50 -29.72
N ASP D 35 -8.16 3.50 -30.57
CA ASP D 35 -7.05 4.25 -31.16
C ASP D 35 -6.95 5.64 -30.58
N TRP D 36 -6.15 5.78 -29.53
CA TRP D 36 -5.98 7.06 -28.85
C TRP D 36 -5.06 7.97 -29.64
N PRO D 37 -5.46 9.21 -29.88
CA PRO D 37 -4.64 10.17 -30.65
C PRO D 37 -3.45 10.70 -29.83
N LEU D 38 -2.29 10.76 -30.46
CA LEU D 38 -1.03 10.99 -29.76
C LEU D 38 -0.89 12.43 -29.28
N ASP D 39 -1.57 13.36 -29.93
CA ASP D 39 -1.52 14.77 -29.52
C ASP D 39 -2.20 14.99 -28.17
N ARG D 40 -3.13 14.10 -27.81
CA ARG D 40 -3.66 14.02 -26.46
C ARG D 40 -3.21 12.73 -25.78
N TRP D 41 -1.93 12.38 -25.93
CA TRP D 41 -1.41 11.10 -25.42
C TRP D 41 -1.42 11.01 -23.89
N ALA D 42 -1.15 12.13 -23.23
CA ALA D 42 -1.03 12.16 -21.78
C ALA D 42 -2.39 12.21 -21.09
N GLU D 43 -3.47 12.47 -21.82
CA GLU D 43 -4.83 12.43 -21.25
C GLU D 43 -5.40 11.01 -21.18
N ALA D 44 -4.73 10.04 -21.80
CA ALA D 44 -5.29 8.71 -21.97
C ALA D 44 -5.34 7.96 -20.64
N PRO D 45 -6.45 7.29 -20.36
CA PRO D 45 -6.57 6.53 -19.11
C PRO D 45 -5.50 5.45 -18.99
N ARG D 46 -5.01 5.26 -17.76
CA ARG D 46 -3.87 4.38 -17.47
C ARG D 46 -4.29 2.99 -17.03
N ASP D 47 -5.51 2.86 -16.54
CA ASP D 47 -6.06 1.57 -16.17
C ASP D 47 -6.32 0.69 -17.41
N LEU D 48 -6.59 -0.58 -17.15
CA LEU D 48 -6.52 -1.63 -18.16
C LEU D 48 -7.69 -1.63 -19.15
N GLY D 49 -8.88 -1.20 -18.72
CA GLY D 49 -10.00 -1.01 -19.63
C GLY D 49 -10.95 -2.18 -19.80
N TYR D 50 -10.72 -3.23 -19.03
CA TYR D 50 -11.61 -4.36 -18.97
C TYR D 50 -11.36 -5.24 -17.72
N SER D 51 -12.19 -6.26 -17.53
CA SER D 51 -12.02 -7.20 -16.42
C SER D 51 -10.67 -7.92 -16.41
N ASP D 52 -9.92 -7.78 -15.32
CA ASP D 52 -8.69 -8.56 -15.13
C ASP D 52 -8.92 -9.99 -14.62
N PHE D 53 -10.13 -10.54 -14.79
CA PHE D 53 -10.47 -11.82 -14.14
C PHE D 53 -9.61 -12.95 -14.70
N SER D 54 -9.88 -13.38 -15.92
CA SER D 54 -9.09 -14.43 -16.53
C SER D 54 -9.03 -14.17 -18.02
N PRO D 55 -8.36 -13.10 -18.40
CA PRO D 55 -8.33 -12.64 -19.79
C PRO D 55 -7.25 -13.30 -20.65
N TYR D 56 -6.68 -14.43 -20.22
CA TYR D 56 -5.54 -15.00 -20.89
C TYR D 56 -5.98 -16.09 -21.87
N GLN D 57 -5.17 -16.33 -22.90
CA GLN D 57 -5.46 -17.36 -23.90
C GLN D 57 -4.21 -18.10 -24.37
N TRP D 58 -4.43 -19.18 -25.10
CA TRP D 58 -3.38 -19.87 -25.84
C TRP D 58 -3.97 -20.32 -27.15
N ARG D 59 -3.51 -19.74 -28.25
CA ARG D 59 -4.02 -20.10 -29.58
C ARG D 59 -5.56 -20.15 -29.65
N GLY D 60 -6.21 -19.15 -29.08
CA GLY D 60 -7.66 -19.01 -29.18
C GLY D 60 -8.45 -19.87 -28.22
N LEU D 61 -7.76 -20.47 -27.25
CA LEU D 61 -8.37 -21.24 -26.19
C LEU D 61 -8.11 -20.53 -24.85
N ARG D 62 -9.16 -20.16 -24.14
CA ARG D 62 -9.03 -19.62 -22.79
C ARG D 62 -8.00 -20.39 -21.92
N MET D 63 -7.20 -19.63 -21.15
CA MET D 63 -6.17 -20.19 -20.27
C MET D 63 -6.42 -19.73 -18.85
N LEU D 64 -6.76 -20.67 -17.96
CA LEU D 64 -6.99 -20.35 -16.56
C LEU D 64 -5.70 -20.13 -15.74
N LYS D 65 -4.59 -20.69 -16.21
CA LYS D 65 -3.30 -20.49 -15.57
C LYS D 65 -2.73 -19.20 -16.09
N ASP D 66 -2.45 -18.26 -15.19
CA ASP D 66 -2.06 -16.94 -15.61
C ASP D 66 -0.56 -16.90 -15.89
N PRO D 67 -0.05 -15.81 -16.46
CA PRO D 67 1.31 -15.81 -17.00
C PRO D 67 2.42 -16.19 -16.04
N ASP D 68 2.25 -15.89 -14.76
CA ASP D 68 3.26 -16.24 -13.75
C ASP D 68 3.30 -17.73 -13.50
N THR D 69 2.14 -18.36 -13.48
CA THR D 69 2.04 -19.79 -13.34
C THR D 69 2.61 -20.49 -14.56
N GLN D 70 2.42 -19.91 -15.74
CA GLN D 70 2.97 -20.48 -16.96
C GLN D 70 4.49 -20.48 -16.91
N ALA D 71 5.06 -19.39 -16.39
CA ALA D 71 6.52 -19.25 -16.26
C ALA D 71 7.04 -20.35 -15.38
N VAL D 72 6.36 -20.61 -14.27
CA VAL D 72 6.77 -21.66 -13.34
C VAL D 72 6.76 -23.04 -14.02
N TYR D 73 5.65 -23.37 -14.67
CA TYR D 73 5.50 -24.68 -15.30
C TYR D 73 6.49 -24.84 -16.45
N HIS D 74 6.78 -23.75 -17.13
CA HIS D 74 7.75 -23.77 -18.23
C HIS D 74 9.09 -24.24 -17.73
N ASP D 75 9.50 -23.72 -16.58
CA ASP D 75 10.78 -24.07 -15.98
C ASP D 75 10.75 -25.49 -15.45
N MET D 76 9.60 -25.91 -14.97
CA MET D 76 9.46 -27.24 -14.39
C MET D 76 9.64 -28.26 -15.50
N LEU D 77 9.06 -27.98 -16.66
CA LEU D 77 9.10 -28.91 -17.76
C LEU D 77 10.50 -29.00 -18.32
N TRP D 78 11.16 -27.85 -18.44
CA TRP D 78 12.54 -27.80 -18.94
C TRP D 78 13.50 -28.55 -18.02
N GLU D 79 13.29 -28.44 -16.71
CA GLU D 79 14.17 -29.07 -15.74
C GLU D 79 13.92 -30.59 -15.56
N LEU D 80 12.66 -30.99 -15.54
CA LEU D 80 12.21 -32.34 -15.18
C LEU D 80 11.99 -33.22 -16.41
N ARG D 81 11.78 -32.57 -17.56
CA ARG D 81 11.48 -33.24 -18.82
C ARG D 81 10.47 -34.37 -18.68
N PRO D 82 9.28 -34.07 -18.19
CA PRO D 82 8.32 -35.12 -17.85
C PRO D 82 7.88 -35.94 -19.06
N ARG D 83 7.74 -37.23 -18.86
CA ARG D 83 7.10 -38.10 -19.85
C ARG D 83 5.58 -38.02 -19.83
N THR D 84 4.98 -37.67 -18.70
CA THR D 84 3.51 -37.65 -18.59
C THR D 84 3.02 -36.47 -17.75
N ILE D 85 2.02 -35.75 -18.24
CA ILE D 85 1.38 -34.71 -17.45
C ILE D 85 -0.08 -35.07 -17.31
N VAL D 86 -0.51 -35.32 -16.09
CA VAL D 86 -1.91 -35.57 -15.77
C VAL D 86 -2.55 -34.31 -15.20
N GLU D 87 -3.70 -33.92 -15.76
CA GLU D 87 -4.44 -32.75 -15.34
C GLU D 87 -5.80 -33.22 -14.83
N LEU D 88 -6.05 -33.10 -13.53
CA LEU D 88 -7.30 -33.49 -12.91
C LEU D 88 -8.21 -32.27 -12.92
N GLY D 89 -9.37 -32.37 -13.56
CA GLY D 89 -10.20 -31.22 -13.88
C GLY D 89 -9.76 -30.55 -15.18
N VAL D 90 -10.66 -30.46 -16.17
CA VAL D 90 -10.26 -30.05 -17.51
C VAL D 90 -10.79 -28.69 -17.93
N TYR D 91 -12.08 -28.44 -17.75
CA TYR D 91 -12.72 -27.22 -18.25
C TYR D 91 -12.58 -27.05 -19.78
N ASN D 92 -11.98 -25.97 -20.27
CA ASN D 92 -12.00 -25.73 -21.72
C ASN D 92 -10.90 -26.45 -22.51
N GLY D 93 -9.95 -27.08 -21.81
CA GLY D 93 -8.88 -27.84 -22.43
C GLY D 93 -7.64 -27.03 -22.78
N GLY D 94 -7.65 -25.73 -22.50
CA GLY D 94 -6.52 -24.88 -22.84
C GLY D 94 -5.21 -25.25 -22.17
N SER D 95 -5.28 -25.76 -20.94
CA SER D 95 -4.08 -26.23 -20.24
C SER D 95 -3.47 -27.44 -20.92
N LEU D 96 -4.33 -28.34 -21.36
CA LEU D 96 -3.92 -29.55 -22.06
C LEU D 96 -3.19 -29.20 -23.35
N ALA D 97 -3.72 -28.27 -24.13
CA ALA D 97 -3.09 -27.94 -25.42
C ALA D 97 -1.77 -27.19 -25.19
N TRP D 98 -1.70 -26.43 -24.10
CA TRP D 98 -0.53 -25.66 -23.75
C TRP D 98 0.60 -26.61 -23.34
N PHE D 99 0.31 -27.50 -22.38
CA PHE D 99 1.28 -28.50 -21.92
C PHE D 99 1.84 -29.36 -23.05
N ARG D 100 1.00 -29.68 -24.02
CA ARG D 100 1.39 -30.46 -25.18
C ARG D 100 2.25 -29.64 -26.13
N ASP D 101 1.84 -28.41 -26.43
CA ASP D 101 2.60 -27.55 -27.33
C ASP D 101 4.00 -27.26 -26.78
N LEU D 102 4.11 -27.11 -25.46
CA LEU D 102 5.35 -26.69 -24.82
C LEU D 102 6.35 -27.83 -24.83
N THR D 103 5.88 -29.03 -24.48
CA THR D 103 6.73 -30.21 -24.50
C THR D 103 7.16 -30.55 -25.93
N LYS D 104 6.38 -30.12 -26.91
CA LYS D 104 6.70 -30.36 -28.30
C LYS D 104 7.85 -29.47 -28.76
N ILE D 105 7.80 -28.16 -28.52
CA ILE D 105 8.96 -27.30 -28.88
C ILE D 105 10.21 -27.65 -28.09
N MET D 106 10.05 -28.14 -26.87
CA MET D 106 11.18 -28.52 -26.01
C MET D 106 11.85 -29.83 -26.44
N GLY D 107 11.17 -30.61 -27.27
CA GLY D 107 11.72 -31.87 -27.73
C GLY D 107 11.42 -33.03 -26.81
N ILE D 108 10.67 -32.78 -25.76
CA ILE D 108 10.27 -33.81 -24.81
C ILE D 108 9.16 -34.68 -25.38
N ASP D 109 9.24 -35.98 -25.13
CA ASP D 109 8.22 -36.93 -25.55
C ASP D 109 7.20 -37.11 -24.43
N CYS D 110 6.16 -36.28 -24.44
CA CYS D 110 5.21 -36.23 -23.33
C CYS D 110 3.78 -36.52 -23.78
N GLN D 111 3.06 -37.33 -23.00
CA GLN D 111 1.63 -37.52 -23.16
C GLN D 111 0.92 -36.67 -22.12
N VAL D 112 0.03 -35.80 -22.57
CA VAL D 112 -0.86 -35.06 -21.68
C VAL D 112 -2.17 -35.83 -21.49
N ILE D 113 -2.67 -35.89 -20.25
CA ILE D 113 -3.90 -36.58 -19.90
C ILE D 113 -4.83 -35.65 -19.11
N GLY D 114 -6.10 -35.62 -19.49
CA GLY D 114 -7.11 -34.82 -18.82
C GLY D 114 -8.24 -35.69 -18.32
N ILE D 115 -8.44 -35.71 -17.01
CA ILE D 115 -9.50 -36.43 -16.34
C ILE D 115 -10.55 -35.45 -15.82
N ASP D 116 -11.83 -35.76 -16.02
CA ASP D 116 -12.91 -34.92 -15.48
C ASP D 116 -14.29 -35.57 -15.67
N ARG D 117 -15.22 -35.27 -14.78
CA ARG D 117 -16.56 -35.84 -14.92
C ARG D 117 -17.39 -35.20 -16.04
N ASP D 118 -17.31 -33.89 -16.20
CA ASP D 118 -17.97 -33.20 -17.30
C ASP D 118 -16.93 -32.68 -18.30
N LEU D 119 -16.77 -33.38 -19.41
CA LEU D 119 -15.85 -33.02 -20.50
C LEU D 119 -16.53 -32.20 -21.61
N SER D 120 -17.80 -31.84 -21.46
CA SER D 120 -18.54 -31.19 -22.54
C SER D 120 -18.08 -29.76 -22.82
N ARG D 121 -17.39 -29.16 -21.85
CA ARG D 121 -16.88 -27.79 -21.96
C ARG D 121 -15.60 -27.64 -22.78
N CYS D 122 -14.95 -28.76 -23.06
CA CYS D 122 -13.66 -28.79 -23.75
C CYS D 122 -13.76 -28.29 -25.20
N GLN D 123 -12.86 -27.39 -25.58
CA GLN D 123 -12.96 -26.72 -26.88
C GLN D 123 -11.88 -27.13 -27.89
N ILE D 124 -11.02 -28.09 -27.52
CA ILE D 124 -9.97 -28.54 -28.41
C ILE D 124 -10.59 -29.35 -29.54
N PRO D 125 -10.39 -28.96 -30.79
CA PRO D 125 -10.93 -29.74 -31.92
C PRO D 125 -10.22 -31.09 -32.03
N ALA D 126 -10.95 -32.10 -32.47
CA ALA D 126 -10.41 -33.44 -32.59
C ALA D 126 -9.08 -33.43 -33.35
N SER D 127 -8.98 -32.53 -34.32
CA SER D 127 -7.83 -32.47 -35.24
C SER D 127 -6.50 -32.09 -34.59
N ASP D 128 -6.52 -31.70 -33.32
CA ASP D 128 -5.34 -31.14 -32.67
C ASP D 128 -5.07 -31.85 -31.35
N MET D 129 -5.38 -33.14 -31.30
CA MET D 129 -5.33 -33.90 -30.07
C MET D 129 -4.13 -34.84 -29.99
N GLU D 130 -3.10 -34.58 -30.79
CA GLU D 130 -1.91 -35.45 -30.78
C GLU D 130 -1.17 -35.38 -29.43
N ASN D 131 -1.02 -36.54 -28.81
CA ASN D 131 -0.49 -36.69 -27.45
C ASN D 131 -1.38 -36.11 -26.37
N ILE D 132 -2.68 -36.06 -26.63
CA ILE D 132 -3.66 -35.66 -25.61
C ILE D 132 -4.76 -36.70 -25.54
N THR D 133 -5.10 -37.11 -24.33
CA THR D 133 -6.14 -38.10 -24.12
C THR D 133 -7.08 -37.58 -23.07
N LEU D 134 -8.38 -37.59 -23.38
CA LEU D 134 -9.41 -37.27 -22.41
C LEU D 134 -9.88 -38.54 -21.70
N HIS D 135 -10.44 -38.36 -20.50
CA HIS D 135 -10.85 -39.47 -19.64
C HIS D 135 -11.99 -39.01 -18.77
N GLN D 136 -13.18 -39.57 -18.95
CA GLN D 136 -14.32 -39.19 -18.12
C GLN D 136 -14.43 -40.09 -16.92
N GLY D 137 -14.26 -39.50 -15.74
CA GLY D 137 -14.38 -40.24 -14.49
C GLY D 137 -14.81 -39.40 -13.29
N ASP D 138 -14.96 -40.07 -12.15
CA ASP D 138 -15.27 -39.40 -10.88
C ASP D 138 -14.04 -39.30 -9.97
N CYS D 139 -13.93 -38.16 -9.27
CA CYS D 139 -12.96 -38.01 -8.19
C CYS D 139 -13.25 -38.97 -7.02
N SER D 140 -14.47 -38.84 -6.47
CA SER D 140 -14.89 -39.55 -5.25
C SER D 140 -14.68 -41.08 -5.24
N ASP D 141 -14.44 -41.69 -6.39
CA ASP D 141 -13.98 -43.08 -6.44
C ASP D 141 -12.65 -43.18 -7.20
N LEU D 142 -11.71 -43.92 -6.62
CA LEU D 142 -10.35 -43.97 -7.13
C LEU D 142 -10.18 -44.92 -8.31
N THR D 143 -11.25 -45.61 -8.72
CA THR D 143 -11.20 -46.52 -9.88
C THR D 143 -10.85 -45.77 -11.15
N THR D 144 -11.34 -44.52 -11.22
CA THR D 144 -11.07 -43.61 -12.32
C THR D 144 -9.59 -43.59 -12.69
N PHE D 145 -8.73 -43.46 -11.68
CA PHE D 145 -7.30 -43.26 -11.89
C PHE D 145 -6.59 -44.60 -12.07
N GLU D 146 -7.02 -45.58 -11.30
CA GLU D 146 -6.39 -46.90 -11.30
C GLU D 146 -6.05 -47.26 -12.75
N HIS D 147 -7.10 -47.43 -13.56
CA HIS D 147 -6.91 -47.78 -14.95
C HIS D 147 -5.96 -46.76 -15.63
N LEU D 148 -4.93 -47.31 -16.29
CA LEU D 148 -3.78 -46.57 -16.81
C LEU D 148 -2.93 -45.87 -15.73
N ARG D 149 -2.32 -46.71 -14.89
CA ARG D 149 -1.09 -46.35 -14.15
C ARG D 149 0.12 -47.12 -14.75
N GLU D 150 0.12 -47.23 -16.09
CA GLU D 150 1.28 -47.65 -16.86
C GLU D 150 1.64 -46.54 -17.86
N MET D 151 1.86 -45.35 -17.32
CA MET D 151 2.40 -44.24 -18.07
C MET D 151 3.86 -44.04 -17.68
N ALA D 152 4.66 -43.55 -18.62
CA ALA D 152 6.09 -43.37 -18.37
C ALA D 152 6.33 -42.19 -17.42
N HIS D 153 7.48 -42.23 -16.73
CA HIS D 153 7.88 -41.18 -15.78
C HIS D 153 9.18 -40.52 -16.28
N PRO D 154 9.51 -39.30 -15.83
CA PRO D 154 8.79 -38.57 -14.78
C PRO D 154 7.38 -38.11 -15.16
N LEU D 155 6.59 -37.86 -14.12
CA LEU D 155 5.18 -37.53 -14.26
C LEU D 155 4.88 -36.34 -13.36
N ILE D 156 3.96 -35.48 -13.80
CA ILE D 156 3.47 -34.38 -12.98
C ILE D 156 1.97 -34.56 -12.87
N PHE D 157 1.47 -34.68 -11.67
CA PHE D 157 0.05 -34.79 -11.43
C PHE D 157 -0.42 -33.41 -10.97
N ILE D 158 -1.54 -32.92 -11.52
CA ILE D 158 -2.02 -31.59 -11.18
C ILE D 158 -3.47 -31.64 -10.78
N ASP D 159 -3.77 -31.29 -9.54
CA ASP D 159 -5.13 -31.22 -9.08
C ASP D 159 -5.70 -29.83 -9.36
N ASP D 160 -6.65 -29.79 -10.29
CA ASP D 160 -7.46 -28.61 -10.58
C ASP D 160 -8.94 -28.87 -10.27
N ALA D 161 -9.27 -30.00 -9.65
CA ALA D 161 -10.66 -30.36 -9.30
C ALA D 161 -11.03 -30.10 -7.82
N HIS D 162 -10.14 -30.44 -6.90
CA HIS D 162 -10.30 -30.09 -5.48
C HIS D 162 -11.40 -30.85 -4.73
N ALA D 163 -11.72 -32.06 -5.19
CA ALA D 163 -12.64 -32.95 -4.46
C ALA D 163 -11.89 -34.22 -4.08
N ASN D 164 -12.03 -34.65 -2.82
CA ASN D 164 -11.38 -35.86 -2.37
C ASN D 164 -9.87 -35.78 -2.63
N THR D 165 -9.31 -34.60 -2.38
CA THR D 165 -7.95 -34.29 -2.77
C THR D 165 -6.91 -35.11 -2.02
N PHE D 166 -7.05 -35.21 -0.70
CA PHE D 166 -6.05 -35.87 0.12
C PHE D 166 -6.07 -37.38 -0.05
N ASN D 167 -7.25 -37.96 -0.27
CA ASN D 167 -7.33 -39.38 -0.65
C ASN D 167 -6.64 -39.64 -1.98
N ILE D 168 -6.83 -38.75 -2.95
CA ILE D 168 -6.24 -38.91 -4.29
C ILE D 168 -4.73 -38.82 -4.20
N MET D 169 -4.26 -38.00 -3.26
CA MET D 169 -2.84 -37.85 -3.01
C MET D 169 -2.27 -39.11 -2.35
N LYS D 170 -3.04 -39.72 -1.46
CA LYS D 170 -2.64 -40.98 -0.82
C LYS D 170 -2.51 -42.06 -1.89
N TRP D 171 -3.61 -42.29 -2.60
CA TRP D 171 -3.61 -43.17 -3.78
C TRP D 171 -2.41 -42.91 -4.69
N ALA D 172 -2.10 -41.64 -4.89
CA ALA D 172 -1.03 -41.24 -5.80
C ALA D 172 0.33 -41.71 -5.31
N VAL D 173 0.64 -41.47 -4.04
CA VAL D 173 1.91 -41.90 -3.49
C VAL D 173 2.06 -43.43 -3.49
N ASP D 174 0.97 -44.14 -3.22
CA ASP D 174 0.98 -45.59 -3.07
C ASP D 174 1.06 -46.36 -4.39
N HIS D 175 0.55 -45.77 -5.46
CA HIS D 175 0.29 -46.47 -6.71
C HIS D 175 0.90 -45.82 -7.95
N LEU D 176 0.92 -44.49 -8.03
CA LEU D 176 1.41 -43.81 -9.22
C LEU D 176 2.84 -43.24 -9.11
N LEU D 177 3.08 -42.36 -8.14
CA LEU D 177 4.29 -41.53 -8.13
C LEU D 177 5.58 -42.28 -7.82
N GLU D 178 6.66 -41.77 -8.40
CA GLU D 178 8.02 -42.27 -8.20
C GLU D 178 8.91 -41.08 -7.77
N GLU D 179 10.20 -41.34 -7.53
CA GLU D 179 11.07 -40.27 -7.03
C GLU D 179 11.18 -39.19 -8.08
N GLY D 180 11.08 -37.92 -7.68
CA GLY D 180 11.17 -36.80 -8.62
C GLY D 180 9.88 -36.38 -9.32
N ASP D 181 8.81 -37.18 -9.20
CA ASP D 181 7.50 -36.83 -9.74
C ASP D 181 6.83 -35.77 -8.89
N TYR D 182 5.93 -34.99 -9.48
CA TYR D 182 5.26 -33.92 -8.74
C TYR D 182 3.80 -34.26 -8.49
N PHE D 183 3.26 -33.74 -7.40
CA PHE D 183 1.84 -33.70 -7.15
C PHE D 183 1.53 -32.25 -6.80
N ILE D 184 0.68 -31.58 -7.57
CA ILE D 184 0.54 -30.13 -7.45
C ILE D 184 -0.89 -29.72 -7.16
N ILE D 185 -1.12 -29.10 -6.01
CA ILE D 185 -2.46 -28.61 -5.66
C ILE D 185 -2.58 -27.11 -5.92
N GLU D 186 -3.24 -26.78 -7.02
CA GLU D 186 -3.41 -25.38 -7.43
C GLU D 186 -4.52 -24.73 -6.61
N ASP D 187 -4.22 -23.52 -6.11
CA ASP D 187 -5.19 -22.57 -5.58
C ASP D 187 -5.65 -22.78 -4.15
N MET D 188 -5.89 -24.03 -3.80
CA MET D 188 -6.71 -24.36 -2.65
C MET D 188 -6.00 -24.29 -1.30
N ILE D 189 -4.71 -24.61 -1.27
CA ILE D 189 -4.01 -24.81 0.01
C ILE D 189 -4.08 -23.60 0.98
N PRO D 190 -3.77 -22.40 0.54
CA PRO D 190 -3.91 -21.20 1.40
C PRO D 190 -5.30 -20.99 1.97
N TYR D 191 -6.33 -21.49 1.30
CA TYR D 191 -7.69 -21.42 1.82
C TYR D 191 -8.00 -22.54 2.82
N TRP D 192 -7.58 -23.76 2.49
CA TRP D 192 -7.75 -24.91 3.37
C TRP D 192 -7.01 -24.70 4.70
N TYR D 193 -5.86 -24.02 4.63
CA TYR D 193 -5.08 -23.71 5.82
C TYR D 193 -5.76 -22.63 6.65
N ARG D 194 -6.25 -21.61 5.94
CA ARG D 194 -6.93 -20.50 6.57
C ARG D 194 -8.16 -20.94 7.35
N TYR D 195 -8.91 -21.86 6.76
CA TYR D 195 -10.22 -22.25 7.27
C TYR D 195 -10.15 -23.45 8.25
N ALA D 196 -9.31 -24.44 7.94
CA ALA D 196 -9.14 -25.62 8.81
C ALA D 196 -7.66 -25.88 9.10
N PRO D 197 -7.03 -25.00 9.86
CA PRO D 197 -5.58 -25.09 10.11
C PRO D 197 -5.16 -26.34 10.88
N GLN D 198 -5.87 -26.66 11.96
CA GLN D 198 -5.52 -27.85 12.74
C GLN D 198 -5.49 -29.08 11.80
N LEU D 199 -6.63 -29.34 11.17
CA LEU D 199 -6.81 -30.53 10.31
C LEU D 199 -5.87 -30.60 9.10
N PHE D 200 -5.64 -29.46 8.46
CA PHE D 200 -4.79 -29.35 7.28
C PHE D 200 -3.34 -29.67 7.61
N SER D 201 -2.82 -29.03 8.65
CA SER D 201 -1.47 -29.26 9.16
C SER D 201 -1.21 -30.74 9.39
N GLU D 202 -2.11 -31.39 10.12
CA GLU D 202 -1.95 -32.79 10.48
C GLU D 202 -1.96 -33.64 9.21
N TYR D 203 -2.83 -33.30 8.27
CA TYR D 203 -3.01 -34.08 7.06
C TYR D 203 -1.78 -34.01 6.18
N LEU D 204 -1.25 -32.80 6.00
CA LEU D 204 -0.09 -32.58 5.16
C LEU D 204 1.15 -33.23 5.77
N GLY D 205 1.25 -33.19 7.08
CA GLY D 205 2.37 -33.78 7.79
C GLY D 205 2.28 -35.30 7.87
N ALA D 206 1.09 -35.84 7.58
CA ALA D 206 0.91 -37.28 7.43
C ALA D 206 1.75 -37.78 6.27
N PHE D 207 2.03 -36.89 5.32
CA PHE D 207 2.84 -37.22 4.15
C PHE D 207 4.34 -36.88 4.26
N ARG D 208 4.83 -36.56 5.45
CA ARG D 208 6.22 -36.06 5.62
C ARG D 208 7.32 -37.02 5.10
N ASP D 209 7.09 -38.33 5.18
CA ASP D 209 8.06 -39.34 4.75
C ASP D 209 8.02 -39.66 3.25
N VAL D 210 7.05 -39.11 2.53
CA VAL D 210 6.84 -39.43 1.13
C VAL D 210 6.89 -38.22 0.18
N LEU D 211 6.43 -37.07 0.66
CA LEU D 211 6.37 -35.86 -0.15
C LEU D 211 7.09 -34.72 0.56
N SER D 212 7.44 -33.71 -0.21
CA SER D 212 8.12 -32.53 0.30
C SER D 212 7.70 -31.31 -0.52
N MET D 213 7.70 -30.13 0.09
CA MET D 213 7.40 -28.91 -0.66
C MET D 213 8.66 -28.47 -1.42
N ASP D 214 8.53 -28.30 -2.73
CA ASP D 214 9.64 -27.84 -3.55
C ASP D 214 9.72 -26.31 -3.47
N MET D 215 10.72 -25.81 -2.76
CA MET D 215 10.86 -24.38 -2.51
C MET D 215 11.40 -23.57 -3.69
N LEU D 216 11.87 -24.22 -4.75
CA LEU D 216 12.29 -23.49 -5.94
C LEU D 216 11.08 -22.98 -6.75
N TYR D 217 9.95 -23.68 -6.66
CA TYR D 217 8.74 -23.29 -7.41
C TYR D 217 7.57 -22.86 -6.52
N ALA D 218 7.61 -23.18 -5.24
CA ALA D 218 6.41 -23.09 -4.40
C ALA D 218 6.05 -21.67 -4.00
N ASN D 219 6.94 -20.72 -4.24
CA ASN D 219 6.66 -19.32 -3.92
C ASN D 219 6.72 -18.41 -5.16
N ALA D 220 6.61 -19.00 -6.35
CA ALA D 220 6.88 -18.30 -7.62
C ALA D 220 5.62 -17.86 -8.38
N SER D 221 4.46 -18.25 -7.85
CA SER D 221 3.19 -17.97 -8.49
C SER D 221 2.11 -18.04 -7.42
N SER D 222 1.16 -17.12 -7.47
CA SER D 222 0.10 -17.07 -6.46
C SER D 222 -0.90 -18.24 -6.59
N GLN D 223 -1.04 -18.77 -7.79
CA GLN D 223 -1.89 -19.93 -8.04
C GLN D 223 -1.24 -21.22 -7.54
N LEU D 224 0.09 -21.31 -7.57
CA LEU D 224 0.76 -22.51 -7.08
C LEU D 224 1.27 -22.33 -5.65
N ASP D 225 0.81 -21.26 -5.00
CA ASP D 225 1.32 -20.85 -3.69
C ASP D 225 1.25 -21.98 -2.66
N ARG D 226 2.43 -22.48 -2.31
CA ARG D 226 2.62 -23.52 -1.29
C ARG D 226 1.92 -24.84 -1.61
N GLY D 227 1.78 -25.16 -2.89
CA GLY D 227 1.11 -26.37 -3.31
C GLY D 227 1.91 -27.23 -4.27
N VAL D 228 3.19 -26.92 -4.43
CA VAL D 228 4.03 -27.68 -5.34
C VAL D 228 4.77 -28.72 -4.51
N LEU D 229 4.29 -29.96 -4.54
CA LEU D 229 4.91 -31.06 -3.83
C LEU D 229 5.59 -32.05 -4.77
N ARG D 230 6.59 -32.79 -4.29
CA ARG D 230 7.24 -33.84 -5.09
C ARG D 230 7.83 -35.04 -4.33
N ARG D 231 8.08 -36.12 -5.07
CA ARG D 231 8.80 -37.37 -4.65
C ARG D 231 7.91 -38.32 -3.86
N ASN E 2 44.01 -5.08 0.46
CA ASN E 2 44.93 -5.50 -0.65
C ASN E 2 44.18 -5.71 -1.97
N ASP E 3 43.08 -6.45 -1.91
CA ASP E 3 42.38 -6.94 -3.11
C ASP E 3 42.02 -5.85 -4.11
N TYR E 4 41.80 -4.63 -3.62
CA TYR E 4 41.31 -3.51 -4.44
C TYR E 4 42.36 -2.92 -5.40
N SER E 5 43.61 -2.89 -4.95
CA SER E 5 44.72 -2.32 -5.74
C SER E 5 45.14 -3.19 -6.91
N ARG E 6 44.89 -4.49 -6.79
CA ARG E 6 45.37 -5.50 -7.73
C ARG E 6 44.42 -5.71 -8.91
N GLN E 7 43.27 -5.04 -8.89
CA GLN E 7 42.20 -5.30 -9.86
C GLN E 7 42.05 -4.18 -10.90
N ASN E 8 41.64 -4.55 -12.11
CA ASN E 8 40.97 -3.62 -13.00
C ASN E 8 39.50 -3.88 -12.78
N PHE E 9 38.72 -2.81 -12.71
CA PHE E 9 37.31 -2.91 -12.36
C PHE E 9 36.46 -2.65 -13.60
N LEU E 10 35.73 -3.67 -14.03
CA LEU E 10 34.76 -3.51 -15.11
C LEU E 10 33.69 -2.47 -14.74
N ASP E 11 33.35 -1.60 -15.69
CA ASP E 11 32.30 -0.61 -15.50
C ASP E 11 31.00 -1.40 -15.47
N LEU E 12 30.20 -1.18 -14.43
CA LEU E 12 28.97 -1.94 -14.24
C LEU E 12 27.78 -1.44 -15.06
N ASN E 13 27.90 -0.26 -15.69
CA ASN E 13 26.87 0.25 -16.59
C ASN E 13 26.76 -0.57 -17.87
N LEU E 14 27.78 -1.38 -18.17
CA LEU E 14 27.75 -2.30 -19.31
C LEU E 14 26.61 -3.31 -19.17
N PHE E 15 26.27 -3.65 -17.91
CA PHE E 15 25.22 -4.61 -17.59
C PHE E 15 23.87 -3.97 -17.25
N ARG E 16 23.65 -2.75 -17.72
CA ARG E 16 22.42 -2.06 -17.40
C ARG E 16 21.21 -2.76 -17.92
N GLY E 17 20.41 -3.29 -17.01
CA GLY E 17 19.16 -3.93 -17.36
C GLY E 17 19.31 -5.17 -18.21
N LEU E 18 20.47 -5.82 -18.12
CA LEU E 18 20.75 -7.02 -18.92
C LEU E 18 21.22 -8.18 -18.06
N GLY E 19 22.08 -7.91 -17.08
CA GLY E 19 22.70 -8.95 -16.28
C GLY E 19 24.16 -9.11 -16.65
N GLU E 20 24.84 -10.00 -15.94
CA GLU E 20 26.29 -10.16 -16.09
C GLU E 20 26.67 -11.20 -17.14
N ASP E 21 25.71 -12.06 -17.48
CA ASP E 21 25.91 -13.23 -18.33
C ASP E 21 24.68 -13.45 -19.26
N PRO E 22 24.86 -13.33 -20.58
CA PRO E 22 23.76 -13.62 -21.52
C PRO E 22 23.29 -15.10 -21.55
N ALA E 23 24.10 -16.05 -21.09
CA ALA E 23 23.64 -17.43 -20.92
C ALA E 23 22.74 -17.59 -19.69
N TYR E 24 21.83 -18.56 -19.77
CA TYR E 24 20.88 -18.87 -18.71
C TYR E 24 21.47 -19.81 -17.68
N HIS E 25 21.20 -19.53 -16.41
CA HIS E 25 21.44 -20.50 -15.34
C HIS E 25 20.28 -20.50 -14.34
N PRO E 26 19.86 -21.69 -13.92
CA PRO E 26 18.67 -21.79 -13.06
C PRO E 26 19.00 -21.15 -11.72
N PRO E 27 18.07 -20.41 -11.13
CA PRO E 27 18.33 -19.77 -9.84
C PRO E 27 18.56 -20.85 -8.80
N VAL E 28 19.39 -20.51 -7.81
CA VAL E 28 19.84 -21.44 -6.79
C VAL E 28 19.44 -20.91 -5.39
N LEU E 29 18.84 -21.77 -4.58
CA LEU E 29 18.52 -21.37 -3.20
C LEU E 29 19.81 -21.30 -2.36
N THR E 30 19.85 -20.36 -1.43
CA THR E 30 20.99 -20.26 -0.50
C THR E 30 20.54 -20.44 0.95
N ASP E 31 19.61 -19.62 1.40
CA ASP E 31 19.18 -19.65 2.80
C ASP E 31 18.12 -20.73 3.17
N ARG E 32 17.85 -21.69 2.29
CA ARG E 32 16.89 -22.77 2.59
C ARG E 32 17.16 -24.07 1.83
N PRO E 33 16.63 -25.19 2.34
CA PRO E 33 16.69 -26.44 1.58
C PRO E 33 15.60 -26.43 0.51
N ARG E 34 15.89 -27.08 -0.62
CA ARG E 34 14.91 -27.15 -1.70
C ARG E 34 13.69 -27.99 -1.32
N ASP E 35 13.88 -29.00 -0.49
CA ASP E 35 12.79 -29.90 -0.14
C ASP E 35 12.36 -29.71 1.31
N TRP E 36 11.46 -28.75 1.52
CA TRP E 36 10.99 -28.43 2.86
C TRP E 36 10.11 -29.56 3.43
N PRO E 37 10.39 -30.02 4.66
CA PRO E 37 9.60 -31.11 5.25
C PRO E 37 8.15 -30.68 5.53
N LEU E 38 7.21 -31.61 5.40
CA LEU E 38 5.80 -31.27 5.42
C LEU E 38 5.20 -31.18 6.83
N ASP E 39 5.90 -31.73 7.82
CA ASP E 39 5.46 -31.60 9.22
C ASP E 39 5.75 -30.20 9.80
N ARG E 40 6.48 -29.40 9.02
CA ARG E 40 6.78 -28.00 9.33
C ARG E 40 6.35 -27.12 8.14
N TRP E 41 5.31 -27.54 7.44
CA TRP E 41 4.89 -26.84 6.23
C TRP E 41 4.72 -25.34 6.51
N ALA E 42 4.05 -25.01 7.62
CA ALA E 42 3.73 -23.61 7.95
C ALA E 42 4.95 -22.80 8.35
N GLU E 43 6.00 -23.46 8.83
CA GLU E 43 7.25 -22.77 9.20
C GLU E 43 7.99 -22.21 8.00
N ALA E 44 7.74 -22.73 6.80
CA ALA E 44 8.50 -22.35 5.61
C ALA E 44 8.33 -20.87 5.24
N PRO E 45 9.40 -20.27 4.71
CA PRO E 45 9.38 -18.84 4.36
C PRO E 45 8.61 -18.61 3.08
N ARG E 46 8.03 -17.43 2.94
CA ARG E 46 7.08 -17.14 1.86
C ARG E 46 7.62 -16.29 0.73
N ASP E 47 8.82 -15.74 0.89
CA ASP E 47 9.41 -14.94 -0.17
C ASP E 47 9.97 -15.85 -1.24
N LEU E 48 10.47 -15.27 -2.34
CA LEU E 48 10.82 -16.03 -3.54
C LEU E 48 12.01 -16.97 -3.32
N GLY E 49 13.06 -16.45 -2.68
CA GLY E 49 14.25 -17.25 -2.37
C GLY E 49 15.44 -16.90 -3.23
N TYR E 50 15.25 -15.96 -4.14
CA TYR E 50 16.30 -15.54 -5.09
C TYR E 50 15.89 -14.25 -5.79
N SER E 51 16.85 -13.61 -6.45
CA SER E 51 16.62 -12.33 -7.14
C SER E 51 15.43 -12.39 -8.12
N ASP E 52 14.56 -11.40 -8.05
CA ASP E 52 13.45 -11.30 -9.00
C ASP E 52 13.80 -10.47 -10.24
N PHE E 53 15.09 -10.15 -10.42
CA PHE E 53 15.51 -9.21 -11.48
C PHE E 53 15.05 -9.67 -12.87
N SER E 54 15.73 -10.67 -13.45
CA SER E 54 15.27 -11.22 -14.70
C SER E 54 15.53 -12.71 -14.70
N PRO E 55 14.66 -13.45 -14.03
CA PRO E 55 14.79 -14.90 -13.90
C PRO E 55 13.90 -15.69 -14.89
N TYR E 56 13.53 -15.09 -16.00
CA TYR E 56 12.66 -15.73 -16.97
C TYR E 56 13.45 -16.38 -18.12
N GLN E 57 12.93 -17.49 -18.64
CA GLN E 57 13.57 -18.20 -19.74
C GLN E 57 12.59 -18.86 -20.70
N TRP E 58 13.11 -19.16 -21.89
CA TRP E 58 12.40 -19.89 -22.94
C TRP E 58 13.33 -20.95 -23.51
N ARG E 59 13.11 -22.21 -23.16
CA ARG E 59 13.92 -23.33 -23.66
C ARG E 59 15.40 -23.19 -23.36
N GLY E 60 15.73 -22.81 -22.14
CA GLY E 60 17.12 -22.68 -21.73
C GLY E 60 17.77 -21.39 -22.21
N LEU E 61 17.01 -20.52 -22.84
CA LEU E 61 17.47 -19.19 -23.20
C LEU E 61 16.83 -18.17 -22.28
N ARG E 62 17.59 -17.15 -21.89
CA ARG E 62 17.08 -16.09 -21.03
C ARG E 62 16.05 -15.26 -21.77
N MET E 63 15.07 -14.75 -21.03
CA MET E 63 14.01 -13.91 -21.59
C MET E 63 13.95 -12.60 -20.85
N LEU E 64 14.14 -11.50 -21.56
CA LEU E 64 14.09 -10.17 -20.99
C LEU E 64 12.68 -9.61 -20.89
N LYS E 65 11.76 -10.21 -21.64
CA LYS E 65 10.36 -9.83 -21.59
C LYS E 65 9.73 -10.73 -20.56
N ASP E 66 9.16 -10.14 -19.52
CA ASP E 66 8.58 -10.93 -18.44
C ASP E 66 7.20 -11.48 -18.86
N PRO E 67 6.63 -12.39 -18.07
CA PRO E 67 5.44 -13.14 -18.48
C PRO E 67 4.29 -12.28 -18.94
N ASP E 68 4.12 -11.12 -18.34
CA ASP E 68 2.98 -10.29 -18.69
C ASP E 68 3.14 -9.72 -20.11
N THR E 69 4.33 -9.19 -20.43
CA THR E 69 4.66 -8.80 -21.80
C THR E 69 4.48 -9.96 -22.79
N GLN E 70 4.84 -11.18 -22.38
CA GLN E 70 4.67 -12.34 -23.27
C GLN E 70 3.20 -12.55 -23.60
N ALA E 71 2.34 -12.43 -22.58
CA ALA E 71 0.90 -12.54 -22.79
C ALA E 71 0.37 -11.50 -23.77
N VAL E 72 0.83 -10.26 -23.66
CA VAL E 72 0.37 -9.20 -24.52
C VAL E 72 0.79 -9.49 -25.95
N TYR E 73 2.02 -9.97 -26.15
CA TYR E 73 2.55 -10.24 -27.50
C TYR E 73 1.90 -11.48 -28.10
N HIS E 74 1.43 -12.39 -27.25
CA HIS E 74 0.72 -13.56 -27.71
C HIS E 74 -0.60 -13.16 -28.36
N ASP E 75 -1.38 -12.35 -27.65
CA ASP E 75 -2.68 -11.88 -28.13
C ASP E 75 -2.53 -11.09 -29.40
N MET E 76 -1.46 -10.29 -29.45
CA MET E 76 -1.21 -9.41 -30.58
C MET E 76 -0.78 -10.23 -31.79
N LEU E 77 -0.07 -11.32 -31.55
CA LEU E 77 0.35 -12.20 -32.64
C LEU E 77 -0.82 -13.02 -33.18
N TRP E 78 -1.71 -13.42 -32.28
CA TRP E 78 -2.89 -14.19 -32.65
C TRP E 78 -3.92 -13.33 -33.40
N GLU E 79 -3.93 -12.03 -33.13
CA GLU E 79 -4.91 -11.14 -33.74
C GLU E 79 -4.43 -10.68 -35.11
N LEU E 80 -3.17 -10.22 -35.18
CA LEU E 80 -2.61 -9.57 -36.38
C LEU E 80 -2.05 -10.58 -37.39
N ARG E 81 -1.58 -11.72 -36.88
CA ARG E 81 -0.97 -12.76 -37.69
C ARG E 81 0.12 -12.17 -38.59
N PRO E 82 1.15 -11.59 -37.99
CA PRO E 82 2.18 -10.88 -38.75
C PRO E 82 3.07 -11.76 -39.60
N ARG E 83 3.39 -11.27 -40.80
CA ARG E 83 4.38 -11.90 -41.69
C ARG E 83 5.83 -11.59 -41.32
N THR E 84 6.06 -10.46 -40.66
CA THR E 84 7.41 -10.09 -40.21
C THR E 84 7.38 -9.51 -38.80
N ILE E 85 8.38 -9.87 -37.99
CA ILE E 85 8.65 -9.23 -36.70
C ILE E 85 10.11 -8.77 -36.68
N VAL E 86 10.33 -7.46 -36.61
CA VAL E 86 11.68 -6.89 -36.50
C VAL E 86 11.96 -6.44 -35.07
N GLU E 87 13.03 -6.96 -34.48
CA GLU E 87 13.45 -6.64 -33.13
C GLU E 87 14.68 -5.76 -33.22
N LEU E 88 14.60 -4.55 -32.64
CA LEU E 88 15.72 -3.59 -32.67
C LEU E 88 16.46 -3.71 -31.33
N GLY E 89 17.66 -4.27 -31.39
CA GLY E 89 18.39 -4.66 -30.21
C GLY E 89 18.12 -6.12 -29.92
N VAL E 90 19.17 -6.91 -29.76
CA VAL E 90 19.03 -8.36 -29.71
C VAL E 90 19.44 -8.97 -28.35
N TYR E 91 20.66 -8.64 -27.90
CA TYR E 91 21.26 -9.26 -26.71
C TYR E 91 21.43 -10.79 -26.88
N ASN E 92 20.69 -11.63 -26.16
CA ASN E 92 20.96 -13.08 -26.21
C ASN E 92 20.14 -13.88 -27.24
N GLY E 93 19.13 -13.25 -27.82
CA GLY E 93 18.29 -13.89 -28.81
C GLY E 93 17.08 -14.58 -28.22
N GLY E 94 16.87 -14.48 -26.91
CA GLY E 94 15.76 -15.14 -26.28
C GLY E 94 14.41 -14.79 -26.88
N SER E 95 14.18 -13.51 -27.10
CA SER E 95 12.95 -13.02 -27.69
C SER E 95 12.81 -13.49 -29.13
N LEU E 96 13.92 -13.46 -29.87
CA LEU E 96 13.91 -13.88 -31.28
C LEU E 96 13.36 -15.30 -31.41
N ALA E 97 14.01 -16.22 -30.68
CA ALA E 97 13.60 -17.63 -30.59
C ALA E 97 12.15 -17.77 -30.18
N TRP E 98 11.76 -17.02 -29.17
CA TRP E 98 10.42 -17.09 -28.67
C TRP E 98 9.41 -16.68 -29.74
N PHE E 99 9.66 -15.56 -30.39
CA PHE E 99 8.78 -15.04 -31.45
C PHE E 99 8.61 -16.05 -32.58
N ARG E 100 9.72 -16.63 -33.02
CA ARG E 100 9.69 -17.58 -34.14
C ARG E 100 8.92 -18.83 -33.73
N ASP E 101 9.24 -19.35 -32.56
CA ASP E 101 8.58 -20.54 -32.04
C ASP E 101 7.08 -20.35 -31.87
N LEU E 102 6.67 -19.15 -31.44
CA LEU E 102 5.27 -18.88 -31.15
C LEU E 102 4.44 -18.71 -32.44
N THR E 103 5.01 -18.04 -33.43
CA THR E 103 4.40 -17.97 -34.76
C THR E 103 4.28 -19.36 -35.42
N LYS E 104 5.32 -20.19 -35.29
CA LYS E 104 5.28 -21.56 -35.77
C LYS E 104 4.10 -22.33 -35.14
N ILE E 105 3.94 -22.19 -33.83
CA ILE E 105 2.91 -22.93 -33.09
C ILE E 105 1.52 -22.49 -33.52
N MET E 106 1.40 -21.24 -33.92
CA MET E 106 0.13 -20.65 -34.31
C MET E 106 -0.20 -20.90 -35.77
N GLY E 107 0.73 -21.44 -36.53
CA GLY E 107 0.52 -21.61 -37.96
C GLY E 107 0.64 -20.33 -38.75
N ILE E 108 1.34 -19.32 -38.21
CA ILE E 108 1.63 -18.09 -38.92
C ILE E 108 2.99 -18.22 -39.57
N ASP E 109 3.04 -18.04 -40.89
CA ASP E 109 4.31 -18.01 -41.61
C ASP E 109 4.92 -16.64 -41.34
N CYS E 110 6.01 -16.62 -40.59
CA CYS E 110 6.57 -15.37 -40.11
C CYS E 110 8.07 -15.44 -40.04
N GLN E 111 8.73 -14.44 -40.63
CA GLN E 111 10.17 -14.25 -40.49
C GLN E 111 10.45 -13.28 -39.34
N VAL E 112 11.43 -13.63 -38.53
CA VAL E 112 11.85 -12.82 -37.40
C VAL E 112 13.23 -12.26 -37.70
N ILE E 113 13.38 -10.95 -37.55
CA ILE E 113 14.65 -10.28 -37.87
C ILE E 113 15.15 -9.53 -36.65
N GLY E 114 16.41 -9.74 -36.29
CA GLY E 114 17.04 -9.05 -35.19
C GLY E 114 18.21 -8.22 -35.66
N ILE E 115 18.29 -6.99 -35.16
CA ILE E 115 19.30 -6.01 -35.57
C ILE E 115 20.08 -5.56 -34.33
N ASP E 116 21.41 -5.58 -34.38
CA ASP E 116 22.23 -5.05 -33.28
C ASP E 116 23.63 -4.63 -33.73
N ARG E 117 24.22 -3.68 -33.01
CA ARG E 117 25.63 -3.30 -33.20
C ARG E 117 26.55 -4.47 -32.88
N ASP E 118 26.19 -5.23 -31.86
CA ASP E 118 27.02 -6.30 -31.32
C ASP E 118 26.18 -7.58 -31.16
N LEU E 119 26.34 -8.52 -32.09
CA LEU E 119 25.60 -9.79 -32.07
C LEU E 119 26.43 -10.95 -31.46
N SER E 120 27.49 -10.63 -30.74
CA SER E 120 28.32 -11.67 -30.13
C SER E 120 27.64 -12.30 -28.91
N ARG E 121 26.70 -11.58 -28.29
CA ARG E 121 26.01 -12.09 -27.11
C ARG E 121 24.99 -13.20 -27.42
N CYS E 122 24.53 -13.25 -28.67
CA CYS E 122 23.45 -14.14 -29.08
C CYS E 122 23.75 -15.60 -28.73
N GLN E 123 22.73 -16.34 -28.30
CA GLN E 123 22.94 -17.66 -27.67
C GLN E 123 22.18 -18.77 -28.37
N ILE E 124 21.52 -18.42 -29.47
CA ILE E 124 20.71 -19.38 -30.18
C ILE E 124 21.68 -20.36 -30.83
N PRO E 125 21.52 -21.66 -30.59
CA PRO E 125 22.27 -22.65 -31.37
C PRO E 125 21.96 -22.46 -32.85
N ALA E 126 23.00 -22.48 -33.69
CA ALA E 126 22.82 -22.21 -35.12
C ALA E 126 21.88 -23.17 -35.82
N SER E 127 21.75 -24.39 -35.30
CA SER E 127 20.81 -25.37 -35.84
C SER E 127 19.33 -25.05 -35.52
N ASP E 128 19.04 -23.86 -35.00
CA ASP E 128 17.71 -23.50 -34.50
C ASP E 128 17.37 -22.07 -34.91
N MET E 129 17.75 -21.71 -36.13
CA MET E 129 17.62 -20.35 -36.65
C MET E 129 16.61 -20.26 -37.79
N GLU E 130 15.87 -21.33 -38.05
CA GLU E 130 14.90 -21.32 -39.15
C GLU E 130 13.96 -20.14 -38.99
N ASN E 131 13.88 -19.30 -40.04
CA ASN E 131 13.07 -18.09 -40.02
C ASN E 131 13.51 -17.06 -38.98
N ILE E 132 14.81 -17.02 -38.70
CA ILE E 132 15.42 -15.95 -37.89
C ILE E 132 16.62 -15.39 -38.67
N THR E 133 16.67 -14.07 -38.79
CA THR E 133 17.73 -13.41 -39.53
C THR E 133 18.37 -12.31 -38.69
N LEU E 134 19.66 -12.45 -38.42
CA LEU E 134 20.45 -11.39 -37.79
C LEU E 134 21.06 -10.43 -38.83
N HIS E 135 20.96 -9.12 -38.55
CA HIS E 135 21.71 -8.09 -39.26
C HIS E 135 22.62 -7.39 -38.25
N GLN E 136 23.93 -7.38 -38.52
CA GLN E 136 24.89 -6.60 -37.74
C GLN E 136 24.86 -5.17 -38.27
N GLY E 137 24.80 -4.19 -37.38
CA GLY E 137 24.70 -2.79 -37.79
C GLY E 137 24.43 -1.85 -36.63
N ASP E 138 24.91 -0.61 -36.74
CA ASP E 138 24.68 0.40 -35.70
C ASP E 138 23.22 0.91 -35.73
N CYS E 139 22.56 0.87 -34.56
CA CYS E 139 21.16 1.31 -34.45
C CYS E 139 20.98 2.80 -34.73
N SER E 140 21.87 3.63 -34.19
CA SER E 140 21.76 5.09 -34.31
C SER E 140 22.32 5.57 -35.66
N ASP E 141 21.77 5.01 -36.72
CA ASP E 141 22.27 5.24 -38.07
C ASP E 141 21.15 4.82 -39.03
N LEU E 142 20.56 5.79 -39.71
CA LEU E 142 19.43 5.52 -40.61
C LEU E 142 19.85 4.63 -41.75
N THR E 143 21.15 4.56 -42.01
CA THR E 143 21.72 3.69 -43.02
C THR E 143 21.28 2.23 -42.84
N THR E 144 21.40 1.72 -41.62
CA THR E 144 21.07 0.34 -41.29
C THR E 144 19.69 -0.11 -41.80
N PHE E 145 18.69 0.78 -41.70
CA PHE E 145 17.31 0.47 -42.07
C PHE E 145 17.04 0.77 -43.55
N GLU E 146 17.74 1.78 -44.07
CA GLU E 146 17.70 2.11 -45.50
C GLU E 146 18.17 0.92 -46.34
N HIS E 147 19.02 0.08 -45.73
CA HIS E 147 19.64 -1.07 -46.37
C HIS E 147 18.87 -2.38 -46.20
N LEU E 148 17.91 -2.41 -45.28
CA LEU E 148 17.02 -3.55 -45.13
C LEU E 148 16.24 -3.77 -46.40
N ARG E 149 15.95 -5.05 -46.69
CA ARG E 149 15.13 -5.41 -47.84
C ARG E 149 13.64 -5.16 -47.56
N GLU E 150 12.82 -5.31 -48.58
CA GLU E 150 11.38 -5.19 -48.45
C GLU E 150 10.81 -6.43 -47.74
N MET E 151 10.15 -6.20 -46.61
CA MET E 151 9.59 -7.29 -45.80
C MET E 151 8.10 -7.47 -46.05
N ALA E 152 7.56 -8.63 -45.67
CA ALA E 152 6.14 -8.92 -45.82
C ALA E 152 5.31 -8.34 -44.66
N HIS E 153 4.08 -7.93 -44.97
CA HIS E 153 3.15 -7.36 -43.99
C HIS E 153 1.98 -8.32 -43.72
N PRO E 154 1.34 -8.25 -42.56
CA PRO E 154 1.61 -7.27 -41.50
C PRO E 154 2.95 -7.41 -40.78
N LEU E 155 3.37 -6.33 -40.12
CA LEU E 155 4.68 -6.21 -39.50
C LEU E 155 4.60 -5.61 -38.08
N ILE E 156 5.51 -6.07 -37.21
CA ILE E 156 5.68 -5.52 -35.87
C ILE E 156 7.13 -5.14 -35.72
N PHE E 157 7.34 -3.86 -35.47
CA PHE E 157 8.67 -3.29 -35.29
C PHE E 157 8.80 -2.91 -33.81
N ILE E 158 9.84 -3.43 -33.17
CA ILE E 158 9.99 -3.34 -31.72
C ILE E 158 11.31 -2.68 -31.41
N ASP E 159 11.26 -1.58 -30.67
CA ASP E 159 12.46 -0.86 -30.24
C ASP E 159 12.90 -1.30 -28.84
N ASP E 160 13.91 -2.18 -28.78
CA ASP E 160 14.60 -2.49 -27.53
C ASP E 160 15.98 -1.81 -27.41
N ALA E 161 16.30 -0.87 -28.30
CA ALA E 161 17.62 -0.25 -28.33
C ALA E 161 17.63 1.14 -27.72
N HIS E 162 16.63 1.95 -28.09
CA HIS E 162 16.36 3.24 -27.43
C HIS E 162 17.33 4.40 -27.73
N ALA E 163 17.98 4.34 -28.89
CA ALA E 163 18.93 5.37 -29.31
C ALA E 163 18.49 5.98 -30.62
N ASN E 164 18.43 7.31 -30.68
CA ASN E 164 18.04 8.01 -31.91
C ASN E 164 16.64 7.54 -32.35
N THR E 165 15.80 7.25 -31.36
CA THR E 165 14.58 6.48 -31.57
C THR E 165 13.51 7.21 -32.39
N PHE E 166 13.33 8.50 -32.14
CA PHE E 166 12.33 9.28 -32.87
C PHE E 166 12.65 9.50 -34.35
N ASN E 167 13.94 9.49 -34.70
CA ASN E 167 14.30 9.56 -36.13
C ASN E 167 14.01 8.26 -36.82
N ILE E 168 14.33 7.15 -36.15
CA ILE E 168 14.03 5.80 -36.65
C ILE E 168 12.54 5.64 -36.91
N MET E 169 11.73 6.32 -36.11
CA MET E 169 10.28 6.22 -36.18
C MET E 169 9.74 7.00 -37.39
N LYS E 170 10.32 8.17 -37.65
CA LYS E 170 9.97 8.97 -38.82
C LYS E 170 10.30 8.22 -40.11
N TRP E 171 11.42 7.49 -40.10
CA TRP E 171 11.79 6.64 -41.23
C TRP E 171 10.76 5.53 -41.38
N ALA E 172 10.39 4.93 -40.26
CA ALA E 172 9.49 3.79 -40.29
C ALA E 172 8.17 4.18 -40.93
N VAL E 173 7.64 5.34 -40.52
CA VAL E 173 6.34 5.80 -40.98
C VAL E 173 6.37 6.09 -42.48
N ASP E 174 7.50 6.60 -42.98
CA ASP E 174 7.63 6.98 -44.39
C ASP E 174 7.99 5.83 -45.32
N HIS E 175 8.56 4.74 -44.81
CA HIS E 175 9.26 3.77 -45.67
C HIS E 175 8.97 2.30 -45.46
N LEU E 176 8.33 1.95 -44.34
CA LEU E 176 8.13 0.55 -43.94
C LEU E 176 6.70 0.26 -43.53
N LEU E 177 6.19 1.00 -42.57
CA LEU E 177 4.90 0.71 -41.96
C LEU E 177 3.74 0.83 -42.94
N GLU E 178 2.86 -0.17 -42.88
CA GLU E 178 1.60 -0.20 -43.60
C GLU E 178 0.46 -0.16 -42.58
N GLU E 179 -0.74 0.16 -43.07
CA GLU E 179 -1.95 0.15 -42.23
C GLU E 179 -1.97 -1.10 -41.35
N GLY E 180 -2.20 -0.89 -40.05
CA GLY E 180 -2.31 -1.98 -39.09
C GLY E 180 -1.02 -2.45 -38.44
N ASP E 181 0.13 -1.96 -38.93
CA ASP E 181 1.44 -2.38 -38.42
C ASP E 181 1.82 -1.66 -37.12
N TYR E 182 2.60 -2.33 -36.28
CA TYR E 182 2.93 -1.82 -34.95
C TYR E 182 4.31 -1.24 -34.87
N PHE E 183 4.44 -0.07 -34.24
CA PHE E 183 5.71 0.44 -33.80
C PHE E 183 5.69 0.49 -32.28
N ILE E 184 6.38 -0.46 -31.65
CA ILE E 184 6.36 -0.58 -30.20
C ILE E 184 7.67 -0.08 -29.61
N ILE E 185 7.56 0.75 -28.59
CA ILE E 185 8.71 1.16 -27.80
C ILE E 185 8.64 0.53 -26.39
N GLU E 186 9.50 -0.44 -26.16
CA GLU E 186 9.59 -1.10 -24.87
C GLU E 186 10.32 -0.24 -23.84
N ASP E 187 9.81 -0.21 -22.61
CA ASP E 187 10.50 0.33 -21.42
C ASP E 187 10.67 1.84 -21.28
N MET E 188 10.92 2.53 -22.38
CA MET E 188 11.60 3.82 -22.33
C MET E 188 10.64 4.99 -22.20
N ILE E 189 9.42 4.86 -22.71
CA ILE E 189 8.51 6.02 -22.82
C ILE E 189 8.11 6.64 -21.48
N PRO E 190 7.73 5.87 -20.49
CA PRO E 190 7.46 6.48 -19.18
C PRO E 190 8.64 7.29 -18.62
N TYR E 191 9.88 6.91 -18.93
CA TYR E 191 11.05 7.66 -18.45
C TYR E 191 11.28 8.96 -19.23
N TRP E 192 11.15 8.88 -20.54
CA TRP E 192 11.29 10.06 -21.39
C TRP E 192 10.23 11.11 -21.02
N TYR E 193 9.01 10.66 -20.69
CA TYR E 193 7.96 11.55 -20.23
C TYR E 193 8.29 12.18 -18.86
N ARG E 194 8.88 11.39 -17.98
CA ARG E 194 9.27 11.90 -16.65
C ARG E 194 10.37 12.94 -16.71
N TYR E 195 11.36 12.72 -17.57
CA TYR E 195 12.55 13.57 -17.62
C TYR E 195 12.43 14.74 -18.59
N ALA E 196 11.46 14.68 -19.49
CA ALA E 196 11.35 15.61 -20.60
C ALA E 196 9.92 15.69 -21.11
N PRO E 197 8.97 15.99 -20.22
CA PRO E 197 7.54 15.94 -20.55
C PRO E 197 7.12 16.85 -21.72
N GLN E 198 7.70 18.03 -21.78
CA GLN E 198 7.34 19.00 -22.82
C GLN E 198 7.80 18.52 -24.20
N LEU E 199 9.08 18.23 -24.33
CA LEU E 199 9.66 17.81 -25.61
C LEU E 199 9.08 16.48 -26.06
N PHE E 200 8.83 15.59 -25.12
CA PHE E 200 8.33 14.26 -25.44
C PHE E 200 6.90 14.34 -25.93
N SER E 201 6.08 15.15 -25.25
CA SER E 201 4.68 15.31 -25.62
C SER E 201 4.58 15.83 -27.06
N GLU E 202 5.36 16.86 -27.40
CA GLU E 202 5.37 17.48 -28.73
C GLU E 202 5.86 16.51 -29.79
N TYR E 203 6.95 15.81 -29.50
CA TYR E 203 7.57 14.86 -30.44
C TYR E 203 6.62 13.73 -30.80
N LEU E 204 5.94 13.20 -29.78
CA LEU E 204 5.01 12.12 -29.99
C LEU E 204 3.80 12.66 -30.73
N GLY E 205 3.39 13.87 -30.36
CA GLY E 205 2.26 14.53 -31.00
C GLY E 205 2.47 14.80 -32.47
N ALA E 206 3.72 14.84 -32.91
CA ALA E 206 4.04 15.11 -34.31
C ALA E 206 3.53 13.98 -35.23
N PHE E 207 3.36 12.79 -34.64
CA PHE E 207 2.89 11.61 -35.35
C PHE E 207 1.38 11.39 -35.16
N ARG E 208 0.63 12.43 -34.80
CA ARG E 208 -0.81 12.25 -34.56
C ARG E 208 -1.62 11.81 -35.80
N ASP E 209 -1.15 12.15 -37.01
CA ASP E 209 -1.87 11.80 -38.23
C ASP E 209 -1.41 10.48 -38.83
N VAL E 210 -0.44 9.82 -38.22
CA VAL E 210 0.16 8.61 -38.82
C VAL E 210 0.26 7.43 -37.87
N LEU E 211 0.37 7.70 -36.56
CA LEU E 211 0.34 6.67 -35.53
C LEU E 211 -0.65 7.00 -34.40
N SER E 212 -1.16 5.97 -33.74
CA SER E 212 -2.08 6.12 -32.61
C SER E 212 -1.72 5.10 -31.53
N MET E 213 -2.08 5.39 -30.28
CA MET E 213 -1.86 4.43 -29.21
C MET E 213 -2.97 3.36 -29.24
N ASP E 214 -2.56 2.09 -29.33
CA ASP E 214 -3.47 0.96 -29.32
C ASP E 214 -3.85 0.58 -27.88
N MET E 215 -5.02 1.03 -27.46
CA MET E 215 -5.46 0.99 -26.07
C MET E 215 -5.80 -0.38 -25.52
N LEU E 216 -5.82 -1.38 -26.39
CA LEU E 216 -6.13 -2.74 -26.00
C LEU E 216 -4.90 -3.38 -25.36
N TYR E 217 -3.72 -2.89 -25.74
CA TYR E 217 -2.45 -3.43 -25.29
C TYR E 217 -1.56 -2.43 -24.53
N ALA E 218 -1.80 -1.14 -24.71
CA ALA E 218 -0.93 -0.13 -24.15
C ALA E 218 -0.91 -0.11 -22.62
N ASN E 219 -1.95 -0.63 -21.96
CA ASN E 219 -1.97 -0.64 -20.49
C ASN E 219 -1.94 -2.05 -19.88
N ALA E 220 -1.43 -3.03 -20.63
CA ALA E 220 -1.56 -4.45 -20.28
C ALA E 220 -0.28 -5.05 -19.72
N SER E 221 0.75 -4.23 -19.56
CA SER E 221 2.06 -4.71 -19.14
C SER E 221 2.94 -3.52 -18.74
N SER E 222 3.79 -3.69 -17.73
CA SER E 222 4.65 -2.58 -17.31
C SER E 222 5.76 -2.23 -18.31
N GLN E 223 6.22 -3.19 -19.08
CA GLN E 223 7.27 -2.98 -20.07
C GLN E 223 6.77 -2.29 -21.33
N LEU E 224 5.55 -2.60 -21.77
CA LEU E 224 5.00 -1.98 -23.00
C LEU E 224 4.14 -0.76 -22.67
N ASP E 225 4.09 -0.40 -21.38
CA ASP E 225 3.19 0.62 -20.84
C ASP E 225 3.28 1.96 -21.59
N ARG E 226 2.23 2.27 -22.35
CA ARG E 226 2.07 3.51 -23.12
C ARG E 226 3.04 3.60 -24.28
N GLY E 227 3.42 2.46 -24.82
CA GLY E 227 4.39 2.41 -25.89
C GLY E 227 3.99 1.51 -27.03
N VAL E 228 2.70 1.21 -27.13
CA VAL E 228 2.21 0.33 -28.19
C VAL E 228 1.52 1.21 -29.19
N LEU E 229 2.12 1.34 -30.37
CA LEU E 229 1.61 2.25 -31.39
C LEU E 229 1.41 1.49 -32.69
N ARG E 230 0.49 1.98 -33.50
CA ARG E 230 0.22 1.39 -34.81
C ARG E 230 -0.36 2.39 -35.80
N ARG E 231 -0.27 2.05 -37.08
CA ARG E 231 -0.60 2.99 -38.15
C ARG E 231 -2.10 3.26 -38.35
N VAL E 232 -2.46 4.56 -38.42
CA VAL E 232 -3.79 5.11 -38.79
C VAL E 232 -4.80 5.14 -37.62
N ALA E 233 -5.62 6.20 -37.62
CA ALA E 233 -6.76 6.44 -36.71
C ALA E 233 -6.32 7.17 -35.42
N ASN F 2 4.88 -42.89 7.62
CA ASN F 2 3.81 -43.17 6.61
C ASN F 2 2.42 -43.21 7.27
N ASP F 3 2.07 -42.16 7.99
CA ASP F 3 0.76 -42.04 8.62
C ASP F 3 -0.39 -41.90 7.60
N TYR F 4 -0.06 -41.41 6.40
CA TYR F 4 -1.03 -41.24 5.32
C TYR F 4 -1.63 -42.57 4.87
N SER F 5 -0.80 -43.61 4.86
CA SER F 5 -1.12 -44.89 4.23
C SER F 5 -2.30 -45.62 4.88
N ARG F 6 -2.62 -45.26 6.13
CA ARG F 6 -3.75 -45.82 6.84
C ARG F 6 -4.87 -44.82 7.12
N GLN F 7 -4.57 -43.54 6.98
CA GLN F 7 -5.55 -42.47 7.19
C GLN F 7 -6.61 -42.39 6.08
N ASN F 8 -7.85 -42.12 6.49
CA ASN F 8 -8.91 -41.70 5.58
C ASN F 8 -9.12 -40.21 5.81
N PHE F 9 -9.00 -39.44 4.74
CA PHE F 9 -8.96 -37.99 4.82
C PHE F 9 -10.29 -37.36 4.45
N LEU F 10 -10.73 -36.39 5.23
CA LEU F 10 -11.94 -35.64 4.90
C LEU F 10 -11.68 -34.66 3.78
N ASP F 11 -12.73 -34.29 3.07
CA ASP F 11 -12.69 -33.21 2.11
C ASP F 11 -12.69 -31.94 2.95
N LEU F 12 -11.58 -31.20 2.92
CA LEU F 12 -11.47 -29.97 3.68
C LEU F 12 -12.43 -28.88 3.19
N ASN F 13 -13.05 -29.08 2.03
CA ASN F 13 -14.09 -28.16 1.57
C ASN F 13 -15.33 -28.10 2.45
N LEU F 14 -15.54 -29.09 3.31
CA LEU F 14 -16.65 -29.07 4.28
C LEU F 14 -16.61 -27.83 5.18
N PHE F 15 -15.42 -27.25 5.32
CA PHE F 15 -15.16 -26.15 6.25
C PHE F 15 -14.96 -24.81 5.51
N ARG F 16 -15.44 -24.73 4.27
CA ARG F 16 -15.24 -23.53 3.48
C ARG F 16 -15.95 -22.35 4.09
N GLY F 17 -15.15 -21.43 4.62
CA GLY F 17 -15.68 -20.20 5.17
C GLY F 17 -16.37 -20.37 6.51
N LEU F 18 -16.22 -21.53 7.13
CA LEU F 18 -16.86 -21.83 8.40
C LEU F 18 -15.87 -22.15 9.51
N GLY F 19 -14.86 -22.96 9.21
CA GLY F 19 -13.95 -23.47 10.24
C GLY F 19 -14.35 -24.89 10.58
N GLU F 20 -13.65 -25.47 11.55
CA GLU F 20 -13.75 -26.90 11.86
C GLU F 20 -14.80 -27.23 12.93
N ASP F 21 -15.01 -26.31 13.89
CA ASP F 21 -15.88 -26.55 15.05
C ASP F 21 -16.92 -25.42 15.19
N PRO F 22 -18.21 -25.74 15.24
CA PRO F 22 -19.26 -24.73 15.43
C PRO F 22 -19.25 -24.02 16.80
N ALA F 23 -18.66 -24.64 17.81
CA ALA F 23 -18.58 -24.03 19.15
C ALA F 23 -17.36 -23.11 19.29
N TYR F 24 -17.54 -22.05 20.09
CA TYR F 24 -16.52 -21.03 20.28
C TYR F 24 -15.41 -21.51 21.20
N HIS F 25 -14.16 -21.15 20.89
CA HIS F 25 -13.05 -21.30 21.84
C HIS F 25 -12.21 -20.01 21.87
N PRO F 26 -12.03 -19.42 23.05
CA PRO F 26 -11.15 -18.25 23.19
C PRO F 26 -9.82 -18.51 22.49
N PRO F 27 -9.28 -17.53 21.77
CA PRO F 27 -7.98 -17.71 21.11
C PRO F 27 -6.90 -18.13 22.10
N VAL F 28 -5.87 -18.82 21.62
CA VAL F 28 -4.83 -19.34 22.49
C VAL F 28 -3.45 -18.88 21.98
N LEU F 29 -2.66 -18.29 22.87
CA LEU F 29 -1.36 -17.75 22.50
C LEU F 29 -0.33 -18.87 22.36
N THR F 30 0.47 -18.84 21.30
CA THR F 30 1.45 -19.90 21.02
C THR F 30 2.89 -19.45 21.23
N ASP F 31 3.28 -18.33 20.62
CA ASP F 31 4.69 -17.87 20.70
C ASP F 31 4.97 -16.76 21.73
N ARG F 32 4.14 -16.66 22.78
CA ARG F 32 4.34 -15.62 23.80
C ARG F 32 3.55 -15.86 25.09
N PRO F 33 4.00 -15.25 26.19
CA PRO F 33 3.20 -15.24 27.42
C PRO F 33 2.00 -14.31 27.24
N ARG F 34 0.95 -14.52 28.00
CA ARG F 34 -0.19 -13.63 27.97
C ARG F 34 0.14 -12.35 28.73
N ASP F 35 0.93 -12.48 29.80
CA ASP F 35 1.31 -11.34 30.61
C ASP F 35 2.71 -10.92 30.23
N TRP F 36 2.83 -9.73 29.66
CA TRP F 36 4.10 -9.24 29.17
C TRP F 36 4.75 -8.29 30.20
N PRO F 37 6.05 -8.48 30.45
CA PRO F 37 6.74 -7.66 31.44
C PRO F 37 6.80 -6.21 31.00
N LEU F 38 6.36 -5.29 31.84
CA LEU F 38 6.27 -3.88 31.49
C LEU F 38 7.65 -3.20 31.46
N ASP F 39 8.67 -3.81 32.05
CA ASP F 39 10.02 -3.27 31.92
C ASP F 39 10.63 -3.57 30.55
N ARG F 40 10.07 -4.56 29.85
CA ARG F 40 10.47 -4.88 28.49
C ARG F 40 9.33 -4.54 27.51
N TRP F 41 8.47 -3.59 27.88
CA TRP F 41 7.28 -3.26 27.09
C TRP F 41 7.56 -2.99 25.61
N ALA F 42 8.61 -2.25 25.31
CA ALA F 42 8.96 -1.90 23.93
C ALA F 42 9.30 -3.09 23.03
N GLU F 43 9.73 -4.22 23.62
CA GLU F 43 10.09 -5.41 22.84
C GLU F 43 8.89 -6.28 22.40
N ALA F 44 7.69 -5.98 22.91
CA ALA F 44 6.57 -6.90 22.77
C ALA F 44 6.04 -6.95 21.35
N PRO F 45 5.77 -8.14 20.84
CA PRO F 45 5.36 -8.31 19.45
C PRO F 45 4.05 -7.58 19.17
N ARG F 46 3.94 -7.02 17.95
CA ARG F 46 2.85 -6.10 17.64
C ARG F 46 1.70 -6.74 16.90
N ASP F 47 1.92 -7.93 16.35
CA ASP F 47 0.86 -8.64 15.60
C ASP F 47 -0.18 -9.30 16.53
N LEU F 48 -1.26 -9.80 15.95
CA LEU F 48 -2.42 -10.25 16.71
C LEU F 48 -2.11 -11.40 17.67
N GLY F 49 -1.34 -12.38 17.21
CA GLY F 49 -0.90 -13.50 18.04
C GLY F 49 -1.58 -14.82 17.74
N TYR F 50 -2.76 -14.74 17.14
CA TYR F 50 -3.52 -15.92 16.71
C TYR F 50 -4.07 -15.67 15.31
N SER F 51 -4.75 -16.65 14.72
CA SER F 51 -5.29 -16.48 13.37
C SER F 51 -6.48 -15.52 13.38
N ASP F 52 -6.51 -14.61 12.42
CA ASP F 52 -7.57 -13.58 12.35
C ASP F 52 -8.73 -13.98 11.44
N PHE F 53 -8.91 -15.29 11.18
CA PHE F 53 -9.90 -15.74 10.20
C PHE F 53 -11.31 -15.38 10.68
N SER F 54 -11.79 -16.04 11.73
CA SER F 54 -13.10 -15.72 12.28
C SER F 54 -13.04 -15.87 13.78
N PRO F 55 -12.45 -14.89 14.44
CA PRO F 55 -12.26 -14.92 15.88
C PRO F 55 -13.34 -14.20 16.67
N TYR F 56 -14.54 -14.07 16.11
CA TYR F 56 -15.56 -13.25 16.77
C TYR F 56 -16.66 -14.09 17.42
N GLN F 57 -17.26 -13.53 18.47
CA GLN F 57 -18.26 -14.24 19.27
C GLN F 57 -19.30 -13.32 19.88
N TRP F 58 -20.40 -13.93 20.32
CA TRP F 58 -21.45 -13.25 21.08
C TRP F 58 -21.94 -14.20 22.17
N ARG F 59 -21.50 -13.94 23.40
CA ARG F 59 -21.95 -14.65 24.60
C ARG F 59 -21.56 -16.14 24.62
N GLY F 60 -20.36 -16.45 24.15
CA GLY F 60 -19.93 -17.83 24.08
C GLY F 60 -20.40 -18.55 22.82
N LEU F 61 -21.00 -17.81 21.90
CA LEU F 61 -21.35 -18.34 20.56
C LEU F 61 -20.48 -17.67 19.50
N ARG F 62 -20.11 -18.42 18.48
CA ARG F 62 -19.36 -17.86 17.37
C ARG F 62 -20.22 -16.88 16.56
N MET F 63 -19.56 -15.84 16.05
CA MET F 63 -20.15 -14.85 15.15
C MET F 63 -19.42 -14.91 13.82
N LEU F 64 -20.14 -15.19 12.73
CA LEU F 64 -19.54 -15.13 11.39
C LEU F 64 -19.68 -13.75 10.76
N LYS F 65 -20.42 -12.86 11.41
CA LYS F 65 -20.54 -11.48 10.98
C LYS F 65 -19.56 -10.66 11.80
N ASP F 66 -18.64 -9.95 11.12
CA ASP F 66 -17.57 -9.23 11.82
C ASP F 66 -18.08 -7.88 12.37
N PRO F 67 -17.29 -7.22 13.22
CA PRO F 67 -17.75 -6.02 13.91
C PRO F 67 -18.32 -4.94 12.99
N ASP F 68 -17.80 -4.83 11.77
CA ASP F 68 -18.28 -3.80 10.85
C ASP F 68 -19.68 -4.10 10.34
N THR F 69 -19.93 -5.38 10.08
CA THR F 69 -21.25 -5.88 9.76
C THR F 69 -22.24 -5.73 10.94
N GLN F 70 -21.76 -5.94 12.16
CA GLN F 70 -22.57 -5.75 13.35
C GLN F 70 -22.95 -4.29 13.53
N ALA F 71 -22.08 -3.38 13.12
CA ALA F 71 -22.39 -1.96 13.23
C ALA F 71 -23.46 -1.57 12.21
N VAL F 72 -23.41 -2.15 11.02
CA VAL F 72 -24.38 -1.82 9.99
C VAL F 72 -25.78 -2.36 10.38
N TYR F 73 -25.86 -3.63 10.75
CA TYR F 73 -27.14 -4.22 11.11
C TYR F 73 -27.73 -3.52 12.32
N HIS F 74 -26.86 -3.04 13.20
CA HIS F 74 -27.33 -2.24 14.33
C HIS F 74 -28.07 -0.99 13.84
N ASP F 75 -27.45 -0.20 12.97
CA ASP F 75 -28.09 1.02 12.47
C ASP F 75 -29.40 0.71 11.76
N MET F 76 -29.39 -0.37 10.98
CA MET F 76 -30.52 -0.78 10.17
C MET F 76 -31.70 -1.19 11.06
N LEU F 77 -31.40 -1.91 12.14
CA LEU F 77 -32.41 -2.32 13.11
C LEU F 77 -32.98 -1.10 13.83
N TRP F 78 -32.11 -0.21 14.30
CA TRP F 78 -32.53 1.01 14.98
C TRP F 78 -33.44 1.90 14.09
N GLU F 79 -33.17 1.90 12.78
CA GLU F 79 -33.93 2.74 11.84
C GLU F 79 -35.29 2.13 11.51
N LEU F 80 -35.28 0.90 11.02
CA LEU F 80 -36.46 0.21 10.49
C LEU F 80 -37.37 -0.28 11.61
N ARG F 81 -36.75 -0.71 12.69
CA ARG F 81 -37.44 -1.35 13.79
C ARG F 81 -38.29 -2.48 13.21
N PRO F 82 -37.64 -3.49 12.66
CA PRO F 82 -38.35 -4.58 11.97
C PRO F 82 -39.00 -5.55 12.94
N ARG F 83 -40.21 -5.99 12.62
CA ARG F 83 -40.90 -7.00 13.40
C ARG F 83 -40.42 -8.41 13.06
N THR F 84 -39.68 -8.57 11.95
CA THR F 84 -39.24 -9.90 11.50
C THR F 84 -37.86 -9.86 10.85
N ILE F 85 -36.97 -10.77 11.24
CA ILE F 85 -35.70 -10.97 10.56
C ILE F 85 -35.52 -12.46 10.24
N VAL F 86 -35.48 -12.79 8.95
CA VAL F 86 -35.28 -14.16 8.48
C VAL F 86 -33.81 -14.36 8.09
N GLU F 87 -33.35 -15.60 8.19
CA GLU F 87 -31.96 -15.94 7.96
C GLU F 87 -31.85 -17.31 7.28
N LEU F 88 -31.54 -17.31 5.99
CA LEU F 88 -31.17 -18.53 5.27
C LEU F 88 -29.72 -18.85 5.51
N GLY F 89 -29.46 -19.96 6.18
CA GLY F 89 -28.11 -20.34 6.54
C GLY F 89 -27.96 -20.05 8.00
N VAL F 90 -27.86 -21.11 8.80
CA VAL F 90 -27.82 -20.93 10.24
C VAL F 90 -26.42 -21.21 10.79
N TYR F 91 -25.86 -22.35 10.39
CA TYR F 91 -24.62 -22.83 10.99
C TYR F 91 -24.79 -22.93 12.51
N ASN F 92 -24.06 -22.14 13.28
CA ASN F 92 -24.03 -22.29 14.74
C ASN F 92 -25.11 -21.46 15.44
N GLY F 93 -25.66 -20.48 14.73
CA GLY F 93 -26.83 -19.77 15.21
C GLY F 93 -26.54 -18.54 16.04
N GLY F 94 -25.25 -18.20 16.18
CA GLY F 94 -24.85 -17.01 16.92
C GLY F 94 -25.39 -15.72 16.33
N SER F 95 -25.63 -15.72 15.01
CA SER F 95 -26.26 -14.57 14.35
C SER F 95 -27.72 -14.43 14.79
N LEU F 96 -28.44 -15.55 14.78
CA LEU F 96 -29.83 -15.62 15.26
C LEU F 96 -29.96 -15.02 16.66
N ALA F 97 -29.10 -15.47 17.56
CA ALA F 97 -29.14 -15.04 18.95
C ALA F 97 -28.83 -13.55 19.03
N TRP F 98 -27.84 -13.11 18.26
CA TRP F 98 -27.39 -11.72 18.26
C TRP F 98 -28.53 -10.78 17.87
N PHE F 99 -29.12 -11.03 16.71
CA PHE F 99 -30.28 -10.26 16.27
C PHE F 99 -31.35 -10.19 17.36
N ARG F 100 -31.65 -11.33 17.99
CA ARG F 100 -32.66 -11.38 19.04
C ARG F 100 -32.27 -10.49 20.23
N ASP F 101 -31.04 -10.64 20.72
CA ASP F 101 -30.62 -9.88 21.90
C ASP F 101 -30.73 -8.40 21.61
N LEU F 102 -30.07 -7.96 20.54
CA LEU F 102 -30.09 -6.57 20.10
C LEU F 102 -31.48 -5.91 20.00
N THR F 103 -32.40 -6.56 19.29
CA THR F 103 -33.80 -6.10 19.18
C THR F 103 -34.50 -5.97 20.53
N LYS F 104 -34.28 -6.97 21.39
CA LYS F 104 -34.78 -6.96 22.76
C LYS F 104 -34.44 -5.66 23.48
N ILE F 105 -33.19 -5.21 23.36
CA ILE F 105 -32.73 -4.02 24.09
C ILE F 105 -33.19 -2.72 23.45
N MET F 106 -33.39 -2.73 22.13
CA MET F 106 -33.96 -1.60 21.43
C MET F 106 -35.48 -1.49 21.65
N GLY F 107 -36.08 -2.47 22.32
CA GLY F 107 -37.51 -2.44 22.59
C GLY F 107 -38.36 -2.79 21.39
N ILE F 108 -37.74 -3.32 20.33
CA ILE F 108 -38.48 -3.84 19.18
C ILE F 108 -38.99 -5.25 19.50
N ASP F 109 -40.27 -5.50 19.26
CA ASP F 109 -40.83 -6.85 19.39
C ASP F 109 -40.52 -7.56 18.09
N CYS F 110 -39.43 -8.34 18.07
CA CYS F 110 -38.98 -9.00 16.84
C CYS F 110 -38.99 -10.54 16.92
N GLN F 111 -39.34 -11.18 15.80
CA GLN F 111 -39.24 -12.62 15.63
C GLN F 111 -38.06 -12.89 14.72
N VAL F 112 -37.15 -13.76 15.16
CA VAL F 112 -36.00 -14.18 14.36
C VAL F 112 -36.21 -15.63 13.93
N ILE F 113 -35.90 -15.93 12.67
CA ILE F 113 -36.21 -17.22 12.05
C ILE F 113 -34.99 -17.82 11.35
N GLY F 114 -34.59 -19.03 11.75
CA GLY F 114 -33.50 -19.74 11.12
C GLY F 114 -33.97 -20.87 10.22
N ILE F 115 -33.76 -20.72 8.92
CA ILE F 115 -34.06 -21.76 7.93
C ILE F 115 -32.74 -22.32 7.45
N ASP F 116 -32.56 -23.63 7.57
CA ASP F 116 -31.42 -24.31 6.96
C ASP F 116 -31.73 -25.78 6.69
N ARG F 117 -31.01 -26.37 5.73
CA ARG F 117 -31.15 -27.80 5.45
C ARG F 117 -30.45 -28.68 6.49
N ASP F 118 -29.54 -28.10 7.27
CA ASP F 118 -28.78 -28.85 8.28
C ASP F 118 -28.72 -28.05 9.59
N LEU F 119 -29.66 -28.29 10.49
CA LEU F 119 -29.71 -27.57 11.76
C LEU F 119 -28.96 -28.28 12.89
N SER F 120 -28.17 -29.30 12.54
CA SER F 120 -27.48 -30.13 13.53
C SER F 120 -26.40 -29.36 14.28
N ARG F 121 -25.86 -28.32 13.67
CA ARG F 121 -24.70 -27.61 14.24
C ARG F 121 -25.09 -26.43 15.13
N CYS F 122 -26.39 -26.20 15.32
CA CYS F 122 -26.81 -25.07 16.12
C CYS F 122 -26.34 -25.27 17.56
N GLN F 123 -25.85 -24.18 18.17
CA GLN F 123 -25.22 -24.21 19.48
C GLN F 123 -26.02 -23.50 20.55
N ILE F 124 -27.12 -22.87 20.16
CA ILE F 124 -27.98 -22.20 21.13
C ILE F 124 -28.64 -23.27 22.01
N PRO F 125 -28.56 -23.11 23.33
CA PRO F 125 -29.33 -23.96 24.26
C PRO F 125 -30.84 -23.82 24.08
N ALA F 126 -31.58 -24.87 24.39
CA ALA F 126 -33.04 -24.82 24.36
C ALA F 126 -33.59 -23.76 25.34
N SER F 127 -32.85 -23.57 26.45
CA SER F 127 -33.24 -22.61 27.50
C SER F 127 -32.79 -21.18 27.18
N ASP F 128 -32.74 -20.83 25.90
CA ASP F 128 -32.30 -19.50 25.48
C ASP F 128 -32.81 -19.20 24.06
N MET F 129 -34.04 -19.65 23.79
CA MET F 129 -34.60 -19.63 22.45
C MET F 129 -35.85 -18.75 22.32
N GLU F 130 -36.05 -17.81 23.24
CA GLU F 130 -37.22 -16.93 23.21
C GLU F 130 -37.18 -16.10 21.92
N ASN F 131 -38.25 -16.18 21.12
CA ASN F 131 -38.37 -15.41 19.87
C ASN F 131 -37.40 -15.86 18.78
N ILE F 132 -37.08 -17.16 18.76
CA ILE F 132 -36.24 -17.75 17.71
C ILE F 132 -36.87 -19.04 17.25
N THR F 133 -36.96 -19.24 15.94
CA THR F 133 -37.63 -20.41 15.40
C THR F 133 -36.82 -21.01 14.28
N LEU F 134 -36.44 -22.27 14.46
CA LEU F 134 -35.74 -23.03 13.43
C LEU F 134 -36.75 -23.71 12.49
N HIS F 135 -36.27 -24.05 11.30
CA HIS F 135 -37.13 -24.50 10.20
C HIS F 135 -36.26 -25.34 9.28
N GLN F 136 -36.48 -26.64 9.29
CA GLN F 136 -35.80 -27.54 8.36
C GLN F 136 -36.33 -27.29 6.94
N GLY F 137 -35.43 -27.16 5.98
CA GLY F 137 -35.82 -26.91 4.60
C GLY F 137 -34.69 -26.87 3.59
N ASP F 138 -35.04 -27.10 2.32
CA ASP F 138 -34.08 -26.99 1.21
C ASP F 138 -34.34 -25.70 0.45
N CYS F 139 -33.25 -25.00 0.08
CA CYS F 139 -33.33 -23.79 -0.76
C CYS F 139 -33.95 -24.08 -2.13
N SER F 140 -33.39 -25.06 -2.83
CA SER F 140 -33.93 -25.48 -4.12
C SER F 140 -35.47 -25.58 -4.08
N ASP F 141 -36.03 -26.08 -2.98
CA ASP F 141 -37.48 -26.14 -2.85
C ASP F 141 -38.06 -24.79 -2.42
N LEU F 142 -38.74 -24.12 -3.35
CA LEU F 142 -39.34 -22.80 -3.08
C LEU F 142 -40.51 -22.85 -2.10
N THR F 143 -41.03 -24.05 -1.84
CA THR F 143 -42.18 -24.24 -0.94
C THR F 143 -41.78 -24.32 0.53
N THR F 144 -40.48 -24.40 0.77
CA THR F 144 -39.88 -24.19 2.10
C THR F 144 -40.34 -22.85 2.68
N PHE F 145 -40.52 -21.86 1.81
CA PHE F 145 -40.64 -20.46 2.23
C PHE F 145 -42.08 -19.96 2.35
N GLU F 146 -43.04 -20.70 1.81
CA GLU F 146 -44.45 -20.33 1.94
C GLU F 146 -44.84 -20.15 3.41
N HIS F 147 -44.47 -21.11 4.26
CA HIS F 147 -45.00 -21.16 5.63
C HIS F 147 -44.49 -20.04 6.55
N LEU F 148 -43.75 -19.08 6.00
CA LEU F 148 -43.33 -17.90 6.75
C LEU F 148 -43.98 -16.63 6.18
N ARG F 149 -45.20 -16.81 5.66
CA ARG F 149 -46.03 -15.70 5.18
C ARG F 149 -46.96 -15.20 6.30
N GLU F 150 -46.71 -15.66 7.52
CA GLU F 150 -47.49 -15.24 8.70
C GLU F 150 -46.86 -14.02 9.37
N MET F 151 -45.54 -13.89 9.25
CA MET F 151 -44.77 -12.96 10.07
C MET F 151 -45.00 -11.49 9.70
N ALA F 152 -44.87 -10.62 10.69
CA ALA F 152 -45.18 -9.19 10.56
C ALA F 152 -44.08 -8.38 9.86
N HIS F 153 -44.39 -7.11 9.58
CA HIS F 153 -43.53 -6.18 8.87
C HIS F 153 -43.23 -4.95 9.73
N PRO F 154 -42.19 -4.17 9.41
CA PRO F 154 -41.24 -4.45 8.33
C PRO F 154 -40.33 -5.68 8.58
N LEU F 155 -39.71 -6.14 7.50
CA LEU F 155 -39.03 -7.44 7.51
C LEU F 155 -37.66 -7.36 6.84
N ILE F 156 -36.70 -8.11 7.38
CA ILE F 156 -35.35 -8.21 6.82
C ILE F 156 -35.08 -9.68 6.46
N PHE F 157 -34.84 -9.95 5.18
CA PHE F 157 -34.53 -11.29 4.72
C PHE F 157 -33.04 -11.32 4.40
N ILE F 158 -32.31 -12.26 5.00
CA ILE F 158 -30.86 -12.33 4.80
C ILE F 158 -30.45 -13.67 4.21
N ASP F 159 -29.78 -13.63 3.07
CA ASP F 159 -29.25 -14.82 2.39
C ASP F 159 -27.78 -15.09 2.79
N ASP F 160 -27.58 -16.09 3.65
CA ASP F 160 -26.25 -16.60 3.99
C ASP F 160 -26.04 -18.01 3.42
N ALA F 161 -26.83 -18.41 2.43
CA ALA F 161 -26.79 -19.79 1.90
C ALA F 161 -26.33 -19.84 0.44
N HIS F 162 -26.72 -18.84 -0.35
CA HIS F 162 -26.16 -18.56 -1.69
C HIS F 162 -26.46 -19.59 -2.78
N ALA F 163 -27.51 -20.38 -2.60
CA ALA F 163 -27.96 -21.36 -3.59
C ALA F 163 -29.38 -21.02 -4.04
N ASN F 164 -29.66 -21.12 -5.33
CA ASN F 164 -30.97 -20.79 -5.87
C ASN F 164 -31.46 -19.43 -5.36
N THR F 165 -30.52 -18.49 -5.32
CA THR F 165 -30.71 -17.21 -4.64
C THR F 165 -31.57 -16.27 -5.45
N PHE F 166 -31.37 -16.21 -6.76
CA PHE F 166 -32.18 -15.33 -7.59
C PHE F 166 -33.66 -15.77 -7.70
N ASN F 167 -33.91 -17.09 -7.63
CA ASN F 167 -35.29 -17.60 -7.59
C ASN F 167 -35.96 -17.33 -6.25
N ILE F 168 -35.15 -17.32 -5.19
CA ILE F 168 -35.62 -17.00 -3.84
C ILE F 168 -35.94 -15.49 -3.75
N MET F 169 -35.19 -14.68 -4.50
CA MET F 169 -35.37 -13.24 -4.54
C MET F 169 -36.67 -12.87 -5.27
N LYS F 170 -37.00 -13.62 -6.32
CA LYS F 170 -38.21 -13.38 -7.09
C LYS F 170 -39.39 -13.89 -6.30
N TRP F 171 -39.20 -14.99 -5.57
CA TRP F 171 -40.26 -15.52 -4.72
C TRP F 171 -40.63 -14.50 -3.65
N ALA F 172 -39.63 -13.87 -3.04
CA ALA F 172 -39.83 -12.93 -1.96
C ALA F 172 -40.52 -11.68 -2.49
N VAL F 173 -39.96 -11.09 -3.54
CA VAL F 173 -40.53 -9.90 -4.16
C VAL F 173 -42.04 -10.06 -4.37
N ASP F 174 -42.46 -11.21 -4.89
CA ASP F 174 -43.85 -11.43 -5.27
C ASP F 174 -44.73 -11.64 -4.05
N HIS F 175 -44.25 -12.44 -3.10
CA HIS F 175 -45.11 -13.05 -2.08
C HIS F 175 -44.83 -12.63 -0.63
N LEU F 176 -43.85 -11.75 -0.41
CA LEU F 176 -43.36 -11.49 0.94
C LEU F 176 -43.14 -10.02 1.27
N LEU F 177 -42.38 -9.30 0.45
CA LEU F 177 -41.85 -8.01 0.86
C LEU F 177 -42.81 -6.86 0.55
N GLU F 178 -43.22 -6.12 1.58
CA GLU F 178 -43.98 -4.87 1.40
C GLU F 178 -42.98 -3.73 1.34
N GLU F 179 -43.46 -2.49 1.21
CA GLU F 179 -42.56 -1.37 1.01
C GLU F 179 -41.68 -1.18 2.23
N GLY F 180 -40.39 -0.95 1.99
CA GLY F 180 -39.41 -0.71 3.03
C GLY F 180 -38.60 -1.93 3.44
N ASP F 181 -39.10 -3.13 3.16
CA ASP F 181 -38.43 -4.37 3.58
C ASP F 181 -37.11 -4.60 2.84
N TYR F 182 -36.20 -5.31 3.49
CA TYR F 182 -34.87 -5.56 2.96
C TYR F 182 -34.71 -6.97 2.43
N PHE F 183 -34.04 -7.11 1.28
CA PHE F 183 -33.46 -8.38 0.88
C PHE F 183 -31.96 -8.20 0.76
N ILE F 184 -31.20 -8.82 1.67
CA ILE F 184 -29.76 -8.66 1.74
C ILE F 184 -29.06 -9.96 1.41
N ILE F 185 -28.15 -9.91 0.42
CA ILE F 185 -27.26 -11.02 0.08
C ILE F 185 -25.85 -10.72 0.61
N GLU F 186 -25.34 -11.59 1.47
CA GLU F 186 -24.05 -11.40 2.09
C GLU F 186 -22.98 -12.13 1.30
N ASP F 187 -21.79 -11.53 1.25
CA ASP F 187 -20.56 -12.11 0.66
C ASP F 187 -20.47 -12.26 -0.86
N MET F 188 -21.53 -12.71 -1.51
CA MET F 188 -21.39 -13.30 -2.85
C MET F 188 -21.49 -12.35 -4.03
N ILE F 189 -22.13 -11.19 -3.87
CA ILE F 189 -22.33 -10.33 -5.04
C ILE F 189 -21.03 -9.95 -5.72
N PRO F 190 -19.99 -9.56 -4.99
CA PRO F 190 -18.66 -9.29 -5.60
C PRO F 190 -18.04 -10.47 -6.35
N TYR F 191 -18.26 -11.68 -5.90
CA TYR F 191 -17.73 -12.83 -6.62
C TYR F 191 -18.54 -13.18 -7.88
N TRP F 192 -19.86 -13.18 -7.79
CA TRP F 192 -20.69 -13.45 -8.95
C TRP F 192 -20.37 -12.45 -10.06
N TYR F 193 -20.25 -11.18 -9.70
CA TYR F 193 -19.94 -10.11 -10.65
C TYR F 193 -18.52 -10.21 -11.21
N ARG F 194 -17.58 -10.76 -10.45
CA ARG F 194 -16.23 -10.98 -10.97
C ARG F 194 -16.19 -12.13 -11.96
N TYR F 195 -16.97 -13.18 -11.67
CA TYR F 195 -16.93 -14.41 -12.43
C TYR F 195 -17.92 -14.39 -13.59
N ALA F 196 -18.95 -13.55 -13.49
CA ALA F 196 -20.05 -13.54 -14.45
C ALA F 196 -20.70 -12.16 -14.55
N PRO F 197 -19.94 -11.18 -15.04
CA PRO F 197 -20.46 -9.81 -15.22
C PRO F 197 -21.76 -9.70 -16.05
N GLN F 198 -21.81 -10.38 -17.20
CA GLN F 198 -22.96 -10.26 -18.10
C GLN F 198 -24.22 -10.78 -17.43
N LEU F 199 -24.19 -12.04 -17.01
CA LEU F 199 -25.37 -12.70 -16.45
C LEU F 199 -25.78 -12.07 -15.13
N PHE F 200 -24.79 -11.65 -14.33
CA PHE F 200 -25.11 -11.05 -13.05
C PHE F 200 -25.82 -9.71 -13.21
N SER F 201 -25.37 -8.87 -14.14
CA SER F 201 -25.95 -7.56 -14.34
C SER F 201 -27.39 -7.64 -14.87
N GLU F 202 -27.64 -8.65 -15.71
CA GLU F 202 -28.95 -8.87 -16.30
C GLU F 202 -29.96 -9.30 -15.24
N TYR F 203 -29.54 -10.22 -14.37
CA TYR F 203 -30.41 -10.73 -13.32
C TYR F 203 -30.69 -9.63 -12.30
N LEU F 204 -29.65 -8.92 -11.84
CA LEU F 204 -29.83 -7.86 -10.84
C LEU F 204 -30.75 -6.78 -11.40
N GLY F 205 -30.48 -6.38 -12.65
CA GLY F 205 -31.24 -5.36 -13.35
C GLY F 205 -32.67 -5.76 -13.67
N ALA F 206 -32.93 -7.07 -13.64
CA ALA F 206 -34.29 -7.59 -13.80
C ALA F 206 -35.22 -7.10 -12.70
N PHE F 207 -34.65 -6.85 -11.52
CA PHE F 207 -35.38 -6.31 -10.38
C PHE F 207 -35.27 -4.78 -10.26
N ARG F 208 -35.07 -4.07 -11.37
CA ARG F 208 -34.99 -2.60 -11.34
C ARG F 208 -36.34 -1.94 -10.99
N ASP F 209 -37.44 -2.61 -11.26
CA ASP F 209 -38.77 -2.06 -10.98
C ASP F 209 -39.24 -2.33 -9.55
N VAL F 210 -38.50 -3.13 -8.77
CA VAL F 210 -38.97 -3.54 -7.45
C VAL F 210 -37.96 -3.29 -6.31
N LEU F 211 -36.71 -3.70 -6.51
CA LEU F 211 -35.66 -3.51 -5.50
C LEU F 211 -34.72 -2.38 -5.86
N SER F 212 -34.00 -1.89 -4.87
CA SER F 212 -32.94 -0.89 -5.07
C SER F 212 -31.83 -1.11 -4.03
N MET F 213 -30.63 -0.62 -4.34
CA MET F 213 -29.49 -0.79 -3.46
C MET F 213 -29.43 0.38 -2.52
N ASP F 214 -29.54 0.10 -1.22
CA ASP F 214 -29.59 1.13 -0.20
C ASP F 214 -28.17 1.62 0.05
N MET F 215 -27.85 2.80 -0.48
CA MET F 215 -26.48 3.32 -0.50
C MET F 215 -25.95 3.76 0.86
N LEU F 216 -26.84 4.00 1.80
CA LEU F 216 -26.46 4.34 3.16
C LEU F 216 -25.77 3.17 3.89
N TYR F 217 -26.15 1.94 3.56
CA TYR F 217 -25.60 0.76 4.21
C TYR F 217 -24.74 -0.12 3.30
N ALA F 218 -24.82 0.06 1.97
CA ALA F 218 -24.28 -0.93 1.04
C ALA F 218 -22.78 -0.81 0.77
N ASN F 219 -22.12 0.18 1.36
CA ASN F 219 -20.67 0.33 1.24
C ASN F 219 -20.00 0.46 2.61
N ALA F 220 -20.63 -0.10 3.64
CA ALA F 220 -20.24 0.16 5.02
C ALA F 220 -19.64 -1.07 5.70
N SER F 221 -19.59 -2.18 4.98
CA SER F 221 -18.85 -3.35 5.46
C SER F 221 -18.50 -4.26 4.29
N SER F 222 -17.40 -4.98 4.40
CA SER F 222 -16.94 -5.81 3.30
C SER F 222 -17.85 -7.02 3.09
N GLN F 223 -18.50 -7.51 4.13
CA GLN F 223 -19.39 -8.67 3.98
C GLN F 223 -20.69 -8.31 3.24
N LEU F 224 -21.16 -7.07 3.43
CA LEU F 224 -22.41 -6.61 2.84
C LEU F 224 -22.17 -5.81 1.54
N ASP F 225 -20.91 -5.62 1.19
CA ASP F 225 -20.52 -4.82 0.04
C ASP F 225 -21.44 -5.04 -1.16
N ARG F 226 -22.11 -3.97 -1.58
CA ARG F 226 -22.94 -3.94 -2.79
C ARG F 226 -24.09 -4.95 -2.83
N GLY F 227 -24.50 -5.43 -1.66
CA GLY F 227 -25.45 -6.52 -1.55
C GLY F 227 -26.64 -6.25 -0.67
N VAL F 228 -26.85 -5.00 -0.26
CA VAL F 228 -27.98 -4.65 0.60
C VAL F 228 -29.07 -4.00 -0.25
N LEU F 229 -30.18 -4.72 -0.40
CA LEU F 229 -31.31 -4.29 -1.23
C LEU F 229 -32.59 -4.17 -0.41
N ARG F 230 -33.57 -3.47 -0.96
CA ARG F 230 -34.87 -3.32 -0.33
C ARG F 230 -35.94 -2.87 -1.32
N ARG F 231 -37.21 -3.12 -0.99
CA ARG F 231 -38.32 -2.78 -1.87
C ARG F 231 -38.67 -1.29 -1.77
N VAL F 232 -38.09 -0.49 -2.66
CA VAL F 232 -38.28 0.96 -2.70
C VAL F 232 -38.04 1.48 -4.13
N ALA F 233 -38.73 2.56 -4.49
CA ALA F 233 -38.57 3.17 -5.81
C ALA F 233 -37.20 3.85 -5.98
N ALA F 234 -36.61 3.70 -7.16
CA ALA F 234 -35.31 4.30 -7.48
C ALA F 234 -35.48 5.72 -8.04
#